data_3W7X
#
_entry.id   3W7X
#
_cell.length_a   62.140
_cell.length_b   138.160
_cell.length_c   86.200
_cell.angle_alpha   90.00
_cell.angle_beta   98.37
_cell.angle_gamma   90.00
#
_symmetry.space_group_name_H-M   'P 1 21 1'
#
loop_
_entity.id
_entity.type
_entity.pdbx_description
1 polymer 'Uncharacterized protein YgjK'
2 branched alpha-D-galactopyranose-(1-6)-alpha-D-glucopyranose
3 non-polymer 'CALCIUM ION'
4 water water
#
_entity_poly.entity_id   1
_entity_poly.type   'polypeptide(L)'
_entity_poly.pdbx_seq_one_letter_code
;NADNYKNVINRTGAPQYMKDYDYDDHQRFNPFFDLGAWHGHLLPDGPNTMGGFPGVALLTEEYINFMASNFDRLTVWQDG
KKVDFTLEAYSIPGALVQKLTAKDVQVEMTLRFATPRTSLLETKITSNKPLDLVWDGELLEKLEAKEGKPLSDKTIAGEY
PDYQRKISATRDGLKVTFGKVRATWDLLTSGESEYQVHKSLPVQTEINGNRFTSKAHINGSTTLYTTYSHLLTAQEVSKE
QMQIRDILARPAFYLTASQQRWEEYLKKGLTNPDATPEQTRVAVKAIETLNGNWRSPGGAVKFNTVTPSVTGRWFSGNQT
WPWNTWKQAFAMAHFNPDIAKENIRAVFSWQIQPGDSVRPQDVGFVPDLIAWNLSPERGGDGGNWNERNTKPSLAAWSVM
EVYNVTQDKTWVAEMYPKLVAYHDWWLRNRDHNGNGVPEYGATRDKAHNTESGEMLFTVKKGDKEETQSGLNNYARVVEK
GQYDSLEIPAQVAASWESGRDDAAVFGFIDKEQLDKYVANGGKRSDWTVKFAENRSQDGTLLGYSLLQESVDQASYMYSD
NHYLAEMATILGKPEEAKRYRQLAQQLADYINTCMFDPTTQFYYDVRIEDKPLANGCAGKPIVERGKGPEGWSPLFNGAA
TQANADAVVKVMLDPKEFNTFVPLGTAALTNPAFGADIYWRGRVWVDQFWFGLKGMERYGYRDDALKLADTFFRHAKGLT
ADGPIQENYNPLTGAQQGAPNFSWSAAHLYMLYNDFFRKQ
;
_entity_poly.pdbx_strand_id   A,B
#
# COMPACT_ATOMS: atom_id res chain seq x y z
N ASN A 1 37.90 -32.65 -19.38
CA ASN A 1 38.93 -31.58 -19.19
C ASN A 1 38.35 -30.20 -19.47
N ALA A 2 38.78 -29.21 -18.68
CA ALA A 2 38.22 -27.86 -18.72
C ALA A 2 38.18 -27.25 -20.13
N ASP A 3 39.30 -27.34 -20.83
CA ASP A 3 39.45 -26.73 -22.16
C ASP A 3 38.37 -27.11 -23.16
N ASN A 4 37.75 -28.28 -22.99
CA ASN A 4 36.67 -28.71 -23.88
C ASN A 4 35.41 -27.85 -23.76
N TYR A 5 35.35 -26.99 -22.75
CA TYR A 5 34.12 -26.28 -22.39
C TYR A 5 34.34 -24.76 -22.30
N LYS A 6 34.66 -24.15 -23.44
CA LYS A 6 34.96 -22.72 -23.50
C LYS A 6 33.69 -21.90 -23.59
N ASN A 7 33.56 -20.87 -22.76
CA ASN A 7 32.41 -19.99 -22.82
C ASN A 7 31.05 -20.73 -22.73
N VAL A 8 30.88 -21.54 -21.68
CA VAL A 8 29.60 -22.22 -21.44
C VAL A 8 28.51 -21.18 -21.18
N ILE A 9 28.83 -20.23 -20.29
CA ILE A 9 28.01 -19.05 -20.03
C ILE A 9 28.72 -17.81 -20.57
N ASN A 10 27.97 -16.86 -21.13
CA ASN A 10 28.55 -15.58 -21.57
C ASN A 10 28.93 -14.72 -20.38
N ARG A 11 30.22 -14.55 -20.15
CA ARG A 11 30.70 -13.82 -18.97
C ARG A 11 31.33 -12.50 -19.34
N THR A 12 31.08 -12.02 -20.55
CA THR A 12 31.61 -10.74 -21.01
C THR A 12 30.84 -9.59 -20.40
N GLY A 13 31.35 -8.37 -20.59
CA GLY A 13 30.62 -7.17 -20.22
C GLY A 13 31.45 -6.15 -19.47
N ALA A 14 31.09 -4.88 -19.70
CA ALA A 14 31.76 -3.73 -19.09
C ALA A 14 30.77 -2.91 -18.28
N PRO A 15 30.56 -3.24 -16.99
CA PRO A 15 29.59 -2.52 -16.16
C PRO A 15 29.83 -1.03 -16.17
N GLN A 16 28.76 -0.26 -16.19
CA GLN A 16 28.83 1.20 -16.12
C GLN A 16 28.21 1.75 -14.84
N TYR A 17 27.45 0.92 -14.13
CA TYR A 17 26.69 1.35 -12.96
C TYR A 17 26.90 0.36 -11.84
N MET A 18 26.80 0.82 -10.60
CA MET A 18 26.96 -0.06 -9.45
C MET A 18 25.89 -1.14 -9.51
N LYS A 19 24.66 -0.70 -9.69
CA LYS A 19 23.52 -1.56 -9.97
C LYS A 19 23.27 -1.55 -11.46
N ASP A 20 24.01 -2.36 -12.21
CA ASP A 20 23.76 -2.50 -13.63
C ASP A 20 22.74 -3.63 -13.83
N TYR A 21 21.48 -3.29 -13.54
CA TYR A 21 20.42 -4.26 -13.46
C TYR A 21 19.79 -4.55 -14.82
N ASP A 22 19.27 -5.77 -14.95
CA ASP A 22 18.44 -6.16 -16.06
C ASP A 22 17.00 -5.75 -15.73
N TYR A 23 16.04 -6.21 -16.52
CA TYR A 23 14.61 -5.91 -16.30
C TYR A 23 14.08 -6.27 -14.89
N ASP A 24 14.51 -7.39 -14.31
CA ASP A 24 14.03 -7.81 -12.97
C ASP A 24 14.95 -7.46 -11.79
N ASP A 25 15.79 -6.43 -11.97
CA ASP A 25 16.72 -5.93 -10.94
C ASP A 25 17.88 -6.86 -10.59
N HIS A 26 18.26 -7.75 -11.50
CA HIS A 26 19.42 -8.60 -11.29
C HIS A 26 20.61 -8.05 -12.08
N GLN A 27 21.82 -8.15 -11.53
CA GLN A 27 23.00 -7.71 -12.27
C GLN A 27 23.04 -8.46 -13.58
N ARG A 28 23.02 -7.73 -14.70
CA ARG A 28 22.81 -8.31 -16.02
C ARG A 28 24.03 -9.00 -16.63
N PHE A 29 25.13 -9.06 -15.88
CA PHE A 29 26.33 -9.78 -16.27
C PHE A 29 26.55 -11.00 -15.37
N ASN A 30 27.47 -11.86 -15.77
CA ASN A 30 27.73 -13.12 -15.05
C ASN A 30 29.21 -13.30 -14.67
N PRO A 31 29.63 -12.66 -13.57
CA PRO A 31 30.98 -12.70 -13.03
C PRO A 31 31.48 -14.06 -12.59
N PHE A 32 32.79 -14.28 -12.69
CA PHE A 32 33.36 -15.54 -12.27
C PHE A 32 33.77 -15.50 -10.79
N PHE A 33 33.01 -16.20 -9.97
CA PHE A 33 33.37 -16.44 -8.56
C PHE A 33 33.79 -17.88 -8.40
N ASP A 34 34.67 -18.14 -7.44
CA ASP A 34 35.07 -19.50 -7.07
C ASP A 34 35.57 -19.52 -5.62
N LEU A 35 35.69 -20.72 -5.05
CA LEU A 35 36.21 -20.92 -3.68
C LEU A 35 35.43 -20.19 -2.59
N GLY A 36 34.24 -19.71 -2.91
CA GLY A 36 33.41 -19.01 -1.93
C GLY A 36 33.80 -17.57 -1.74
N ALA A 37 34.63 -17.05 -2.65
CA ALA A 37 35.15 -15.69 -2.50
C ALA A 37 34.06 -14.65 -2.67
N TRP A 38 34.36 -13.44 -2.21
CA TRP A 38 33.37 -12.39 -2.10
C TRP A 38 33.63 -11.30 -3.14
N HIS A 39 34.31 -11.69 -4.22
CA HIS A 39 34.38 -10.87 -5.40
C HIS A 39 34.50 -11.74 -6.64
N GLY A 40 34.17 -11.15 -7.78
CA GLY A 40 34.18 -11.87 -9.05
C GLY A 40 34.50 -10.97 -10.24
N HIS A 41 34.84 -11.63 -11.36
CA HIS A 41 35.40 -10.97 -12.52
C HIS A 41 34.69 -11.34 -13.81
N LEU A 42 34.56 -10.37 -14.71
CA LEU A 42 34.03 -10.60 -16.04
C LEU A 42 35.18 -10.64 -17.04
N LEU A 43 34.86 -11.03 -18.27
CA LEU A 43 35.82 -11.03 -19.38
C LEU A 43 35.68 -9.76 -20.18
N PRO A 44 36.75 -9.35 -20.86
CA PRO A 44 36.66 -8.20 -21.73
C PRO A 44 35.90 -8.55 -22.99
N ASP A 45 35.16 -7.58 -23.55
CA ASP A 45 34.37 -7.79 -24.77
C ASP A 45 34.94 -7.10 -26.01
N GLY A 46 36.03 -6.37 -25.86
CA GLY A 46 36.58 -5.58 -26.97
C GLY A 46 37.79 -4.72 -26.65
N PRO A 47 38.04 -3.67 -27.45
CA PRO A 47 39.25 -2.84 -27.32
C PRO A 47 39.42 -2.12 -26.00
N ASN A 48 38.33 -1.63 -25.42
CA ASN A 48 38.41 -0.76 -24.25
C ASN A 48 38.62 -1.48 -22.92
N THR A 49 38.47 -2.80 -22.95
CA THR A 49 38.59 -3.65 -21.77
C THR A 49 39.74 -4.65 -21.90
N MET A 50 40.09 -4.99 -23.15
CA MET A 50 41.28 -5.79 -23.49
C MET A 50 42.49 -5.48 -22.62
N GLY A 51 43.06 -6.54 -22.01
CA GLY A 51 44.22 -6.40 -21.15
C GLY A 51 43.85 -6.44 -19.68
N GLY A 52 42.55 -6.42 -19.41
CA GLY A 52 42.03 -6.59 -18.06
C GLY A 52 40.78 -7.45 -18.03
N PHE A 53 40.46 -7.93 -16.84
CA PHE A 53 39.22 -8.62 -16.62
C PHE A 53 38.36 -7.58 -15.95
N PRO A 54 37.37 -7.03 -16.68
CA PRO A 54 36.61 -5.91 -16.15
C PRO A 54 35.66 -6.32 -15.03
N GLY A 55 34.88 -5.33 -14.59
CA GLY A 55 33.72 -5.58 -13.75
C GLY A 55 34.06 -6.28 -12.45
N VAL A 56 34.78 -5.60 -11.57
CA VAL A 56 34.98 -6.11 -10.25
C VAL A 56 33.59 -6.08 -9.61
N ALA A 57 33.06 -7.27 -9.34
CA ALA A 57 31.81 -7.42 -8.60
C ALA A 57 32.19 -7.62 -7.15
N LEU A 58 31.64 -6.80 -6.26
CA LEU A 58 31.87 -6.95 -4.84
C LEU A 58 30.64 -7.54 -4.20
N LEU A 59 30.83 -8.52 -3.32
CA LEU A 59 29.73 -9.02 -2.52
C LEU A 59 29.78 -8.31 -1.17
N THR A 60 28.92 -7.30 -1.04
CA THR A 60 28.85 -6.48 0.14
C THR A 60 27.93 -7.14 1.17
N GLU A 61 28.37 -8.29 1.68
CA GLU A 61 27.69 -9.03 2.78
C GLU A 61 26.42 -9.74 2.35
N GLU A 62 25.50 -8.99 1.77
CA GLU A 62 24.20 -9.53 1.37
C GLU A 62 23.79 -9.19 -0.06
N TYR A 63 24.63 -8.46 -0.78
CA TYR A 63 24.28 -7.94 -2.11
C TYR A 63 25.48 -7.92 -3.06
N ILE A 64 25.17 -7.92 -4.36
CA ILE A 64 26.19 -7.79 -5.40
C ILE A 64 26.20 -6.36 -5.97
N ASN A 65 27.32 -5.67 -5.81
CA ASN A 65 27.51 -4.31 -6.34
C ASN A 65 28.83 -4.22 -7.10
N PHE A 66 28.78 -3.70 -8.33
CA PHE A 66 30.00 -3.49 -9.12
C PHE A 66 30.81 -2.34 -8.52
N MET A 67 32.12 -2.42 -8.64
CA MET A 67 33.05 -1.38 -8.15
C MET A 67 33.64 -0.55 -9.31
N ALA A 68 34.09 -1.23 -10.36
CA ALA A 68 34.85 -0.65 -11.45
C ALA A 68 34.59 -1.41 -12.74
N SER A 69 34.54 -0.70 -13.87
CA SER A 69 34.50 -1.34 -15.19
C SER A 69 35.91 -1.78 -15.47
N ASN A 70 36.81 -0.83 -15.73
CA ASN A 70 38.23 -1.16 -15.87
C ASN A 70 38.93 -1.03 -14.54
N PHE A 71 39.70 -2.06 -14.18
CA PHE A 71 40.54 -2.00 -12.99
C PHE A 71 41.71 -2.97 -13.12
N ASP A 72 42.88 -2.40 -13.37
CA ASP A 72 44.14 -3.14 -13.57
C ASP A 72 44.27 -3.73 -14.98
N ARG A 73 43.93 -2.90 -15.97
CA ARG A 73 44.01 -3.25 -17.36
C ARG A 73 45.41 -2.97 -17.87
N LEU A 74 46.08 -4.01 -18.37
CA LEU A 74 47.42 -3.90 -18.91
C LEU A 74 47.38 -3.30 -20.30
N THR A 75 48.36 -2.45 -20.58
CA THR A 75 48.67 -1.98 -21.93
C THR A 75 50.19 -2.02 -22.04
N VAL A 76 50.71 -2.30 -23.24
CA VAL A 76 52.15 -2.52 -23.43
C VAL A 76 52.76 -1.51 -24.40
N TRP A 77 53.96 -1.05 -24.04
CA TRP A 77 54.66 -0.02 -24.80
C TRP A 77 56.10 -0.46 -25.11
N GLN A 78 56.49 -0.31 -26.38
CA GLN A 78 57.83 -0.62 -26.84
C GLN A 78 58.39 0.62 -27.55
N ASP A 79 59.48 1.20 -27.01
CA ASP A 79 60.09 2.42 -27.54
C ASP A 79 59.05 3.54 -27.66
N GLY A 80 58.29 3.76 -26.59
CA GLY A 80 57.30 4.83 -26.55
C GLY A 80 56.08 4.62 -27.45
N LYS A 81 56.01 3.47 -28.11
CA LYS A 81 54.95 3.17 -29.06
C LYS A 81 54.01 2.14 -28.44
N LYS A 82 52.70 2.40 -28.45
CA LYS A 82 51.77 1.40 -27.92
C LYS A 82 51.65 0.19 -28.83
N VAL A 83 51.80 -0.99 -28.22
CA VAL A 83 51.62 -2.25 -28.95
C VAL A 83 50.14 -2.48 -29.19
N ASP A 84 49.81 -2.82 -30.44
CA ASP A 84 48.43 -3.08 -30.83
C ASP A 84 48.20 -4.59 -30.81
N PHE A 85 47.25 -5.02 -29.99
CA PHE A 85 46.94 -6.43 -29.83
C PHE A 85 45.57 -6.77 -30.44
N THR A 86 45.40 -8.04 -30.84
CA THR A 86 44.05 -8.58 -31.06
C THR A 86 43.74 -9.57 -29.93
N LEU A 87 42.44 -9.78 -29.69
CA LEU A 87 41.98 -10.39 -28.44
C LEU A 87 41.27 -11.71 -28.64
N GLU A 88 41.62 -12.67 -27.78
CA GLU A 88 40.83 -13.87 -27.57
C GLU A 88 40.59 -13.92 -26.07
N ALA A 89 39.34 -14.03 -25.68
CA ALA A 89 38.98 -14.10 -24.28
C ALA A 89 37.99 -15.22 -24.11
N TYR A 90 38.19 -16.01 -23.07
CA TYR A 90 37.25 -17.08 -22.79
C TYR A 90 37.27 -17.55 -21.36
N SER A 91 36.15 -18.11 -20.96
CA SER A 91 36.01 -18.72 -19.67
C SER A 91 36.25 -20.19 -19.86
N ILE A 92 36.61 -20.87 -18.78
CA ILE A 92 36.53 -22.32 -18.70
C ILE A 92 36.04 -22.66 -17.31
N PRO A 93 35.64 -23.92 -17.10
CA PRO A 93 35.28 -24.26 -15.73
C PRO A 93 36.45 -23.96 -14.83
N GLY A 94 36.27 -23.04 -13.90
CA GLY A 94 37.29 -22.72 -12.91
C GLY A 94 38.23 -21.57 -13.23
N ALA A 95 38.14 -20.98 -14.43
CA ALA A 95 39.04 -19.87 -14.77
C ALA A 95 38.57 -19.00 -15.95
N LEU A 96 39.00 -17.74 -15.93
CA LEU A 96 38.90 -16.84 -17.07
C LEU A 96 40.27 -16.73 -17.73
N VAL A 97 40.30 -16.78 -19.07
CA VAL A 97 41.54 -16.68 -19.84
C VAL A 97 41.43 -15.61 -20.91
N GLN A 98 42.49 -14.83 -21.10
CA GLN A 98 42.60 -13.94 -22.26
C GLN A 98 44.01 -13.87 -22.80
N LYS A 99 44.10 -13.83 -24.13
CA LYS A 99 45.35 -13.79 -24.86
C LYS A 99 45.36 -12.58 -25.78
N LEU A 100 46.49 -11.88 -25.75
CA LEU A 100 46.73 -10.71 -26.57
C LEU A 100 47.87 -11.05 -27.51
N THR A 101 47.60 -11.03 -28.80
CA THR A 101 48.56 -11.37 -29.83
C THR A 101 49.01 -10.12 -30.59
N ALA A 102 50.31 -10.06 -30.85
CA ALA A 102 50.94 -9.02 -31.68
C ALA A 102 52.26 -9.58 -32.27
N LYS A 103 52.86 -8.81 -33.16
CA LYS A 103 54.07 -9.23 -33.89
C LYS A 103 55.19 -9.62 -32.91
N ASP A 104 55.67 -8.64 -32.14
CA ASP A 104 56.86 -8.84 -31.29
C ASP A 104 56.53 -9.17 -29.82
N VAL A 105 55.28 -8.96 -29.42
CA VAL A 105 54.86 -9.24 -28.04
C VAL A 105 53.62 -10.11 -27.99
N GLN A 106 53.56 -11.00 -27.01
CA GLN A 106 52.36 -11.78 -26.76
C GLN A 106 52.13 -11.82 -25.28
N VAL A 107 50.86 -11.78 -24.87
CA VAL A 107 50.51 -11.88 -23.45
C VAL A 107 49.48 -12.97 -23.20
N GLU A 108 49.69 -13.78 -22.17
CA GLU A 108 48.71 -14.77 -21.74
C GLU A 108 48.32 -14.49 -20.28
N MET A 109 47.07 -14.12 -20.08
CA MET A 109 46.56 -13.84 -18.74
C MET A 109 45.59 -14.92 -18.33
N THR A 110 45.84 -15.48 -17.16
CA THR A 110 44.98 -16.48 -16.60
C THR A 110 44.62 -16.08 -15.19
N LEU A 111 43.32 -15.95 -14.93
CA LEU A 111 42.81 -15.58 -13.63
C LEU A 111 42.12 -16.77 -12.99
N ARG A 112 42.62 -17.20 -11.83
CA ARG A 112 42.01 -18.28 -11.06
C ARG A 112 41.91 -17.80 -9.63
N PHE A 113 41.38 -18.66 -8.76
CA PHE A 113 41.11 -18.29 -7.39
C PHE A 113 41.98 -19.11 -6.44
N ALA A 114 42.49 -18.44 -5.42
CA ALA A 114 43.48 -19.01 -4.50
C ALA A 114 42.91 -19.33 -3.11
N THR A 115 42.18 -18.36 -2.56
CA THR A 115 41.57 -18.46 -1.23
C THR A 115 40.15 -17.93 -1.28
N PRO A 116 39.39 -18.11 -0.18
CA PRO A 116 38.01 -17.60 -0.14
C PRO A 116 37.87 -16.06 -0.07
N ARG A 117 38.98 -15.34 -0.24
CA ARG A 117 38.91 -13.88 -0.32
C ARG A 117 39.83 -13.32 -1.40
N THR A 118 40.61 -14.18 -2.04
CA THR A 118 41.71 -13.74 -2.88
C THR A 118 41.74 -14.51 -4.19
N SER A 119 41.69 -13.78 -5.30
CA SER A 119 41.83 -14.36 -6.63
C SER A 119 43.24 -14.08 -7.15
N LEU A 120 43.74 -14.93 -8.03
CA LEU A 120 45.11 -14.85 -8.55
C LEU A 120 45.16 -14.67 -10.08
N LEU A 121 45.79 -13.58 -10.54
CA LEU A 121 46.03 -13.36 -11.97
C LEU A 121 47.47 -13.68 -12.31
N GLU A 122 47.66 -14.51 -13.36
CA GLU A 122 48.99 -14.76 -13.91
C GLU A 122 49.16 -14.01 -15.22
N THR A 123 50.12 -13.10 -15.30
CA THR A 123 50.38 -12.36 -16.54
C THR A 123 51.66 -12.90 -17.18
N LYS A 124 51.52 -13.57 -18.31
CA LYS A 124 52.63 -14.25 -18.97
C LYS A 124 53.04 -13.45 -20.18
N ILE A 125 54.13 -12.70 -20.06
CA ILE A 125 54.57 -11.84 -21.16
C ILE A 125 55.74 -12.49 -21.89
N THR A 126 55.68 -12.40 -23.21
CA THR A 126 56.64 -13.01 -24.11
C THR A 126 57.12 -11.94 -25.08
N SER A 127 58.42 -11.63 -25.02
CA SER A 127 58.98 -10.51 -25.77
C SER A 127 60.48 -10.68 -25.95
N ASN A 128 60.97 -10.25 -27.11
CA ASN A 128 62.39 -10.35 -27.44
C ASN A 128 63.15 -9.06 -27.12
N LYS A 129 62.42 -8.04 -26.64
CA LYS A 129 63.04 -6.78 -26.20
C LYS A 129 62.41 -6.30 -24.90
N PRO A 130 63.10 -5.40 -24.18
CA PRO A 130 62.53 -4.76 -22.99
C PRO A 130 61.21 -4.06 -23.26
N LEU A 131 60.42 -3.86 -22.21
CA LEU A 131 59.06 -3.38 -22.33
C LEU A 131 58.65 -2.50 -21.15
N ASP A 132 57.73 -1.57 -21.44
CA ASP A 132 57.14 -0.71 -20.42
C ASP A 132 55.67 -1.08 -20.26
N LEU A 133 55.28 -1.39 -19.02
CA LEU A 133 53.96 -1.91 -18.72
C LEU A 133 53.13 -0.84 -18.04
N VAL A 134 51.93 -0.62 -18.55
CA VAL A 134 50.99 0.31 -17.95
C VAL A 134 49.70 -0.41 -17.58
N TRP A 135 49.36 -0.36 -16.29
CA TRP A 135 48.04 -0.79 -15.82
C TRP A 135 47.29 0.45 -15.43
N ASP A 136 46.01 0.47 -15.75
CA ASP A 136 45.16 1.58 -15.37
C ASP A 136 43.86 1.04 -14.81
N GLY A 137 43.06 1.95 -14.27
CA GLY A 137 41.78 1.58 -13.66
C GLY A 137 41.00 2.79 -13.19
N GLU A 138 39.70 2.59 -12.96
CA GLU A 138 38.78 3.66 -12.64
C GLU A 138 37.56 3.08 -11.91
N LEU A 139 37.27 3.63 -10.74
CA LEU A 139 36.08 3.24 -10.00
C LEU A 139 34.83 3.81 -10.68
N LEU A 140 33.69 3.16 -10.45
CA LEU A 140 32.44 3.59 -11.05
C LEU A 140 31.91 4.85 -10.37
N GLU A 141 31.12 5.61 -11.11
CA GLU A 141 30.50 6.84 -10.62
C GLU A 141 28.98 6.76 -10.57
N LYS A 142 28.38 6.19 -11.61
CA LYS A 142 26.92 6.17 -11.78
C LYS A 142 26.25 5.02 -11.00
N LEU A 143 25.04 5.26 -10.53
CA LEU A 143 24.40 4.43 -9.52
C LEU A 143 23.67 3.19 -10.06
N GLU A 144 22.71 3.44 -10.96
CA GLU A 144 21.70 2.45 -11.28
C GLU A 144 21.24 2.55 -12.72
N ALA A 145 21.05 1.39 -13.35
CA ALA A 145 20.53 1.34 -14.70
C ALA A 145 19.73 0.06 -14.87
N LYS A 146 18.89 0.03 -15.91
CA LYS A 146 18.07 -1.13 -16.23
C LYS A 146 18.22 -1.40 -17.73
N GLU A 147 18.56 -2.64 -18.07
CA GLU A 147 18.79 -3.05 -19.47
C GLU A 147 19.79 -2.17 -20.24
N GLY A 148 20.79 -1.65 -19.52
CA GLY A 148 21.76 -0.75 -20.11
C GLY A 148 21.42 0.72 -19.98
N LYS A 149 20.13 1.03 -19.80
CA LYS A 149 19.62 2.40 -19.73
C LYS A 149 19.57 2.94 -18.30
N PRO A 150 20.01 4.19 -18.07
CA PRO A 150 19.99 4.71 -16.69
C PRO A 150 18.59 5.02 -16.17
N LEU A 151 18.33 4.68 -14.90
CA LEU A 151 17.05 4.97 -14.23
C LEU A 151 17.01 6.36 -13.62
N SER A 152 18.20 6.90 -13.34
CA SER A 152 18.32 8.23 -12.78
C SER A 152 19.63 8.84 -13.25
N ASP A 153 19.98 10.01 -12.74
CA ASP A 153 21.34 10.54 -12.92
C ASP A 153 22.06 10.52 -11.58
N LYS A 154 21.65 9.59 -10.72
CA LYS A 154 22.19 9.46 -9.37
C LYS A 154 23.58 8.84 -9.41
N THR A 155 24.46 9.41 -8.61
CA THR A 155 25.84 9.00 -8.50
C THR A 155 25.99 8.13 -7.25
N ILE A 156 27.01 7.27 -7.26
CA ILE A 156 27.29 6.40 -6.13
C ILE A 156 27.61 7.20 -4.85
N ALA A 157 28.40 8.27 -5.00
CA ALA A 157 28.87 9.02 -3.83
C ALA A 157 27.80 9.97 -3.31
N GLY A 158 27.00 10.48 -4.23
CA GLY A 158 25.81 11.24 -3.86
C GLY A 158 24.93 10.36 -2.99
N GLU A 159 24.58 9.19 -3.52
CA GLU A 159 23.70 8.24 -2.82
C GLU A 159 24.28 7.79 -1.47
N TYR A 160 25.58 7.53 -1.41
CA TYR A 160 26.20 7.11 -0.16
C TYR A 160 27.35 8.04 0.26
N PRO A 161 27.02 9.14 0.96
CA PRO A 161 28.09 10.09 1.28
C PRO A 161 29.17 9.51 2.16
N ASP A 162 28.84 8.54 3.00
CA ASP A 162 29.81 7.95 3.94
C ASP A 162 30.59 6.80 3.37
N TYR A 163 30.38 6.51 2.08
CA TYR A 163 31.15 5.49 1.37
C TYR A 163 32.61 5.92 1.27
N GLN A 164 32.83 7.17 0.83
CA GLN A 164 34.15 7.79 0.85
C GLN A 164 35.20 6.84 0.28
N ARG A 165 34.96 6.34 -0.94
CA ARG A 165 35.91 5.43 -1.56
C ARG A 165 37.20 6.18 -1.83
N LYS A 166 38.32 5.51 -1.60
CA LYS A 166 39.61 6.17 -1.69
C LYS A 166 40.67 5.19 -2.18
N ILE A 167 41.16 5.42 -3.39
CA ILE A 167 42.25 4.60 -3.92
C ILE A 167 43.54 5.07 -3.28
N SER A 168 44.35 4.11 -2.82
CA SER A 168 45.58 4.41 -2.10
C SER A 168 46.71 3.53 -2.63
N ALA A 169 47.91 4.09 -2.79
CA ALA A 169 49.09 3.33 -3.21
C ALA A 169 49.71 2.59 -2.02
N THR A 170 50.41 1.50 -2.33
CA THR A 170 51.04 0.68 -1.30
C THR A 170 52.41 0.25 -1.76
N ARG A 171 53.17 -0.34 -0.83
CA ARG A 171 54.50 -0.87 -1.10
C ARG A 171 54.61 -1.82 -2.33
N ASP A 172 53.58 -2.61 -2.60
CA ASP A 172 53.59 -3.58 -3.71
C ASP A 172 52.31 -3.53 -4.56
N GLY A 173 51.66 -2.37 -4.59
CA GLY A 173 50.51 -2.18 -5.46
C GLY A 173 49.66 -0.99 -5.06
N LEU A 174 48.37 -1.27 -4.84
CA LEU A 174 47.40 -0.27 -4.38
C LEU A 174 46.27 -0.95 -3.60
N LYS A 175 45.30 -0.15 -3.16
CA LYS A 175 44.11 -0.64 -2.48
C LYS A 175 42.98 0.40 -2.45
N VAL A 176 41.75 -0.10 -2.32
CA VAL A 176 40.55 0.71 -2.25
C VAL A 176 39.91 0.54 -0.88
N THR A 177 39.68 1.67 -0.20
CA THR A 177 39.07 1.67 1.11
C THR A 177 37.62 2.10 0.99
N PHE A 178 36.78 1.58 1.87
CA PHE A 178 35.35 1.82 1.83
C PHE A 178 34.84 2.17 3.21
N GLY A 179 34.13 3.29 3.30
CA GLY A 179 33.58 3.73 4.58
C GLY A 179 32.33 2.96 4.92
N LYS A 180 31.85 3.10 6.14
CA LYS A 180 30.70 2.32 6.63
C LYS A 180 29.39 2.82 6.04
N VAL A 181 28.66 1.90 5.42
CA VAL A 181 27.36 2.16 4.81
C VAL A 181 26.44 1.03 5.24
N ARG A 182 25.32 1.34 5.89
CA ARG A 182 24.37 0.29 6.30
C ARG A 182 23.02 0.37 5.55
N ALA A 183 23.07 0.56 4.24
CA ALA A 183 21.86 0.62 3.42
C ALA A 183 21.25 -0.78 3.35
N THR A 184 20.34 -1.06 4.30
CA THR A 184 19.85 -2.42 4.59
C THR A 184 19.35 -3.21 3.38
N TRP A 185 18.91 -2.54 2.32
CA TRP A 185 18.39 -3.25 1.15
C TRP A 185 19.24 -3.08 -0.11
N ASP A 186 20.46 -2.59 0.04
CA ASP A 186 21.18 -2.07 -1.13
C ASP A 186 22.69 -2.30 -1.09
N LEU A 187 23.29 -1.98 0.06
CA LEU A 187 24.75 -1.87 0.19
C LEU A 187 25.16 -1.92 1.65
N LEU A 188 26.03 -2.86 1.99
CA LEU A 188 26.39 -3.11 3.37
C LEU A 188 27.89 -3.34 3.54
N THR A 189 28.54 -2.37 4.19
CA THR A 189 29.97 -2.42 4.43
C THR A 189 30.23 -2.20 5.92
N SER A 190 31.26 -2.87 6.44
CA SER A 190 31.61 -2.80 7.88
C SER A 190 32.17 -1.45 8.33
N GLY A 191 32.87 -0.78 7.41
CA GLY A 191 33.69 0.39 7.71
C GLY A 191 35.18 0.12 7.54
N GLU A 192 35.56 -1.16 7.43
CA GLU A 192 36.95 -1.57 7.27
C GLU A 192 37.16 -2.53 6.10
N SER A 193 36.22 -2.58 5.15
CA SER A 193 36.37 -3.46 3.99
C SER A 193 37.33 -2.83 2.98
N GLU A 194 37.96 -3.65 2.15
CA GLU A 194 38.94 -3.18 1.16
C GLU A 194 38.94 -4.07 -0.07
N TYR A 195 39.43 -3.53 -1.18
CA TYR A 195 39.81 -4.31 -2.36
C TYR A 195 41.31 -4.10 -2.60
N GLN A 196 42.11 -5.11 -2.27
CA GLN A 196 43.57 -5.01 -2.29
C GLN A 196 44.18 -5.61 -3.57
N VAL A 197 45.11 -4.87 -4.18
CA VAL A 197 45.88 -5.37 -5.33
C VAL A 197 47.35 -5.46 -4.94
N HIS A 198 47.92 -6.68 -5.05
CA HIS A 198 49.34 -6.93 -4.77
C HIS A 198 50.04 -7.53 -5.99
N LYS A 199 51.22 -7.01 -6.35
CA LYS A 199 51.96 -7.47 -7.52
C LYS A 199 53.35 -8.06 -7.21
N SER A 200 53.81 -8.94 -8.10
CA SER A 200 55.09 -9.66 -7.91
C SER A 200 56.33 -8.85 -8.28
N LEU A 201 56.15 -7.65 -8.81
CA LEU A 201 57.26 -6.76 -9.12
C LEU A 201 56.98 -5.36 -8.56
N PRO A 202 58.04 -4.58 -8.27
CA PRO A 202 57.80 -3.18 -7.92
C PRO A 202 57.12 -2.41 -9.06
N VAL A 203 56.17 -1.55 -8.69
CA VAL A 203 55.43 -0.70 -9.64
C VAL A 203 55.44 0.73 -9.16
N GLN A 204 55.21 1.67 -10.07
CA GLN A 204 55.08 3.07 -9.70
C GLN A 204 53.67 3.53 -10.03
N THR A 205 53.01 4.13 -9.03
CA THR A 205 51.56 4.35 -9.04
C THR A 205 51.17 5.83 -8.99
N GLU A 206 50.27 6.24 -9.88
CA GLU A 206 49.74 7.61 -9.88
C GLU A 206 48.23 7.53 -9.64
N ILE A 207 47.75 8.23 -8.60
CA ILE A 207 46.32 8.23 -8.27
C ILE A 207 45.70 9.59 -8.63
N ASN A 208 44.61 9.55 -9.38
CA ASN A 208 43.94 10.77 -9.88
C ASN A 208 42.45 10.73 -9.49
N GLY A 209 42.16 11.08 -8.25
CA GLY A 209 40.82 10.96 -7.72
C GLY A 209 40.39 9.50 -7.61
N ASN A 210 39.47 9.09 -8.48
CA ASN A 210 38.90 7.74 -8.46
C ASN A 210 39.44 6.86 -9.59
N ARG A 211 40.56 7.27 -10.19
CA ARG A 211 41.24 6.45 -11.18
C ARG A 211 42.72 6.37 -10.86
N PHE A 212 43.41 5.39 -11.44
CA PHE A 212 44.84 5.25 -11.25
C PHE A 212 45.58 4.89 -12.53
N THR A 213 46.85 5.23 -12.58
CA THR A 213 47.79 4.66 -13.54
C THR A 213 48.93 3.99 -12.73
N SER A 214 49.42 2.84 -13.20
CA SER A 214 50.59 2.19 -12.60
C SER A 214 51.56 1.76 -13.69
N LYS A 215 52.86 1.96 -13.46
CA LYS A 215 53.90 1.65 -14.46
C LYS A 215 54.99 0.72 -13.92
N ALA A 216 55.65 0.02 -14.85
CA ALA A 216 56.80 -0.81 -14.52
C ALA A 216 57.63 -1.10 -15.76
N HIS A 217 58.87 -1.55 -15.55
CA HIS A 217 59.75 -1.94 -16.64
C HIS A 217 60.19 -3.41 -16.50
N ILE A 218 60.24 -4.11 -17.63
CA ILE A 218 60.73 -5.49 -17.68
C ILE A 218 61.73 -5.59 -18.82
N ASN A 219 62.67 -6.54 -18.70
CA ASN A 219 63.78 -6.66 -19.66
C ASN A 219 63.45 -7.53 -20.88
N GLY A 220 62.44 -8.37 -20.72
CA GLY A 220 62.02 -9.25 -21.79
C GLY A 220 60.94 -10.16 -21.27
N SER A 221 60.78 -11.32 -21.89
CA SER A 221 59.81 -12.30 -21.45
C SER A 221 59.86 -12.57 -19.93
N THR A 222 58.69 -12.62 -19.31
CA THR A 222 58.58 -12.83 -17.87
C THR A 222 57.11 -13.11 -17.50
N THR A 223 56.91 -13.92 -16.48
CA THR A 223 55.58 -14.19 -15.99
C THR A 223 55.46 -13.55 -14.63
N LEU A 224 54.58 -12.55 -14.53
CA LEU A 224 54.37 -11.86 -13.27
C LEU A 224 53.02 -12.25 -12.64
N TYR A 225 52.85 -11.99 -11.35
CA TYR A 225 51.66 -12.46 -10.61
C TYR A 225 51.00 -11.34 -9.84
N THR A 226 49.67 -11.37 -9.81
CA THR A 226 48.87 -10.35 -9.13
C THR A 226 47.76 -11.01 -8.28
N THR A 227 47.58 -10.49 -7.06
CA THR A 227 46.46 -10.90 -6.24
C THR A 227 45.42 -9.78 -6.19
N TYR A 228 44.15 -10.19 -6.19
CA TYR A 228 43.03 -9.30 -6.01
C TYR A 228 42.22 -9.88 -4.85
N SER A 229 41.89 -9.02 -3.88
CA SER A 229 41.27 -9.47 -2.65
C SER A 229 40.22 -8.48 -2.16
N HIS A 230 38.98 -8.92 -2.05
CA HIS A 230 37.96 -8.13 -1.39
C HIS A 230 37.81 -8.69 0.02
N LEU A 231 38.01 -7.81 0.98
CA LEU A 231 38.11 -8.17 2.39
C LEU A 231 37.14 -7.29 3.16
N LEU A 232 36.33 -7.89 4.01
CA LEU A 232 35.15 -7.22 4.57
C LEU A 232 35.29 -6.75 6.02
N THR A 233 36.30 -7.27 6.73
CA THR A 233 36.53 -6.90 8.12
C THR A 233 37.99 -6.54 8.31
N ALA A 234 38.27 -5.72 9.32
CA ALA A 234 39.64 -5.46 9.77
C ALA A 234 40.38 -6.77 10.02
N GLN A 235 39.68 -7.74 10.61
CA GLN A 235 40.27 -9.03 10.97
C GLN A 235 40.61 -9.87 9.74
N GLU A 236 39.74 -9.84 8.72
CA GLU A 236 40.05 -10.44 7.42
C GLU A 236 41.27 -9.78 6.80
N VAL A 237 41.31 -8.45 6.77
CA VAL A 237 42.43 -7.72 6.18
C VAL A 237 43.79 -8.16 6.75
N SER A 238 43.91 -8.22 8.07
CA SER A 238 45.16 -8.70 8.69
C SER A 238 45.47 -10.14 8.31
N LYS A 239 44.47 -11.00 8.45
CA LYS A 239 44.67 -12.43 8.35
C LYS A 239 44.94 -12.87 6.91
N GLU A 240 44.75 -11.96 5.94
CA GLU A 240 45.04 -12.26 4.54
C GLU A 240 46.50 -11.97 4.15
N GLN A 241 47.09 -10.89 4.66
CA GLN A 241 48.46 -10.51 4.26
C GLN A 241 49.32 -11.74 4.15
N MET A 242 49.38 -12.50 5.24
CA MET A 242 50.13 -13.74 5.29
C MET A 242 49.83 -14.67 4.13
N GLN A 243 48.56 -14.84 3.80
CA GLN A 243 48.16 -15.73 2.70
C GLN A 243 48.48 -15.17 1.32
N ILE A 244 48.49 -13.84 1.16
CA ILE A 244 48.97 -13.20 -0.09
C ILE A 244 50.46 -13.48 -0.31
N ARG A 245 51.25 -13.34 0.75
CA ARG A 245 52.69 -13.61 0.67
C ARG A 245 53.00 -15.04 0.23
N ASP A 246 52.16 -16.00 0.60
CA ASP A 246 52.43 -17.40 0.29
C ASP A 246 52.00 -17.70 -1.17
N ILE A 247 51.01 -16.96 -1.67
CA ILE A 247 50.57 -17.09 -3.06
C ILE A 247 51.63 -16.56 -4.03
N LEU A 248 52.13 -15.36 -3.80
CA LEU A 248 53.17 -14.79 -4.66
C LEU A 248 54.48 -15.57 -4.55
N ALA A 249 54.74 -16.17 -3.38
CA ALA A 249 55.94 -16.98 -3.18
C ALA A 249 55.82 -18.34 -3.87
N ARG A 250 54.60 -18.81 -4.05
CA ARG A 250 54.39 -20.06 -4.79
C ARG A 250 53.09 -20.09 -5.57
N PRO A 251 53.04 -19.32 -6.67
CA PRO A 251 51.82 -19.22 -7.48
C PRO A 251 51.40 -20.54 -8.09
N ALA A 252 52.38 -21.33 -8.55
CA ALA A 252 52.07 -22.54 -9.28
C ALA A 252 51.27 -23.53 -8.41
N PHE A 253 51.61 -23.58 -7.13
CA PHE A 253 50.89 -24.44 -6.20
C PHE A 253 49.41 -24.12 -6.22
N TYR A 254 49.09 -22.83 -6.22
CA TYR A 254 47.70 -22.36 -6.17
C TYR A 254 46.99 -22.52 -7.50
N LEU A 255 47.67 -22.20 -8.61
CA LEU A 255 47.09 -22.50 -9.90
C LEU A 255 46.76 -24.00 -9.92
N THR A 256 47.79 -24.82 -9.74
CA THR A 256 47.62 -26.27 -9.71
C THR A 256 46.49 -26.75 -8.81
N ALA A 257 46.35 -26.15 -7.62
CA ALA A 257 45.28 -26.55 -6.71
C ALA A 257 43.90 -26.37 -7.37
N SER A 258 43.67 -25.16 -7.88
CA SER A 258 42.44 -24.79 -8.60
C SER A 258 42.28 -25.66 -9.83
N GLN A 259 43.22 -25.52 -10.75
CA GLN A 259 43.30 -26.39 -11.92
C GLN A 259 42.86 -27.85 -11.60
N GLN A 260 43.34 -28.42 -10.51
CA GLN A 260 43.01 -29.81 -10.15
C GLN A 260 41.64 -29.94 -9.48
N ARG A 261 41.31 -28.99 -8.61
CA ARG A 261 39.98 -28.97 -8.00
C ARG A 261 38.90 -29.14 -9.07
N TRP A 262 39.03 -28.38 -10.16
CA TRP A 262 38.03 -28.39 -11.23
C TRP A 262 38.03 -29.61 -12.13
N GLU A 263 39.21 -30.18 -12.43
CA GLU A 263 39.25 -31.44 -13.18
C GLU A 263 38.53 -32.53 -12.41
N GLU A 264 38.61 -32.47 -11.09
CA GLU A 264 37.91 -33.43 -10.26
C GLU A 264 36.40 -33.21 -10.22
N TYR A 265 35.96 -31.93 -10.29
CA TYR A 265 34.52 -31.61 -10.36
C TYR A 265 33.96 -32.21 -11.64
N LEU A 266 34.61 -31.91 -12.74
CA LEU A 266 34.16 -32.39 -14.04
C LEU A 266 34.22 -33.90 -14.13
N LYS A 267 35.18 -34.52 -13.47
CA LYS A 267 35.32 -35.98 -13.49
C LYS A 267 34.21 -36.65 -12.70
N LYS A 268 34.06 -36.21 -11.44
CA LYS A 268 33.01 -36.73 -10.56
C LYS A 268 31.63 -36.40 -11.10
N GLY A 269 31.52 -35.25 -11.76
CA GLY A 269 30.24 -34.75 -12.26
C GLY A 269 29.68 -35.42 -13.50
N LEU A 270 30.46 -35.50 -14.57
CA LEU A 270 29.93 -35.91 -15.87
C LEU A 270 29.98 -37.42 -16.05
N THR A 271 28.96 -38.08 -15.52
CA THR A 271 28.95 -39.54 -15.37
C THR A 271 27.89 -40.24 -16.22
N ASN A 272 27.14 -39.48 -17.03
CA ASN A 272 26.17 -40.09 -17.96
C ASN A 272 26.73 -40.20 -19.37
N PRO A 273 27.15 -41.43 -19.77
CA PRO A 273 27.73 -41.64 -21.11
C PRO A 273 26.71 -41.57 -22.25
N ASP A 274 25.43 -41.81 -21.96
CA ASP A 274 24.40 -41.69 -22.98
C ASP A 274 24.17 -40.24 -23.38
N ALA A 275 24.53 -39.30 -22.51
CA ALA A 275 24.31 -37.89 -22.77
C ALA A 275 25.02 -37.42 -24.03
N THR A 276 24.42 -36.47 -24.75
CA THR A 276 25.07 -35.84 -25.90
C THR A 276 26.03 -34.73 -25.46
N PRO A 277 27.01 -34.38 -26.30
CA PRO A 277 27.85 -33.19 -26.06
C PRO A 277 27.06 -31.91 -25.67
N GLU A 278 25.93 -31.68 -26.29
CA GLU A 278 25.10 -30.51 -25.98
C GLU A 278 24.60 -30.63 -24.54
N GLN A 279 24.15 -31.83 -24.19
CA GLN A 279 23.59 -32.12 -22.87
C GLN A 279 24.67 -32.12 -21.79
N THR A 280 25.85 -32.59 -22.17
CA THR A 280 27.00 -32.61 -21.25
C THR A 280 27.45 -31.18 -20.92
N ARG A 281 27.33 -30.26 -21.89
CA ARG A 281 27.63 -28.82 -21.69
C ARG A 281 26.59 -28.09 -20.85
N VAL A 282 25.34 -28.51 -20.95
CA VAL A 282 24.30 -28.04 -20.01
C VAL A 282 24.65 -28.45 -18.59
N ALA A 283 25.11 -29.69 -18.42
CA ALA A 283 25.49 -30.17 -17.09
C ALA A 283 26.64 -29.32 -16.51
N VAL A 284 27.56 -28.90 -17.37
CA VAL A 284 28.71 -28.11 -16.95
C VAL A 284 28.33 -26.66 -16.69
N LYS A 285 27.32 -26.15 -17.40
CA LYS A 285 26.78 -24.84 -17.09
C LYS A 285 26.27 -24.84 -15.65
N ALA A 286 25.62 -25.93 -15.28
CA ALA A 286 25.01 -26.05 -13.95
C ALA A 286 26.07 -26.11 -12.83
N ILE A 287 27.14 -26.86 -13.08
CA ILE A 287 28.25 -27.02 -12.15
C ILE A 287 28.97 -25.69 -11.91
N GLU A 288 29.28 -24.98 -12.99
CA GLU A 288 29.79 -23.60 -12.91
C GLU A 288 28.87 -22.68 -12.12
N THR A 289 27.60 -22.71 -12.48
CA THR A 289 26.60 -21.87 -11.84
C THR A 289 26.55 -22.17 -10.35
N LEU A 290 26.44 -23.45 -10.02
CA LEU A 290 26.31 -23.89 -8.64
C LEU A 290 27.53 -23.53 -7.82
N ASN A 291 28.72 -23.79 -8.38
CA ASN A 291 29.97 -23.41 -7.72
C ASN A 291 30.11 -21.90 -7.52
N GLY A 292 29.61 -21.09 -8.46
CA GLY A 292 29.65 -19.64 -8.36
C GLY A 292 28.82 -19.10 -7.19
N ASN A 293 27.67 -19.72 -6.97
CA ASN A 293 26.79 -19.38 -5.85
C ASN A 293 27.28 -19.86 -4.47
N TRP A 294 28.37 -20.64 -4.46
CA TRP A 294 28.97 -21.05 -3.19
C TRP A 294 29.70 -19.89 -2.50
N ARG A 295 29.28 -19.58 -1.29
CA ARG A 295 29.97 -18.61 -0.44
C ARG A 295 30.63 -19.28 0.74
N SER A 296 31.86 -18.85 1.03
CA SER A 296 32.60 -19.22 2.22
C SER A 296 31.96 -18.62 3.47
N PRO A 297 32.40 -19.06 4.66
CA PRO A 297 31.91 -18.40 5.87
C PRO A 297 32.03 -16.87 5.78
N GLY A 298 31.01 -16.18 6.30
CA GLY A 298 30.94 -14.73 6.20
C GLY A 298 29.88 -14.21 7.16
N GLY A 299 30.28 -13.27 8.01
CA GLY A 299 29.40 -12.75 9.06
C GLY A 299 28.85 -13.88 9.91
N ALA A 300 27.54 -13.84 10.13
CA ALA A 300 26.84 -14.72 11.07
C ALA A 300 26.84 -16.19 10.65
N VAL A 301 27.10 -16.43 9.36
CA VAL A 301 27.12 -17.76 8.77
C VAL A 301 28.54 -18.33 8.88
N LYS A 302 28.68 -19.29 9.78
CA LYS A 302 29.97 -19.84 10.14
C LYS A 302 30.43 -20.95 9.18
N PHE A 303 29.56 -21.35 8.25
CA PHE A 303 29.87 -22.42 7.29
C PHE A 303 29.86 -21.94 5.83
N ASN A 304 30.40 -22.76 4.94
CA ASN A 304 30.25 -22.54 3.51
C ASN A 304 28.81 -22.80 3.14
N THR A 305 28.19 -21.90 2.39
CA THR A 305 26.81 -22.09 1.95
C THR A 305 26.70 -21.96 0.44
N VAL A 306 25.47 -22.07 -0.06
CA VAL A 306 25.16 -21.76 -1.46
C VAL A 306 23.84 -21.01 -1.58
N THR A 307 23.88 -19.85 -2.23
CA THR A 307 22.70 -19.01 -2.39
C THR A 307 21.98 -19.33 -3.72
N PRO A 308 20.73 -18.88 -3.86
CA PRO A 308 19.98 -19.10 -5.09
C PRO A 308 20.57 -18.42 -6.33
N SER A 309 21.31 -17.32 -6.15
CA SER A 309 21.97 -16.69 -7.27
C SER A 309 22.82 -15.52 -6.82
N VAL A 310 24.10 -15.58 -7.13
CA VAL A 310 25.04 -14.53 -6.74
C VAL A 310 24.80 -13.18 -7.45
N THR A 311 24.16 -13.21 -8.62
CA THR A 311 23.80 -11.99 -9.33
C THR A 311 22.34 -11.56 -9.08
N GLY A 312 21.59 -12.36 -8.35
CA GLY A 312 20.22 -12.00 -7.97
C GLY A 312 20.10 -10.77 -7.06
N ARG A 313 18.94 -10.15 -7.09
CA ARG A 313 18.71 -8.91 -6.39
C ARG A 313 18.62 -9.15 -4.88
N TRP A 314 17.95 -10.24 -4.52
CA TRP A 314 17.65 -10.56 -3.15
C TRP A 314 18.22 -11.93 -2.76
N PHE A 315 18.93 -12.57 -3.68
CA PHE A 315 19.53 -13.90 -3.50
C PHE A 315 21.06 -13.89 -3.32
N SER A 316 21.66 -12.70 -3.25
CA SER A 316 23.13 -12.60 -3.24
C SER A 316 23.68 -12.65 -1.80
N GLY A 317 24.93 -12.22 -1.65
CA GLY A 317 25.63 -12.38 -0.39
C GLY A 317 25.68 -13.85 -0.10
N ASN A 318 25.59 -14.21 1.18
CA ASN A 318 25.48 -15.60 1.56
C ASN A 318 24.06 -15.91 2.03
N GLN A 319 23.09 -15.16 1.54
CA GLN A 319 21.69 -15.35 1.96
C GLN A 319 21.20 -16.74 1.62
N THR A 320 20.83 -17.53 2.64
CA THR A 320 20.56 -18.95 2.44
C THR A 320 19.15 -19.39 2.84
N TRP A 321 18.50 -20.19 1.97
CA TRP A 321 17.15 -20.72 2.19
C TRP A 321 17.18 -22.26 2.26
N PRO A 322 16.46 -22.87 3.21
CA PRO A 322 16.49 -24.35 3.35
C PRO A 322 15.98 -25.12 2.14
N TRP A 323 14.93 -24.63 1.50
CA TRP A 323 14.28 -25.30 0.37
C TRP A 323 15.26 -25.52 -0.77
N ASN A 324 15.75 -24.43 -1.38
CA ASN A 324 16.68 -24.61 -2.49
C ASN A 324 17.99 -25.26 -2.03
N THR A 325 18.34 -25.07 -0.77
CA THR A 325 19.47 -25.79 -0.21
C THR A 325 19.36 -27.30 -0.41
N TRP A 326 18.24 -27.90 -0.04
CA TRP A 326 18.10 -29.35 -0.18
C TRP A 326 18.32 -29.80 -1.63
N LYS A 327 17.82 -29.02 -2.58
CA LYS A 327 17.87 -29.34 -4.01
C LYS A 327 19.29 -29.17 -4.55
N GLN A 328 19.91 -28.07 -4.13
CA GLN A 328 21.31 -27.77 -4.43
C GLN A 328 22.25 -28.86 -3.90
N ALA A 329 22.16 -29.16 -2.61
CA ALA A 329 23.01 -30.17 -1.97
C ALA A 329 22.77 -31.60 -2.49
N PHE A 330 21.56 -31.88 -2.97
CA PHE A 330 21.28 -33.16 -3.63
C PHE A 330 22.11 -33.31 -4.91
N ALA A 331 22.17 -32.24 -5.69
CA ALA A 331 22.95 -32.20 -6.94
C ALA A 331 24.44 -32.10 -6.67
N MET A 332 24.85 -31.20 -5.78
CA MET A 332 26.27 -30.95 -5.54
C MET A 332 26.95 -32.08 -4.79
N ALA A 333 26.16 -33.00 -4.24
CA ALA A 333 26.70 -34.21 -3.65
C ALA A 333 27.32 -35.07 -4.73
N HIS A 334 26.77 -35.00 -5.94
CA HIS A 334 27.33 -35.71 -7.11
C HIS A 334 28.55 -35.03 -7.77
N PHE A 335 29.03 -33.89 -7.25
CA PHE A 335 30.29 -33.29 -7.78
C PHE A 335 31.15 -32.47 -6.81
N ASN A 336 30.53 -31.70 -5.92
CA ASN A 336 31.27 -30.92 -4.94
C ASN A 336 30.77 -31.26 -3.51
N PRO A 337 30.89 -32.55 -3.15
CA PRO A 337 30.28 -33.08 -1.92
C PRO A 337 30.71 -32.36 -0.64
N ASP A 338 31.92 -31.84 -0.59
CA ASP A 338 32.35 -31.06 0.57
C ASP A 338 31.37 -29.89 0.82
N ILE A 339 31.18 -29.05 -0.19
CA ILE A 339 30.35 -27.84 -0.05
C ILE A 339 28.86 -28.16 0.03
N ALA A 340 28.43 -29.27 -0.57
CA ALA A 340 27.06 -29.76 -0.33
C ALA A 340 26.82 -30.03 1.17
N LYS A 341 27.75 -30.71 1.84
CA LYS A 341 27.65 -30.95 3.27
C LYS A 341 27.61 -29.64 4.05
N GLU A 342 28.48 -28.70 3.69
CA GLU A 342 28.48 -27.38 4.37
C GLU A 342 27.17 -26.58 4.21
N ASN A 343 26.61 -26.56 2.99
CA ASN A 343 25.32 -25.87 2.71
C ASN A 343 24.25 -26.37 3.69
N ILE A 344 24.10 -27.69 3.79
CA ILE A 344 23.22 -28.32 4.78
C ILE A 344 23.57 -27.90 6.21
N ARG A 345 24.83 -28.02 6.60
CA ARG A 345 25.26 -27.58 7.93
C ARG A 345 24.85 -26.12 8.21
N ALA A 346 24.97 -25.26 7.20
CA ALA A 346 24.75 -23.82 7.37
C ALA A 346 23.31 -23.51 7.72
N VAL A 347 22.40 -24.11 6.95
CA VAL A 347 20.96 -24.06 7.21
C VAL A 347 20.61 -24.56 8.62
N PHE A 348 21.28 -25.63 9.09
CA PHE A 348 21.04 -26.16 10.44
C PHE A 348 21.86 -25.50 11.56
N SER A 349 22.76 -24.58 11.21
CA SER A 349 23.57 -23.89 12.21
C SER A 349 22.80 -22.81 12.97
N TRP A 350 21.60 -22.46 12.50
CA TRP A 350 20.69 -21.57 13.25
C TRP A 350 19.34 -22.23 13.57
N GLN A 351 19.33 -23.57 13.59
CA GLN A 351 18.19 -24.33 14.06
C GLN A 351 17.94 -23.95 15.51
N ILE A 352 16.68 -23.83 15.89
CA ILE A 352 16.34 -23.31 17.21
C ILE A 352 16.66 -24.34 18.32
N GLN A 353 17.22 -23.82 19.41
CA GLN A 353 17.68 -24.64 20.52
C GLN A 353 16.81 -24.39 21.75
N PRO A 354 16.79 -25.34 22.69
CA PRO A 354 16.07 -25.12 23.95
C PRO A 354 16.60 -23.87 24.67
N GLY A 355 15.70 -23.02 25.16
CA GLY A 355 16.11 -21.79 25.84
C GLY A 355 16.44 -20.60 24.94
N ASP A 356 16.22 -20.75 23.63
CA ASP A 356 16.41 -19.65 22.69
C ASP A 356 15.75 -18.36 23.20
N SER A 357 16.39 -17.22 22.99
CA SER A 357 15.92 -15.99 23.59
C SER A 357 14.87 -15.25 22.75
N VAL A 358 14.54 -15.77 21.57
CA VAL A 358 13.48 -15.18 20.75
C VAL A 358 12.23 -16.07 20.70
N ARG A 359 12.40 -17.34 20.34
CA ARG A 359 11.26 -18.23 20.12
C ARG A 359 11.48 -19.61 20.77
N PRO A 360 11.62 -19.63 22.11
CA PRO A 360 11.83 -20.88 22.85
C PRO A 360 10.75 -21.95 22.61
N GLN A 361 9.64 -21.51 22.01
CA GLN A 361 8.54 -22.38 21.60
C GLN A 361 8.68 -22.91 20.17
N ASP A 362 9.80 -22.63 19.50
CA ASP A 362 10.03 -23.09 18.12
C ASP A 362 11.19 -24.09 18.01
N VAL A 363 11.48 -24.84 19.08
CA VAL A 363 12.64 -25.75 19.11
C VAL A 363 12.62 -26.66 17.89
N GLY A 364 13.74 -26.69 17.15
CA GLY A 364 13.85 -27.47 15.92
C GLY A 364 13.61 -26.66 14.65
N PHE A 365 13.01 -25.48 14.80
CA PHE A 365 12.68 -24.63 13.69
C PHE A 365 13.91 -24.34 12.86
N VAL A 366 13.80 -24.49 11.56
CA VAL A 366 14.86 -24.06 10.66
C VAL A 366 14.39 -22.78 9.96
N PRO A 367 15.08 -21.66 10.21
CA PRO A 367 14.73 -20.37 9.61
C PRO A 367 14.57 -20.40 8.11
N ASP A 368 13.71 -19.51 7.61
CA ASP A 368 13.50 -19.32 6.18
C ASP A 368 14.74 -18.75 5.53
N LEU A 369 15.35 -17.77 6.18
CA LEU A 369 16.43 -17.02 5.58
C LEU A 369 17.48 -16.65 6.62
N ILE A 370 18.72 -17.11 6.39
CA ILE A 370 19.89 -16.68 7.18
C ILE A 370 20.87 -15.99 6.24
N ALA A 371 21.62 -15.05 6.80
CA ALA A 371 22.47 -14.16 6.04
C ALA A 371 23.61 -13.67 6.91
N TRP A 372 24.44 -12.79 6.35
CA TRP A 372 25.56 -12.20 7.07
C TRP A 372 25.11 -11.48 8.34
N ASN A 373 24.06 -10.67 8.23
CA ASN A 373 23.60 -9.84 9.34
C ASN A 373 22.37 -10.42 10.00
N LEU A 374 22.47 -10.67 11.31
CA LEU A 374 21.33 -11.16 12.09
C LEU A 374 20.27 -10.05 12.16
N SER A 375 19.03 -10.43 12.46
CA SER A 375 17.93 -9.48 12.66
C SER A 375 18.17 -8.63 13.92
N PRO A 376 17.61 -7.42 13.97
CA PRO A 376 17.71 -6.65 15.23
C PRO A 376 17.37 -7.49 16.46
N GLU A 377 16.39 -8.37 16.32
CA GLU A 377 15.93 -9.22 17.42
C GLU A 377 17.05 -10.14 17.95
N ARG A 378 18.10 -10.32 17.16
CA ARG A 378 19.22 -11.18 17.52
C ARG A 378 20.56 -10.44 17.60
N GLY A 379 20.52 -9.11 17.48
CA GLY A 379 21.71 -8.28 17.76
C GLY A 379 22.28 -7.49 16.59
N GLY A 380 21.88 -7.83 15.37
CA GLY A 380 22.45 -7.20 14.17
C GLY A 380 21.54 -6.14 13.59
N ASP A 381 21.87 -5.69 12.39
CA ASP A 381 21.07 -4.67 11.69
C ASP A 381 20.61 -5.16 10.32
N GLY A 382 20.39 -6.48 10.24
CA GLY A 382 19.95 -7.11 8.99
C GLY A 382 18.47 -7.00 8.79
N GLY A 383 18.05 -6.70 7.56
CA GLY A 383 16.64 -6.64 7.22
C GLY A 383 16.11 -7.88 6.51
N ASN A 384 17.02 -8.76 6.07
CA ASN A 384 16.61 -9.92 5.29
C ASN A 384 16.36 -11.15 6.17
N TRP A 385 17.28 -11.43 7.11
CA TRP A 385 17.15 -12.54 8.07
C TRP A 385 15.69 -12.67 8.50
N ASN A 386 15.16 -13.89 8.47
CA ASN A 386 13.71 -14.12 8.59
C ASN A 386 13.36 -15.40 9.32
N GLU A 387 12.54 -15.27 10.36
CA GLU A 387 12.04 -16.42 11.12
C GLU A 387 10.50 -16.33 11.19
N ARG A 388 9.88 -15.74 10.17
CA ARG A 388 8.42 -15.72 10.08
C ARG A 388 7.85 -17.08 9.66
N ASN A 389 8.71 -17.93 9.11
CA ASN A 389 8.31 -19.21 8.52
C ASN A 389 9.55 -20.03 8.24
N THR A 390 9.37 -21.32 8.00
CA THR A 390 10.46 -22.13 7.46
C THR A 390 10.18 -22.29 5.95
N LYS A 391 10.60 -23.41 5.36
CA LYS A 391 10.21 -23.79 3.99
C LYS A 391 10.05 -25.32 3.91
N PRO A 392 9.54 -25.82 2.77
CA PRO A 392 9.19 -27.24 2.71
C PRO A 392 10.39 -28.14 2.90
N SER A 393 10.24 -29.18 3.71
CA SER A 393 11.40 -29.95 4.18
C SER A 393 11.66 -31.21 3.37
N LEU A 394 12.69 -31.15 2.53
CA LEU A 394 13.31 -32.33 1.89
C LEU A 394 14.70 -32.59 2.48
N ALA A 395 14.92 -32.12 3.70
CA ALA A 395 16.20 -32.28 4.38
C ALA A 395 16.69 -33.72 4.37
N ALA A 396 15.94 -34.64 4.96
CA ALA A 396 16.34 -36.05 5.01
C ALA A 396 16.70 -36.68 3.63
N TRP A 397 16.04 -36.24 2.57
CA TRP A 397 16.31 -36.73 1.21
C TRP A 397 17.68 -36.24 0.77
N SER A 398 17.87 -34.94 0.88
CA SER A 398 19.14 -34.28 0.55
C SER A 398 20.33 -34.82 1.35
N VAL A 399 20.16 -34.99 2.66
CA VAL A 399 21.20 -35.57 3.51
C VAL A 399 21.50 -37.02 3.11
N MET A 400 20.47 -37.73 2.68
CA MET A 400 20.62 -39.13 2.29
C MET A 400 21.27 -39.30 0.91
N GLU A 401 21.23 -38.27 0.08
CA GLU A 401 21.92 -38.33 -1.22
C GLU A 401 23.42 -38.12 -1.09
N VAL A 402 23.82 -37.33 -0.11
CA VAL A 402 25.24 -37.12 0.20
C VAL A 402 25.83 -38.43 0.74
N TYR A 403 25.07 -39.14 1.59
CA TYR A 403 25.50 -40.42 2.12
C TYR A 403 25.50 -41.47 1.03
N ASN A 404 24.51 -41.40 0.13
CA ASN A 404 24.50 -42.34 -0.98
C ASN A 404 25.80 -42.24 -1.79
N VAL A 405 26.21 -41.02 -2.10
CA VAL A 405 27.43 -40.78 -2.88
C VAL A 405 28.72 -41.10 -2.10
N THR A 406 28.83 -40.63 -0.85
CA THR A 406 30.07 -40.78 -0.07
C THR A 406 30.18 -42.00 0.84
N GLN A 407 29.05 -42.55 1.29
CA GLN A 407 29.04 -43.70 2.22
C GLN A 407 29.64 -43.35 3.60
N ASP A 408 29.48 -42.10 4.03
CA ASP A 408 30.08 -41.62 5.27
C ASP A 408 29.10 -41.77 6.43
N LYS A 409 29.23 -42.86 7.18
CA LYS A 409 28.39 -43.07 8.38
C LYS A 409 28.40 -41.91 9.37
N THR A 410 29.52 -41.20 9.48
CA THR A 410 29.64 -40.11 10.46
C THR A 410 28.81 -38.88 10.05
N TRP A 411 28.57 -38.76 8.76
CA TRP A 411 27.72 -37.70 8.21
C TRP A 411 26.28 -37.90 8.67
N VAL A 412 25.82 -39.16 8.61
CA VAL A 412 24.48 -39.52 9.08
C VAL A 412 24.31 -39.32 10.58
N ALA A 413 25.35 -39.63 11.35
CA ALA A 413 25.30 -39.43 12.79
C ALA A 413 25.29 -37.94 13.12
N GLU A 414 25.98 -37.14 12.31
CA GLU A 414 26.01 -35.68 12.48
C GLU A 414 24.65 -35.07 12.25
N MET A 415 23.92 -35.57 11.26
CA MET A 415 22.69 -34.92 10.81
C MET A 415 21.42 -35.41 11.49
N TYR A 416 21.38 -36.71 11.77
CA TYR A 416 20.18 -37.36 12.30
C TYR A 416 19.48 -36.53 13.37
N PRO A 417 20.19 -36.15 14.45
CA PRO A 417 19.52 -35.41 15.53
C PRO A 417 18.97 -34.04 15.09
N LYS A 418 19.69 -33.38 14.18
CA LYS A 418 19.25 -32.08 13.64
C LYS A 418 17.94 -32.29 12.88
N LEU A 419 17.87 -33.34 12.07
CA LEU A 419 16.66 -33.65 11.31
C LEU A 419 15.48 -34.08 12.21
N VAL A 420 15.75 -34.96 13.18
CA VAL A 420 14.72 -35.40 14.14
C VAL A 420 14.05 -34.23 14.88
N ALA A 421 14.83 -33.22 15.27
CA ALA A 421 14.25 -32.02 15.91
C ALA A 421 13.42 -31.19 14.94
N TYR A 422 13.75 -31.23 13.65
CA TYR A 422 12.98 -30.50 12.64
C TYR A 422 11.64 -31.20 12.40
N HIS A 423 11.71 -32.51 12.22
CA HIS A 423 10.54 -33.39 12.16
C HIS A 423 9.61 -33.17 13.34
N ASP A 424 10.15 -33.17 14.54
CA ASP A 424 9.34 -33.01 15.76
C ASP A 424 8.63 -31.67 15.83
N TRP A 425 9.33 -30.62 15.42
CA TRP A 425 8.78 -29.29 15.37
C TRP A 425 7.57 -29.18 14.43
N TRP A 426 7.62 -29.83 13.26
CA TRP A 426 6.47 -29.82 12.34
C TRP A 426 5.23 -30.30 13.09
N LEU A 427 5.31 -31.53 13.64
CA LEU A 427 4.19 -32.12 14.38
C LEU A 427 3.68 -31.29 15.60
N ARG A 428 4.58 -30.64 16.33
CA ARG A 428 4.18 -29.80 17.47
C ARG A 428 3.61 -28.45 17.04
N ASN A 429 4.24 -27.79 16.06
CA ASN A 429 3.87 -26.43 15.67
C ASN A 429 3.23 -26.27 14.27
N ARG A 430 2.93 -27.36 13.57
CA ARG A 430 2.24 -27.26 12.26
C ARG A 430 1.22 -28.38 12.03
N ASP A 431 0.41 -28.67 13.04
CA ASP A 431 -0.63 -29.70 12.95
C ASP A 431 -1.82 -29.23 13.80
N HIS A 432 -2.41 -28.12 13.38
CA HIS A 432 -3.52 -27.50 14.05
C HIS A 432 -4.58 -28.49 14.57
N ASN A 433 -4.86 -29.55 13.82
CA ASN A 433 -5.90 -30.50 14.24
C ASN A 433 -5.36 -31.81 14.88
N GLY A 434 -4.13 -31.74 15.40
CA GLY A 434 -3.47 -32.90 16.03
C GLY A 434 -3.74 -34.22 15.35
N ASN A 435 -3.83 -34.19 14.02
CA ASN A 435 -4.30 -35.33 13.23
C ASN A 435 -3.17 -36.08 12.55
N GLY A 436 -1.94 -35.62 12.75
CA GLY A 436 -0.75 -36.33 12.23
C GLY A 436 -0.21 -35.83 10.90
N VAL A 437 -1.01 -35.04 10.19
CA VAL A 437 -0.69 -34.55 8.85
C VAL A 437 -0.52 -33.04 8.90
N PRO A 438 0.63 -32.53 8.44
CA PRO A 438 0.97 -31.10 8.55
C PRO A 438 0.19 -30.12 7.69
N GLU A 439 0.19 -28.86 8.13
CA GLU A 439 -0.22 -27.72 7.32
C GLU A 439 0.99 -26.80 7.11
N TYR A 440 0.97 -25.99 6.06
CA TYR A 440 1.97 -24.89 5.94
C TYR A 440 1.47 -23.76 6.81
N GLY A 441 2.38 -22.92 7.30
CA GLY A 441 2.00 -21.86 8.21
C GLY A 441 3.08 -20.83 8.49
N ALA A 442 3.05 -20.27 9.70
CA ALA A 442 3.94 -19.21 10.10
C ALA A 442 4.24 -19.33 11.59
N THR A 443 5.22 -18.58 12.06
CA THR A 443 5.59 -18.59 13.46
C THR A 443 4.96 -17.42 14.21
N ARG A 444 5.16 -17.38 15.53
CA ARG A 444 4.85 -16.19 16.31
C ARG A 444 5.92 -15.18 15.99
N ASP A 445 5.57 -13.92 15.85
CA ASP A 445 6.53 -12.92 15.38
C ASP A 445 6.02 -11.49 15.56
N LYS A 446 6.95 -10.54 15.64
CA LYS A 446 6.63 -9.11 15.64
C LYS A 446 5.67 -8.76 14.53
N ALA A 447 5.89 -9.32 13.34
CA ALA A 447 5.10 -8.94 12.17
C ALA A 447 3.73 -9.62 12.12
N HIS A 448 3.56 -10.71 12.87
CA HIS A 448 2.31 -11.48 12.81
C HIS A 448 1.30 -11.18 13.91
N ASN A 449 1.75 -10.72 15.07
CA ASN A 449 0.88 -10.58 16.23
C ASN A 449 1.36 -9.57 17.30
N THR A 450 0.41 -9.15 18.13
CA THR A 450 0.73 -8.28 19.26
C THR A 450 1.56 -9.04 20.30
N GLU A 451 1.88 -8.36 21.41
CA GLU A 451 2.60 -9.00 22.51
C GLU A 451 1.70 -9.88 23.38
N SER A 452 0.38 -9.70 23.27
CA SER A 452 -0.59 -10.62 23.89
C SER A 452 -0.75 -11.91 23.10
N GLY A 453 -0.26 -11.92 21.86
CA GLY A 453 -0.36 -13.06 21.00
C GLY A 453 -1.59 -12.99 20.13
N GLU A 454 -2.16 -11.80 19.99
CA GLU A 454 -3.36 -11.63 19.18
C GLU A 454 -2.95 -11.29 17.74
N MET A 455 -3.38 -12.14 16.82
CA MET A 455 -2.94 -12.09 15.44
C MET A 455 -3.33 -10.77 14.76
N LEU A 456 -2.35 -10.13 14.12
CA LEU A 456 -2.60 -8.88 13.39
C LEU A 456 -3.21 -9.16 12.02
N PHE A 457 -4.00 -8.21 11.53
CA PHE A 457 -4.46 -8.24 10.13
C PHE A 457 -5.01 -6.89 9.70
N THR A 458 -4.85 -6.57 8.42
CA THR A 458 -5.35 -5.31 7.88
C THR A 458 -6.48 -5.56 6.88
N VAL A 459 -7.59 -4.84 7.06
CA VAL A 459 -8.72 -4.91 6.14
C VAL A 459 -8.68 -3.74 5.19
N LYS A 460 -8.83 -4.03 3.91
CA LYS A 460 -8.76 -3.02 2.87
C LYS A 460 -10.04 -2.96 2.06
N LYS A 461 -10.43 -1.75 1.68
CA LYS A 461 -11.54 -1.54 0.77
C LYS A 461 -11.44 -0.14 0.17
N GLY A 462 -11.57 -0.04 -1.14
CA GLY A 462 -11.32 1.20 -1.83
C GLY A 462 -10.00 1.79 -1.38
N ASP A 463 -10.06 2.97 -0.76
CA ASP A 463 -8.86 3.65 -0.27
C ASP A 463 -8.72 3.51 1.23
N LYS A 464 -9.52 2.64 1.83
CA LYS A 464 -9.58 2.56 3.29
C LYS A 464 -8.88 1.32 3.86
N GLU A 465 -7.98 1.57 4.80
CA GLU A 465 -7.25 0.53 5.54
C GLU A 465 -7.72 0.50 6.99
N GLU A 466 -7.70 -0.68 7.59
CA GLU A 466 -8.15 -0.84 8.96
C GLU A 466 -7.39 -2.03 9.58
N THR A 467 -6.33 -1.74 10.34
CA THR A 467 -5.60 -2.77 11.04
C THR A 467 -6.37 -3.15 12.30
N GLN A 468 -6.46 -4.45 12.56
CA GLN A 468 -7.12 -4.98 13.74
C GLN A 468 -6.30 -6.14 14.30
N SER A 469 -6.81 -6.77 15.36
CA SER A 469 -6.12 -7.89 15.99
C SER A 469 -7.10 -8.94 16.51
N GLY A 470 -6.67 -10.20 16.50
CA GLY A 470 -7.42 -11.29 17.14
C GLY A 470 -8.11 -12.21 16.14
N LEU A 471 -8.08 -13.50 16.44
CA LEU A 471 -8.68 -14.50 15.57
C LEU A 471 -10.23 -14.39 15.56
N ASN A 472 -10.76 -13.93 16.69
CA ASN A 472 -12.20 -13.67 16.86
C ASN A 472 -12.71 -12.63 15.86
N ASN A 473 -12.00 -11.50 15.77
CA ASN A 473 -12.33 -10.44 14.83
C ASN A 473 -12.09 -10.87 13.40
N TYR A 474 -11.03 -11.66 13.18
CA TYR A 474 -10.70 -12.16 11.84
C TYR A 474 -11.82 -13.05 11.30
N ALA A 475 -12.27 -14.00 12.12
CA ALA A 475 -13.35 -14.91 11.73
C ALA A 475 -14.56 -14.13 11.23
N ARG A 476 -15.00 -13.18 12.06
CA ARG A 476 -16.13 -12.29 11.75
C ARG A 476 -15.96 -11.53 10.43
N VAL A 477 -14.83 -10.86 10.28
CA VAL A 477 -14.58 -10.05 9.09
C VAL A 477 -14.64 -10.89 7.81
N VAL A 478 -14.18 -12.14 7.90
CA VAL A 478 -14.27 -13.08 6.78
C VAL A 478 -15.73 -13.45 6.49
N GLU A 479 -16.49 -13.79 7.54
CA GLU A 479 -17.91 -14.14 7.37
C GLU A 479 -18.63 -13.04 6.61
N LYS A 480 -18.60 -11.82 7.17
CA LYS A 480 -19.19 -10.64 6.53
C LYS A 480 -18.67 -10.47 5.10
N GLY A 481 -17.35 -10.60 4.94
CA GLY A 481 -16.73 -10.49 3.63
C GLY A 481 -17.03 -9.19 2.93
N GLN A 482 -16.85 -8.08 3.65
CA GLN A 482 -17.09 -6.74 3.10
C GLN A 482 -15.77 -5.99 2.94
N TYR A 483 -14.86 -6.61 2.20
CA TYR A 483 -13.56 -6.04 1.89
C TYR A 483 -13.16 -6.37 0.45
N ASP A 484 -12.27 -5.55 -0.12
CA ASP A 484 -11.66 -5.84 -1.41
C ASP A 484 -10.51 -6.80 -1.23
N SER A 485 -9.81 -6.67 -0.11
CA SER A 485 -8.70 -7.56 0.19
C SER A 485 -8.44 -7.57 1.68
N LEU A 486 -7.73 -8.60 2.12
CA LEU A 486 -7.54 -8.87 3.53
C LEU A 486 -6.11 -9.37 3.74
N GLU A 487 -5.24 -8.50 4.25
CA GLU A 487 -3.81 -8.79 4.38
C GLU A 487 -3.50 -9.32 5.77
N ILE A 488 -3.06 -10.57 5.84
CA ILE A 488 -2.67 -11.18 7.10
C ILE A 488 -1.18 -11.57 7.05
N PRO A 489 -0.31 -10.74 7.64
CA PRO A 489 1.12 -11.05 7.64
C PRO A 489 1.45 -12.52 7.89
N ALA A 490 0.78 -13.14 8.87
CA ALA A 490 0.99 -14.54 9.19
C ALA A 490 0.60 -15.44 8.02
N GLN A 491 -0.52 -15.14 7.37
CA GLN A 491 -0.91 -15.90 6.18
C GLN A 491 0.01 -15.60 5.00
N VAL A 492 0.43 -14.35 4.82
CA VAL A 492 1.44 -14.02 3.79
C VAL A 492 2.69 -14.89 3.95
N ALA A 493 3.09 -15.12 5.19
CA ALA A 493 4.30 -15.89 5.50
C ALA A 493 4.14 -17.39 5.25
N ALA A 494 2.92 -17.91 5.28
CA ALA A 494 2.70 -19.32 5.03
C ALA A 494 2.78 -19.61 3.55
N SER A 495 2.54 -18.60 2.71
CA SER A 495 2.73 -18.76 1.27
C SER A 495 4.21 -18.86 0.97
N TRP A 496 5.03 -18.07 1.68
CA TRP A 496 6.48 -18.26 1.65
C TRP A 496 6.77 -19.70 2.07
N GLU A 497 6.29 -20.08 3.24
CA GLU A 497 6.54 -21.43 3.76
C GLU A 497 6.06 -22.54 2.81
N SER A 498 5.06 -22.28 1.98
CA SER A 498 4.62 -23.26 1.00
C SER A 498 5.68 -23.52 -0.08
N GLY A 499 6.49 -22.52 -0.37
CA GLY A 499 7.45 -22.57 -1.46
C GLY A 499 6.92 -21.96 -2.74
N ARG A 500 5.66 -21.56 -2.73
CA ARG A 500 5.02 -21.02 -3.91
C ARG A 500 4.29 -19.74 -3.53
N ASP A 501 4.51 -18.68 -4.30
CA ASP A 501 3.98 -17.37 -3.94
C ASP A 501 2.57 -17.10 -4.43
N ASP A 502 2.31 -17.38 -5.71
CA ASP A 502 1.08 -16.94 -6.36
C ASP A 502 0.06 -18.08 -6.57
N ALA A 503 0.18 -19.16 -5.79
CA ALA A 503 -0.38 -20.46 -6.21
C ALA A 503 -1.91 -20.56 -6.18
N ALA A 504 -2.47 -21.28 -7.15
CA ALA A 504 -3.91 -21.48 -7.25
C ALA A 504 -4.41 -22.21 -6.02
N VAL A 505 -3.81 -23.35 -5.73
CA VAL A 505 -4.19 -24.15 -4.58
C VAL A 505 -4.26 -23.34 -3.24
N PHE A 506 -3.59 -22.19 -3.15
CA PHE A 506 -3.69 -21.35 -1.94
C PHE A 506 -4.59 -20.12 -2.13
N GLY A 507 -5.44 -20.17 -3.15
CA GLY A 507 -6.56 -19.24 -3.28
C GLY A 507 -6.31 -18.01 -4.14
N PHE A 508 -5.17 -17.98 -4.85
CA PHE A 508 -4.80 -16.81 -5.65
C PHE A 508 -5.30 -16.97 -7.09
N ILE A 509 -5.95 -15.93 -7.60
CA ILE A 509 -6.66 -16.01 -8.88
C ILE A 509 -7.15 -14.62 -9.33
N ASP A 510 -6.78 -14.21 -10.54
CA ASP A 510 -7.11 -12.88 -11.07
C ASP A 510 -8.62 -12.67 -11.33
N LYS A 511 -9.08 -11.42 -11.20
CA LYS A 511 -10.47 -11.05 -11.52
C LYS A 511 -11.09 -11.84 -12.67
N GLU A 512 -10.53 -11.66 -13.87
CA GLU A 512 -11.14 -12.19 -15.08
C GLU A 512 -11.32 -13.70 -15.02
N GLN A 513 -10.37 -14.38 -14.39
CA GLN A 513 -10.37 -15.84 -14.28
C GLN A 513 -11.41 -16.27 -13.25
N LEU A 514 -11.43 -15.59 -12.10
CA LEU A 514 -12.44 -15.84 -11.08
C LEU A 514 -13.86 -15.61 -11.60
N ASP A 515 -14.04 -14.58 -12.43
CA ASP A 515 -15.34 -14.27 -13.02
C ASP A 515 -15.83 -15.45 -13.85
N LYS A 516 -14.96 -15.99 -14.69
CA LYS A 516 -15.31 -17.16 -15.49
C LYS A 516 -15.54 -18.41 -14.64
N TYR A 517 -14.83 -18.51 -13.51
CA TYR A 517 -15.08 -19.59 -12.55
C TYR A 517 -16.53 -19.51 -12.02
N VAL A 518 -16.99 -18.30 -11.70
CA VAL A 518 -18.35 -18.10 -11.21
C VAL A 518 -19.35 -18.38 -12.32
N ALA A 519 -19.17 -17.75 -13.48
CA ALA A 519 -20.03 -18.00 -14.65
C ALA A 519 -20.17 -19.49 -14.99
N ASN A 520 -19.14 -20.30 -14.68
CA ASN A 520 -19.23 -21.76 -14.80
C ASN A 520 -19.82 -22.45 -13.56
N GLY A 521 -20.47 -21.70 -12.68
CA GLY A 521 -21.18 -22.26 -11.54
C GLY A 521 -20.40 -22.40 -10.23
N GLY A 522 -19.19 -21.86 -10.15
CA GLY A 522 -18.49 -21.80 -8.88
C GLY A 522 -18.95 -20.65 -8.01
N LYS A 523 -18.60 -20.71 -6.73
CA LYS A 523 -18.82 -19.59 -5.79
C LYS A 523 -17.45 -18.99 -5.45
N ARG A 524 -17.40 -17.66 -5.28
CA ARG A 524 -16.14 -17.00 -4.87
C ARG A 524 -15.53 -17.58 -3.60
N SER A 525 -16.37 -17.98 -2.64
CA SER A 525 -15.92 -18.52 -1.36
C SER A 525 -14.96 -19.72 -1.50
N ASP A 526 -15.07 -20.44 -2.62
CA ASP A 526 -14.25 -21.63 -2.90
C ASP A 526 -12.75 -21.33 -2.94
N TRP A 527 -12.40 -20.06 -3.17
CA TRP A 527 -11.01 -19.62 -3.23
C TRP A 527 -10.52 -18.93 -1.96
N THR A 528 -11.28 -19.05 -0.87
CA THR A 528 -10.90 -18.45 0.40
C THR A 528 -10.24 -19.47 1.34
N VAL A 529 -8.94 -19.32 1.53
CA VAL A 529 -8.18 -20.19 2.41
C VAL A 529 -8.26 -19.63 3.81
N LYS A 530 -9.00 -20.33 4.68
CA LYS A 530 -9.12 -19.95 6.07
C LYS A 530 -7.80 -20.17 6.79
N PHE A 531 -7.69 -19.59 7.98
CA PHE A 531 -6.44 -19.49 8.72
C PHE A 531 -6.77 -19.62 10.19
N ALA A 532 -5.91 -20.30 10.94
CA ALA A 532 -6.15 -20.57 12.35
C ALA A 532 -4.86 -20.43 13.12
N GLU A 533 -4.93 -20.62 14.43
CA GLU A 533 -3.75 -20.51 15.28
C GLU A 533 -3.52 -21.79 16.10
N ASN A 534 -2.24 -22.07 16.34
CA ASN A 534 -1.82 -23.27 17.04
C ASN A 534 -1.42 -22.90 18.44
N ARG A 535 -2.04 -23.53 19.43
CA ARG A 535 -1.72 -23.27 20.82
C ARG A 535 -1.36 -24.57 21.50
N SER A 536 -0.45 -24.48 22.47
CA SER A 536 -0.08 -25.64 23.27
C SER A 536 -1.26 -25.95 24.19
N GLN A 537 -1.16 -27.05 24.94
CA GLN A 537 -2.15 -27.34 25.98
C GLN A 537 -2.12 -26.26 27.07
N ASP A 538 -0.92 -25.76 27.41
CA ASP A 538 -0.76 -24.67 28.38
C ASP A 538 -1.43 -23.37 27.95
N GLY A 539 -1.69 -23.24 26.65
CA GLY A 539 -2.36 -22.06 26.09
C GLY A 539 -1.36 -21.13 25.40
N THR A 540 -0.08 -21.50 25.45
CA THR A 540 0.98 -20.80 24.74
C THR A 540 0.74 -20.85 23.25
N LEU A 541 0.86 -19.71 22.57
CA LEU A 541 0.82 -19.64 21.09
C LEU A 541 2.12 -20.22 20.53
N LEU A 542 2.00 -21.09 19.53
CA LEU A 542 3.18 -21.71 18.88
C LEU A 542 3.41 -21.23 17.44
N GLY A 543 2.36 -20.70 16.83
CA GLY A 543 2.38 -20.29 15.43
C GLY A 543 0.99 -20.36 14.82
N TYR A 544 0.94 -20.51 13.50
CA TYR A 544 -0.31 -20.51 12.74
C TYR A 544 -0.28 -21.55 11.65
N SER A 545 -1.47 -21.94 11.20
CA SER A 545 -1.59 -22.88 10.10
C SER A 545 -2.62 -22.38 9.13
N LEU A 546 -2.42 -22.73 7.87
CA LEU A 546 -3.48 -22.70 6.89
C LEU A 546 -4.49 -23.78 7.28
N LEU A 547 -5.77 -23.44 7.20
CA LEU A 547 -6.84 -24.42 7.48
C LEU A 547 -7.04 -25.26 6.23
N GLN A 548 -5.98 -25.98 5.90
CA GLN A 548 -5.86 -26.72 4.65
C GLN A 548 -4.58 -27.54 4.75
N GLU A 549 -4.66 -28.81 4.37
CA GLU A 549 -3.50 -29.71 4.39
C GLU A 549 -3.03 -30.01 2.96
N SER A 550 -1.80 -29.65 2.68
CA SER A 550 -1.29 -29.70 1.34
C SER A 550 -0.68 -31.08 1.06
N VAL A 551 -1.01 -31.61 -0.11
CA VAL A 551 -0.58 -32.94 -0.52
C VAL A 551 0.93 -33.06 -0.72
N ASP A 552 1.56 -32.01 -1.24
CA ASP A 552 3.02 -32.00 -1.36
C ASP A 552 3.64 -32.08 0.03
N GLN A 553 3.12 -31.26 0.93
CA GLN A 553 3.61 -31.16 2.29
C GLN A 553 3.52 -32.50 3.01
N ALA A 554 2.40 -33.20 2.82
CA ALA A 554 2.23 -34.53 3.40
C ALA A 554 3.19 -35.52 2.77
N SER A 555 3.42 -35.38 1.47
CA SER A 555 4.33 -36.27 0.75
C SER A 555 5.78 -36.07 1.20
N TYR A 556 6.19 -34.82 1.37
CA TYR A 556 7.52 -34.53 1.89
C TYR A 556 7.68 -35.10 3.30
N MET A 557 6.61 -35.07 4.08
CA MET A 557 6.63 -35.68 5.40
C MET A 557 6.78 -37.21 5.34
N TYR A 558 6.23 -37.83 4.30
CA TYR A 558 6.39 -39.26 4.10
C TYR A 558 7.85 -39.58 3.84
N SER A 559 8.42 -38.85 2.90
CA SER A 559 9.85 -38.90 2.60
C SER A 559 10.67 -38.72 3.87
N ASP A 560 10.38 -37.66 4.61
CA ASP A 560 11.11 -37.38 5.85
C ASP A 560 11.13 -38.60 6.77
N ASN A 561 9.98 -39.22 6.98
CA ASN A 561 9.89 -40.41 7.82
C ASN A 561 10.62 -41.60 7.18
N HIS A 562 10.43 -41.77 5.87
CA HIS A 562 11.11 -42.82 5.08
C HIS A 562 12.60 -42.78 5.32
N TYR A 563 13.19 -41.61 5.11
CA TYR A 563 14.64 -41.46 5.11
C TYR A 563 15.19 -41.49 6.52
N LEU A 564 14.43 -40.93 7.46
CA LEU A 564 14.80 -40.97 8.88
C LEU A 564 14.80 -42.40 9.42
N ALA A 565 13.98 -43.26 8.83
CA ALA A 565 13.96 -44.68 9.16
C ALA A 565 15.21 -45.38 8.68
N GLU A 566 15.67 -45.03 7.48
CA GLU A 566 16.88 -45.63 6.92
C GLU A 566 18.09 -45.13 7.69
N MET A 567 18.16 -43.81 7.90
CA MET A 567 19.21 -43.23 8.73
C MET A 567 19.26 -43.88 10.12
N ALA A 568 18.09 -44.14 10.70
CA ALA A 568 18.04 -44.79 12.02
C ALA A 568 18.60 -46.22 11.96
N THR A 569 18.27 -46.95 10.91
CA THR A 569 18.74 -48.34 10.74
C THR A 569 20.26 -48.41 10.53
N ILE A 570 20.80 -47.39 9.86
CA ILE A 570 22.22 -47.25 9.60
C ILE A 570 22.96 -46.99 10.91
N LEU A 571 22.38 -46.14 11.76
CA LEU A 571 22.97 -45.81 13.08
C LEU A 571 22.65 -46.84 14.17
N GLY A 572 22.08 -47.98 13.81
CA GLY A 572 21.79 -49.03 14.76
C GLY A 572 20.72 -48.68 15.78
N LYS A 573 19.65 -48.05 15.31
CA LYS A 573 18.50 -47.68 16.15
C LYS A 573 17.24 -48.37 15.60
N PRO A 574 17.06 -49.65 15.91
CA PRO A 574 15.97 -50.38 15.26
C PRO A 574 14.56 -49.93 15.69
N GLU A 575 14.43 -49.44 16.92
CA GLU A 575 13.12 -49.07 17.48
C GLU A 575 12.68 -47.68 17.06
N GLU A 576 13.62 -46.75 16.91
CA GLU A 576 13.30 -45.43 16.36
C GLU A 576 12.97 -45.54 14.87
N ALA A 577 13.57 -46.52 14.19
CA ALA A 577 13.29 -46.76 12.77
C ALA A 577 11.89 -47.33 12.57
N LYS A 578 11.52 -48.28 13.41
CA LYS A 578 10.19 -48.89 13.32
C LYS A 578 9.11 -47.84 13.50
N ARG A 579 9.31 -46.90 14.43
CA ARG A 579 8.38 -45.80 14.63
C ARG A 579 8.27 -44.85 13.42
N TYR A 580 9.39 -44.59 12.74
CA TYR A 580 9.33 -43.72 11.56
C TYR A 580 8.69 -44.42 10.36
N ARG A 581 8.82 -45.74 10.29
CA ARG A 581 8.20 -46.50 9.21
C ARG A 581 6.68 -46.49 9.38
N GLN A 582 6.26 -46.54 10.64
CA GLN A 582 4.84 -46.53 10.98
C GLN A 582 4.19 -45.18 10.68
N LEU A 583 4.88 -44.09 11.04
CA LEU A 583 4.44 -42.73 10.71
C LEU A 583 4.31 -42.53 9.20
N ALA A 584 5.33 -43.00 8.48
CA ALA A 584 5.32 -43.03 7.04
C ALA A 584 4.08 -43.79 6.54
N GLN A 585 3.85 -44.97 7.07
CA GLN A 585 2.72 -45.78 6.65
C GLN A 585 1.39 -45.03 6.84
N GLN A 586 1.20 -44.40 8.00
CA GLN A 586 -0.01 -43.61 8.27
C GLN A 586 -0.18 -42.43 7.30
N LEU A 587 0.93 -41.82 6.88
CA LEU A 587 0.88 -40.70 5.94
C LEU A 587 0.47 -41.15 4.53
N ALA A 588 1.04 -42.24 4.07
CA ALA A 588 0.61 -42.82 2.80
C ALA A 588 -0.88 -43.20 2.86
N ASP A 589 -1.32 -43.79 3.96
CA ASP A 589 -2.73 -44.14 4.10
C ASP A 589 -3.58 -42.87 4.04
N TYR A 590 -3.17 -41.83 4.78
CA TYR A 590 -3.93 -40.58 4.77
C TYR A 590 -3.90 -39.90 3.38
N ILE A 591 -2.74 -39.88 2.73
CA ILE A 591 -2.60 -39.23 1.41
C ILE A 591 -3.47 -39.89 0.33
N ASN A 592 -3.36 -41.21 0.21
CA ASN A 592 -4.14 -41.98 -0.76
C ASN A 592 -5.64 -41.91 -0.52
N THR A 593 -6.03 -42.03 0.75
CA THR A 593 -7.41 -42.12 1.16
C THR A 593 -8.08 -40.75 1.13
N CYS A 594 -7.41 -39.73 1.65
CA CYS A 594 -8.04 -38.43 1.80
C CYS A 594 -7.80 -37.44 0.68
N MET A 595 -6.62 -37.47 0.06
CA MET A 595 -6.25 -36.46 -0.94
C MET A 595 -6.42 -36.87 -2.40
N PHE A 596 -6.62 -38.17 -2.68
CA PHE A 596 -6.84 -38.67 -4.05
C PHE A 596 -8.31 -38.69 -4.42
N ASP A 597 -8.69 -37.92 -5.42
CA ASP A 597 -10.05 -37.94 -5.94
C ASP A 597 -10.12 -38.99 -7.07
N PRO A 598 -10.88 -40.08 -6.86
CA PRO A 598 -11.01 -41.07 -7.97
C PRO A 598 -11.69 -40.50 -9.20
N THR A 599 -12.57 -39.53 -9.04
CA THR A 599 -13.34 -39.03 -10.16
C THR A 599 -12.40 -38.45 -11.23
N THR A 600 -11.65 -37.40 -10.88
CA THR A 600 -10.74 -36.76 -11.83
C THR A 600 -9.39 -37.44 -11.90
N GLN A 601 -9.19 -38.47 -11.08
CA GLN A 601 -8.02 -39.37 -11.18
C GLN A 601 -6.68 -38.68 -10.86
N PHE A 602 -6.61 -37.98 -9.71
CA PHE A 602 -5.47 -37.11 -9.39
C PHE A 602 -5.49 -36.72 -7.92
N TYR A 603 -4.34 -36.29 -7.36
CA TYR A 603 -4.28 -35.85 -5.95
C TYR A 603 -4.45 -34.34 -5.80
N TYR A 604 -4.95 -33.94 -4.62
CA TYR A 604 -5.18 -32.52 -4.31
C TYR A 604 -5.04 -32.24 -2.82
N ASP A 605 -4.90 -30.95 -2.47
CA ASP A 605 -4.90 -30.49 -1.07
C ASP A 605 -6.30 -30.79 -0.48
N VAL A 606 -6.43 -30.76 0.84
CA VAL A 606 -7.74 -30.88 1.48
C VAL A 606 -7.95 -29.69 2.39
N ARG A 607 -9.20 -29.21 2.50
CA ARG A 607 -9.52 -28.23 3.53
C ARG A 607 -9.58 -28.89 4.89
N ILE A 608 -9.22 -28.12 5.91
CA ILE A 608 -9.56 -28.52 7.25
C ILE A 608 -10.95 -27.91 7.48
N GLU A 609 -11.96 -28.70 7.11
CA GLU A 609 -13.35 -28.28 7.21
C GLU A 609 -13.71 -28.20 8.69
N ASP A 610 -14.75 -27.45 9.00
CA ASP A 610 -15.11 -27.21 10.40
C ASP A 610 -15.30 -28.51 11.21
N LYS A 611 -15.76 -29.58 10.56
CA LYS A 611 -15.75 -30.93 11.17
C LYS A 611 -15.18 -31.99 10.22
N PRO A 612 -14.42 -32.95 10.77
CA PRO A 612 -13.78 -33.98 9.96
C PRO A 612 -14.80 -34.94 9.35
N LEU A 613 -14.34 -35.71 8.37
CA LEU A 613 -15.22 -36.64 7.69
C LEU A 613 -15.30 -37.98 8.43
N ALA A 614 -16.15 -38.86 7.92
CA ALA A 614 -16.35 -40.19 8.51
C ALA A 614 -15.10 -41.06 8.42
N ASN A 615 -14.31 -40.85 7.36
CA ASN A 615 -13.04 -41.56 7.14
C ASN A 615 -11.79 -40.89 7.74
N GLY A 616 -11.96 -40.00 8.73
CA GLY A 616 -10.84 -39.34 9.39
C GLY A 616 -10.18 -38.19 8.64
N CYS A 617 -10.68 -37.88 7.44
CA CYS A 617 -10.04 -36.86 6.61
C CYS A 617 -10.50 -35.50 7.06
N ALA A 618 -9.57 -34.57 7.23
CA ALA A 618 -9.91 -33.23 7.71
C ALA A 618 -10.88 -32.55 6.76
N GLY A 619 -10.80 -32.91 5.49
CA GLY A 619 -11.79 -32.44 4.53
C GLY A 619 -11.71 -33.17 3.23
N LYS A 620 -12.47 -32.67 2.25
CA LYS A 620 -12.49 -33.27 0.94
C LYS A 620 -11.41 -32.64 0.06
N PRO A 621 -10.90 -33.40 -0.91
CA PRO A 621 -9.95 -32.83 -1.85
C PRO A 621 -10.47 -31.55 -2.52
N ILE A 622 -9.63 -30.52 -2.52
CA ILE A 622 -9.96 -29.21 -3.09
C ILE A 622 -9.82 -29.26 -4.61
N VAL A 623 -10.67 -30.08 -5.24
CA VAL A 623 -10.55 -30.34 -6.67
C VAL A 623 -10.98 -29.14 -7.47
N GLU A 624 -11.85 -28.30 -6.88
CA GLU A 624 -12.43 -27.19 -7.63
C GLU A 624 -11.44 -26.07 -7.96
N ARG A 625 -10.29 -26.03 -7.29
CA ARG A 625 -9.21 -25.09 -7.63
C ARG A 625 -8.19 -25.65 -8.62
N GLY A 626 -8.58 -26.65 -9.40
CA GLY A 626 -7.72 -27.18 -10.44
C GLY A 626 -6.55 -28.03 -9.97
N LYS A 627 -5.86 -28.58 -10.96
CA LYS A 627 -4.76 -29.49 -10.75
C LYS A 627 -3.44 -28.72 -10.81
N GLY A 628 -2.41 -29.31 -10.21
CA GLY A 628 -1.06 -28.75 -10.21
C GLY A 628 -0.01 -29.79 -9.79
N PRO A 629 1.26 -29.38 -9.83
CA PRO A 629 2.37 -30.32 -9.61
C PRO A 629 2.33 -31.11 -8.30
N GLU A 630 1.77 -30.53 -7.26
CA GLU A 630 1.57 -31.21 -5.99
C GLU A 630 0.84 -32.55 -6.20
N GLY A 631 0.04 -32.64 -7.26
CA GLY A 631 -0.64 -33.87 -7.61
C GLY A 631 0.26 -35.08 -7.78
N TRP A 632 1.50 -34.87 -8.23
CA TRP A 632 2.42 -36.00 -8.43
C TRP A 632 3.51 -36.01 -7.38
N SER A 633 3.34 -35.24 -6.32
CA SER A 633 4.27 -35.28 -5.21
C SER A 633 4.23 -36.64 -4.48
N PRO A 634 3.03 -37.23 -4.34
CA PRO A 634 2.95 -38.57 -3.77
C PRO A 634 3.62 -39.64 -4.62
N LEU A 635 3.73 -39.41 -5.93
CA LEU A 635 4.45 -40.35 -6.79
C LEU A 635 5.95 -40.20 -6.56
N PHE A 636 6.41 -38.96 -6.55
CA PHE A 636 7.83 -38.68 -6.35
C PHE A 636 8.27 -39.19 -5.00
N ASN A 637 7.60 -38.74 -3.94
CA ASN A 637 8.02 -39.13 -2.57
C ASN A 637 7.65 -40.57 -2.22
N GLY A 638 6.93 -41.25 -3.10
CA GLY A 638 6.67 -42.69 -2.99
C GLY A 638 5.51 -43.03 -2.07
N ALA A 639 4.62 -42.07 -1.86
CA ALA A 639 3.44 -42.29 -1.05
C ALA A 639 2.35 -43.02 -1.83
N ALA A 640 2.34 -42.85 -3.14
CA ALA A 640 1.21 -43.32 -3.97
C ALA A 640 1.17 -44.85 -4.08
N THR A 641 -0.03 -45.38 -4.25
CA THR A 641 -0.18 -46.78 -4.61
C THR A 641 0.01 -46.90 -6.11
N GLN A 642 0.42 -48.07 -6.58
CA GLN A 642 0.61 -48.28 -8.01
C GLN A 642 -0.58 -47.79 -8.84
N ALA A 643 -1.79 -48.06 -8.35
CA ALA A 643 -3.00 -47.73 -9.10
C ALA A 643 -3.20 -46.23 -9.18
N ASN A 644 -3.17 -45.56 -8.03
CA ASN A 644 -3.35 -44.12 -8.00
C ASN A 644 -2.29 -43.45 -8.87
N ALA A 645 -1.06 -43.95 -8.79
CA ALA A 645 0.02 -43.44 -9.63
C ALA A 645 -0.25 -43.69 -11.11
N ASP A 646 -0.79 -44.86 -11.44
CA ASP A 646 -1.17 -45.14 -12.82
C ASP A 646 -2.08 -44.03 -13.37
N ALA A 647 -3.02 -43.60 -12.53
CA ALA A 647 -3.97 -42.57 -12.92
C ALA A 647 -3.30 -41.22 -13.11
N VAL A 648 -2.38 -40.88 -12.21
CA VAL A 648 -1.75 -39.57 -12.22
C VAL A 648 -0.88 -39.40 -13.47
N VAL A 649 -0.15 -40.44 -13.82
CA VAL A 649 0.62 -40.49 -15.07
C VAL A 649 -0.26 -40.33 -16.31
N LYS A 650 -1.48 -40.87 -16.28
CA LYS A 650 -2.42 -40.68 -17.40
C LYS A 650 -2.70 -39.19 -17.60
N VAL A 651 -2.91 -38.49 -16.50
CA VAL A 651 -3.18 -37.07 -16.53
C VAL A 651 -1.94 -36.31 -16.94
N MET A 652 -0.79 -36.67 -16.38
CA MET A 652 0.46 -35.98 -16.68
C MET A 652 0.79 -36.00 -18.17
N LEU A 653 0.57 -37.17 -18.78
CA LEU A 653 0.87 -37.38 -20.21
C LEU A 653 -0.19 -36.85 -21.16
N ASP A 654 -1.32 -36.36 -20.61
CA ASP A 654 -2.41 -35.82 -21.42
C ASP A 654 -2.06 -34.42 -21.95
N PRO A 655 -2.10 -34.22 -23.29
CA PRO A 655 -1.85 -32.91 -23.90
C PRO A 655 -2.77 -31.77 -23.42
N LYS A 656 -3.99 -32.11 -23.02
CA LYS A 656 -4.91 -31.10 -22.51
C LYS A 656 -4.69 -30.79 -21.02
N GLU A 657 -3.80 -31.53 -20.36
CA GLU A 657 -3.57 -31.34 -18.91
C GLU A 657 -2.19 -30.75 -18.61
N PHE A 658 -1.17 -31.61 -18.52
CA PHE A 658 0.20 -31.18 -18.20
C PHE A 658 1.20 -31.44 -19.34
N ASN A 659 0.81 -32.23 -20.33
CA ASN A 659 1.73 -32.54 -21.42
C ASN A 659 1.78 -31.48 -22.52
N THR A 660 2.36 -30.33 -22.21
CA THR A 660 2.42 -29.15 -23.09
C THR A 660 3.78 -28.99 -23.79
N PHE A 661 3.89 -27.94 -24.61
CA PHE A 661 5.14 -27.63 -25.34
C PHE A 661 6.34 -27.85 -24.43
N VAL A 662 6.31 -27.25 -23.24
CA VAL A 662 7.22 -27.64 -22.17
C VAL A 662 6.33 -28.28 -21.09
N PRO A 663 6.52 -29.59 -20.82
CA PRO A 663 5.61 -30.32 -19.94
C PRO A 663 5.72 -30.07 -18.44
N LEU A 664 4.70 -30.51 -17.73
CA LEU A 664 4.69 -30.56 -16.27
C LEU A 664 4.84 -29.19 -15.60
N GLY A 665 4.07 -28.24 -16.11
CA GLY A 665 4.03 -26.91 -15.54
C GLY A 665 3.33 -26.87 -14.20
N THR A 666 3.25 -25.68 -13.64
CA THR A 666 2.82 -25.51 -12.26
C THR A 666 1.32 -25.22 -12.12
N ALA A 667 0.57 -25.48 -13.19
CA ALA A 667 -0.89 -25.58 -13.16
C ALA A 667 -1.31 -26.20 -14.48
N ALA A 668 -2.23 -27.16 -14.46
CA ALA A 668 -2.73 -27.75 -15.72
C ALA A 668 -3.42 -26.70 -16.57
N LEU A 669 -3.58 -26.97 -17.86
CA LEU A 669 -4.33 -26.08 -18.76
C LEU A 669 -5.79 -25.95 -18.31
N THR A 670 -6.30 -27.00 -17.65
CA THR A 670 -7.67 -27.05 -17.11
C THR A 670 -7.84 -26.36 -15.75
N ASN A 671 -6.75 -25.92 -15.14
CA ASN A 671 -6.87 -25.16 -13.92
C ASN A 671 -7.69 -23.91 -14.18
N PRO A 672 -8.55 -23.51 -13.22
CA PRO A 672 -9.32 -22.28 -13.41
C PRO A 672 -8.46 -21.03 -13.39
N ALA A 673 -7.39 -21.07 -12.61
CA ALA A 673 -6.51 -19.92 -12.43
C ALA A 673 -5.34 -19.90 -13.42
N PHE A 674 -5.25 -20.92 -14.28
CA PHE A 674 -4.11 -21.06 -15.22
C PHE A 674 -3.73 -19.77 -15.97
N GLY A 675 -2.43 -19.53 -16.04
CA GLY A 675 -1.87 -18.44 -16.85
C GLY A 675 -0.48 -18.84 -17.28
N ALA A 676 -0.24 -18.86 -18.58
CA ALA A 676 1.01 -19.39 -19.15
C ALA A 676 2.26 -18.64 -18.69
N ASP A 677 2.14 -17.34 -18.43
CA ASP A 677 3.25 -16.51 -17.95
C ASP A 677 3.20 -16.23 -16.44
N ILE A 678 2.33 -16.92 -15.72
CA ILE A 678 2.26 -16.76 -14.28
C ILE A 678 3.20 -17.77 -13.61
N TYR A 679 4.06 -17.26 -12.73
CA TYR A 679 5.12 -18.05 -12.09
C TYR A 679 4.64 -19.37 -11.52
N TRP A 680 3.64 -19.34 -10.64
CA TRP A 680 3.19 -20.56 -9.96
C TRP A 680 1.80 -21.04 -10.39
N ARG A 681 1.29 -20.51 -11.50
CA ARG A 681 0.00 -20.93 -12.06
C ARG A 681 0.07 -21.27 -13.57
N GLY A 682 1.18 -21.87 -13.98
CA GLY A 682 1.34 -22.32 -15.35
C GLY A 682 2.78 -22.63 -15.72
N ARG A 683 3.70 -21.76 -15.30
CA ARG A 683 5.09 -21.83 -15.74
C ARG A 683 5.81 -23.09 -15.23
N VAL A 684 6.72 -23.60 -16.05
CA VAL A 684 7.41 -24.84 -15.75
C VAL A 684 8.66 -24.56 -14.94
N TRP A 685 8.74 -25.18 -13.77
CA TRP A 685 9.97 -25.15 -13.00
C TRP A 685 10.60 -26.52 -13.07
N VAL A 686 11.94 -26.52 -13.07
CA VAL A 686 12.72 -27.70 -13.43
C VAL A 686 12.70 -28.73 -12.32
N ASP A 687 12.63 -28.24 -11.08
CA ASP A 687 12.49 -29.12 -9.92
C ASP A 687 11.17 -29.89 -9.98
N GLN A 688 10.05 -29.18 -10.07
CA GLN A 688 8.75 -29.82 -10.22
C GLN A 688 8.77 -30.79 -11.39
N PHE A 689 9.25 -30.32 -12.54
CA PHE A 689 9.44 -31.15 -13.73
C PHE A 689 10.14 -32.47 -13.38
N TRP A 690 11.27 -32.33 -12.71
CA TRP A 690 12.11 -33.47 -12.34
C TRP A 690 11.48 -34.34 -11.25
N PHE A 691 10.82 -33.73 -10.27
CA PHE A 691 10.07 -34.49 -9.27
C PHE A 691 9.09 -35.37 -10.02
N GLY A 692 8.52 -34.83 -11.09
CA GLY A 692 7.53 -35.54 -11.88
C GLY A 692 8.13 -36.68 -12.67
N LEU A 693 9.29 -36.45 -13.26
CA LEU A 693 9.96 -37.48 -14.04
C LEU A 693 10.39 -38.66 -13.17
N LYS A 694 11.01 -38.34 -12.03
CA LYS A 694 11.35 -39.33 -11.00
C LYS A 694 10.13 -40.10 -10.56
N GLY A 695 9.02 -39.39 -10.42
CA GLY A 695 7.77 -39.98 -9.95
C GLY A 695 7.21 -41.01 -10.91
N MET A 696 7.19 -40.67 -12.20
CA MET A 696 6.80 -41.62 -13.23
C MET A 696 7.72 -42.82 -13.14
N GLU A 697 9.01 -42.56 -13.15
CA GLU A 697 10.00 -43.61 -13.15
C GLU A 697 9.75 -44.59 -12.01
N ARG A 698 9.63 -44.08 -10.79
CA ARG A 698 9.46 -44.92 -9.61
C ARG A 698 8.32 -45.95 -9.75
N TYR A 699 7.26 -45.59 -10.50
CA TYR A 699 6.14 -46.49 -10.73
C TYR A 699 6.11 -47.13 -12.14
N GLY A 700 7.29 -47.28 -12.74
CA GLY A 700 7.44 -48.09 -13.96
C GLY A 700 7.38 -47.37 -15.30
N TYR A 701 7.30 -46.04 -15.26
CA TYR A 701 7.12 -45.25 -16.45
C TYR A 701 8.42 -44.51 -16.82
N ARG A 702 9.53 -45.23 -16.85
CA ARG A 702 10.80 -44.60 -17.20
C ARG A 702 10.84 -44.13 -18.66
N ASP A 703 10.43 -44.99 -19.58
CA ASP A 703 10.42 -44.65 -21.00
C ASP A 703 9.55 -43.44 -21.34
N ASP A 704 8.51 -43.20 -20.54
CA ASP A 704 7.66 -42.03 -20.73
C ASP A 704 8.34 -40.76 -20.23
N ALA A 705 9.06 -40.88 -19.12
CA ALA A 705 9.84 -39.78 -18.59
C ALA A 705 10.93 -39.37 -19.57
N LEU A 706 11.66 -40.37 -20.08
CA LEU A 706 12.69 -40.15 -21.12
C LEU A 706 12.14 -39.39 -22.34
N LYS A 707 10.92 -39.71 -22.76
CA LYS A 707 10.26 -38.95 -23.83
C LYS A 707 10.13 -37.49 -23.44
N LEU A 708 9.43 -37.22 -22.33
CA LEU A 708 9.26 -35.86 -21.82
C LEU A 708 10.59 -35.13 -21.64
N ALA A 709 11.61 -35.82 -21.17
CA ALA A 709 12.93 -35.22 -21.08
C ALA A 709 13.40 -34.73 -22.45
N ASP A 710 13.14 -35.51 -23.50
CA ASP A 710 13.57 -35.12 -24.85
C ASP A 710 12.76 -33.95 -25.35
N THR A 711 11.52 -33.89 -24.94
CA THR A 711 10.68 -32.77 -25.27
C THR A 711 11.19 -31.53 -24.55
N PHE A 712 11.44 -31.66 -23.25
CA PHE A 712 11.94 -30.54 -22.47
C PHE A 712 13.19 -29.98 -23.13
N PHE A 713 14.05 -30.88 -23.57
CA PHE A 713 15.33 -30.51 -24.14
C PHE A 713 15.21 -29.77 -25.47
N ARG A 714 14.34 -30.26 -26.35
CA ARG A 714 14.10 -29.65 -27.67
C ARG A 714 13.36 -28.30 -27.63
N HIS A 715 12.62 -28.07 -26.54
CA HIS A 715 11.60 -27.02 -26.50
C HIS A 715 11.91 -25.86 -25.54
N ALA A 716 12.55 -26.15 -24.41
CA ALA A 716 12.88 -25.14 -23.38
C ALA A 716 13.91 -24.13 -23.88
N LYS A 717 13.55 -22.84 -23.93
CA LYS A 717 14.35 -21.87 -24.68
C LYS A 717 15.75 -21.63 -24.12
N GLY A 718 16.74 -21.61 -25.02
CA GLY A 718 18.11 -21.24 -24.68
C GLY A 718 18.94 -22.35 -24.04
N LEU A 719 18.33 -23.50 -23.81
CA LEU A 719 18.99 -24.59 -23.09
C LEU A 719 20.41 -24.90 -23.57
N THR A 720 20.64 -24.75 -24.88
CA THR A 720 21.97 -24.97 -25.46
C THR A 720 22.63 -23.70 -25.97
N ALA A 721 22.17 -22.54 -25.54
CA ALA A 721 22.86 -21.26 -25.76
C ALA A 721 23.82 -21.03 -24.59
N ASP A 722 24.41 -19.84 -24.54
CA ASP A 722 25.41 -19.50 -23.53
C ASP A 722 24.87 -18.50 -22.53
N GLY A 723 23.54 -18.46 -22.38
CA GLY A 723 22.91 -17.55 -21.44
C GLY A 723 22.86 -18.20 -20.08
N PRO A 724 22.73 -17.38 -19.02
CA PRO A 724 22.67 -17.89 -17.64
C PRO A 724 21.41 -18.71 -17.39
N ILE A 725 21.46 -19.63 -16.44
CA ILE A 725 20.30 -20.45 -16.07
C ILE A 725 19.30 -19.57 -15.35
N GLN A 726 18.03 -19.66 -15.73
CA GLN A 726 16.97 -18.85 -15.11
C GLN A 726 15.95 -19.73 -14.39
N GLU A 727 14.84 -19.13 -13.95
CA GLU A 727 13.96 -19.76 -12.96
C GLU A 727 12.92 -20.72 -13.55
N ASN A 728 12.24 -20.31 -14.62
CA ASN A 728 11.10 -21.07 -15.12
C ASN A 728 10.82 -20.82 -16.60
N TYR A 729 9.94 -21.64 -17.19
CA TYR A 729 9.53 -21.49 -18.58
C TYR A 729 8.01 -21.48 -18.73
N ASN A 730 7.53 -20.55 -19.54
CA ASN A 730 6.20 -20.59 -20.12
C ASN A 730 6.01 -21.97 -20.77
N PRO A 731 4.91 -22.66 -20.48
CA PRO A 731 4.73 -24.03 -20.99
C PRO A 731 4.28 -24.11 -22.44
N LEU A 732 3.74 -23.01 -22.98
CA LEU A 732 3.24 -22.98 -24.34
C LEU A 732 4.31 -22.55 -25.34
N THR A 733 5.20 -21.65 -24.90
CA THR A 733 6.16 -21.00 -25.81
C THR A 733 7.62 -21.35 -25.51
N GLY A 734 7.94 -21.60 -24.25
CA GLY A 734 9.30 -21.92 -23.81
C GLY A 734 10.10 -20.73 -23.27
N ALA A 735 9.61 -19.50 -23.42
CA ALA A 735 10.36 -18.35 -22.94
C ALA A 735 10.86 -18.62 -21.52
N GLN A 736 12.13 -18.25 -21.26
CA GLN A 736 12.65 -18.25 -19.91
C GLN A 736 12.23 -16.98 -19.20
N GLN A 737 12.30 -17.04 -17.89
CA GLN A 737 12.05 -15.90 -17.03
C GLN A 737 12.67 -16.16 -15.65
N GLY A 738 12.94 -15.10 -14.91
CA GLY A 738 13.48 -15.20 -13.56
C GLY A 738 14.96 -14.92 -13.57
N ALA A 739 15.55 -14.95 -12.39
CA ALA A 739 16.93 -14.52 -12.17
C ALA A 739 18.00 -15.35 -12.90
N PRO A 740 19.00 -14.68 -13.51
CA PRO A 740 20.12 -15.43 -14.07
C PRO A 740 20.91 -16.18 -12.98
N ASN A 741 21.49 -17.32 -13.36
CA ASN A 741 22.31 -18.14 -12.46
C ASN A 741 21.53 -18.67 -11.28
N PHE A 742 20.32 -19.16 -11.56
CA PHE A 742 19.42 -19.63 -10.53
C PHE A 742 19.82 -21.04 -10.17
N SER A 743 20.21 -21.20 -8.90
CA SER A 743 20.79 -22.43 -8.41
C SER A 743 19.93 -23.63 -8.66
N TRP A 744 18.70 -23.63 -8.16
CA TRP A 744 17.93 -24.88 -8.18
C TRP A 744 17.52 -25.33 -9.58
N SER A 745 17.52 -24.41 -10.54
CA SER A 745 17.38 -24.79 -11.94
C SER A 745 18.67 -25.48 -12.39
N ALA A 746 19.81 -24.98 -11.95
CA ALA A 746 21.09 -25.66 -12.16
C ALA A 746 21.13 -27.01 -11.45
N ALA A 747 20.74 -27.06 -10.18
CA ALA A 747 20.69 -28.33 -9.45
C ALA A 747 19.99 -29.36 -10.30
N HIS A 748 18.79 -29.00 -10.77
CA HIS A 748 17.91 -29.97 -11.40
C HIS A 748 18.13 -30.14 -12.91
N LEU A 749 18.64 -29.12 -13.58
CA LEU A 749 19.14 -29.29 -14.93
C LEU A 749 20.25 -30.33 -14.89
N TYR A 750 21.14 -30.20 -13.91
CA TYR A 750 22.24 -31.14 -13.74
C TYR A 750 21.72 -32.55 -13.55
N MET A 751 20.66 -32.72 -12.77
CA MET A 751 20.12 -34.05 -12.50
C MET A 751 19.29 -34.61 -13.65
N LEU A 752 18.66 -33.73 -14.43
CA LEU A 752 18.11 -34.15 -15.71
C LEU A 752 19.21 -34.71 -16.60
N TYR A 753 20.40 -34.12 -16.55
CA TYR A 753 21.56 -34.65 -17.29
C TYR A 753 21.92 -36.04 -16.76
N ASN A 754 21.85 -36.20 -15.45
CA ASN A 754 22.35 -37.40 -14.81
C ASN A 754 21.39 -38.56 -14.97
N ASP A 755 20.09 -38.28 -15.16
CA ASP A 755 19.04 -39.32 -15.10
C ASP A 755 18.24 -39.57 -16.36
N PHE A 756 17.97 -38.52 -17.15
CA PHE A 756 16.96 -38.60 -18.20
C PHE A 756 17.40 -38.13 -19.58
N PHE A 757 18.33 -37.17 -19.67
CA PHE A 757 18.80 -36.75 -20.98
C PHE A 757 19.55 -37.90 -21.65
N ARG A 758 19.46 -37.98 -22.97
CA ARG A 758 20.18 -38.99 -23.74
C ARG A 758 20.21 -38.67 -25.22
N LYS A 759 21.07 -39.39 -25.95
CA LYS A 759 21.12 -39.31 -27.40
C LYS A 759 19.84 -39.87 -27.95
N GLN A 760 19.15 -39.05 -28.76
CA GLN A 760 17.86 -39.43 -29.31
C GLN A 760 18.02 -40.06 -30.69
N ASN B 1 -40.17 35.99 -2.74
CA ASN B 1 -41.05 34.78 -2.80
C ASN B 1 -40.35 33.59 -3.45
N ALA B 2 -40.62 32.39 -2.92
CA ALA B 2 -39.96 31.17 -3.37
C ALA B 2 -40.19 30.85 -4.86
N ASP B 3 -41.32 31.27 -5.40
CA ASP B 3 -41.67 30.99 -6.80
C ASP B 3 -40.79 31.76 -7.82
N ASN B 4 -40.14 32.84 -7.40
CA ASN B 4 -39.22 33.58 -8.26
C ASN B 4 -37.88 32.85 -8.52
N TYR B 5 -37.72 31.65 -7.96
CA TYR B 5 -36.45 30.92 -7.97
C TYR B 5 -36.67 29.44 -8.32
N LYS B 6 -37.01 29.20 -9.59
CA LYS B 6 -37.29 27.86 -10.11
C LYS B 6 -36.02 27.23 -10.63
N ASN B 7 -35.76 25.99 -10.22
CA ASN B 7 -34.66 25.18 -10.74
C ASN B 7 -33.28 25.82 -10.56
N VAL B 8 -33.08 26.39 -9.37
CA VAL B 8 -31.80 26.98 -8.99
C VAL B 8 -30.69 25.93 -9.08
N ILE B 9 -30.96 24.71 -8.58
CA ILE B 9 -30.10 23.54 -8.81
C ILE B 9 -30.88 22.52 -9.63
N ASN B 10 -30.16 21.75 -10.45
CA ASN B 10 -30.77 20.70 -11.26
C ASN B 10 -30.99 19.46 -10.38
N ARG B 11 -32.25 19.28 -9.98
CA ARG B 11 -32.62 18.16 -9.11
C ARG B 11 -33.35 17.06 -9.87
N THR B 12 -33.13 17.02 -11.19
CA THR B 12 -33.68 15.97 -12.03
C THR B 12 -32.70 14.79 -12.08
N GLY B 13 -33.19 13.65 -12.58
CA GLY B 13 -32.37 12.45 -12.75
C GLY B 13 -33.07 11.13 -12.42
N ALA B 14 -32.51 10.05 -12.95
CA ALA B 14 -33.06 8.72 -12.83
C ALA B 14 -32.00 7.75 -12.34
N PRO B 15 -31.80 7.63 -11.00
CA PRO B 15 -30.73 6.76 -10.50
C PRO B 15 -30.93 5.30 -10.88
N GLN B 16 -29.87 4.65 -11.34
CA GLN B 16 -29.95 3.24 -11.74
C GLN B 16 -29.03 2.32 -10.94
N TYR B 17 -28.27 2.90 -10.02
CA TYR B 17 -27.30 2.16 -9.20
C TYR B 17 -27.40 2.67 -7.77
N MET B 18 -27.19 1.80 -6.79
CA MET B 18 -27.23 2.27 -5.42
C MET B 18 -26.26 3.43 -5.29
N LYS B 19 -25.07 3.24 -5.88
CA LYS B 19 -24.04 4.27 -5.94
C LYS B 19 -23.94 4.76 -7.37
N ASP B 20 -24.75 5.74 -7.75
CA ASP B 20 -24.68 6.33 -9.08
C ASP B 20 -23.70 7.50 -9.01
N TYR B 21 -22.42 7.17 -8.86
CA TYR B 21 -21.41 8.17 -8.52
C TYR B 21 -20.92 8.97 -9.73
N ASP B 22 -20.47 10.20 -9.47
CA ASP B 22 -19.71 10.96 -10.46
C ASP B 22 -18.22 10.61 -10.29
N TYR B 23 -17.36 11.18 -11.13
CA TYR B 23 -15.95 10.73 -11.23
C TYR B 23 -15.12 10.76 -9.92
N ASP B 24 -15.70 11.28 -8.85
CA ASP B 24 -15.03 11.35 -7.54
C ASP B 24 -15.72 10.56 -6.44
N ASP B 25 -16.71 9.74 -6.80
CA ASP B 25 -17.43 8.86 -5.86
C ASP B 25 -18.64 9.53 -5.21
N HIS B 26 -18.96 10.75 -5.62
CA HIS B 26 -20.11 11.49 -5.09
C HIS B 26 -21.32 11.16 -5.95
N GLN B 27 -22.53 11.21 -5.40
CA GLN B 27 -23.74 10.97 -6.19
C GLN B 27 -23.93 12.11 -7.20
N ARG B 28 -24.21 11.76 -8.44
CA ARG B 28 -24.24 12.75 -9.51
C ARG B 28 -25.60 13.37 -9.68
N PHE B 29 -26.46 13.18 -8.67
CA PHE B 29 -27.77 13.81 -8.62
C PHE B 29 -27.91 14.57 -7.31
N ASN B 30 -28.82 15.55 -7.30
CA ASN B 30 -28.94 16.49 -6.20
C ASN B 30 -30.34 16.44 -5.61
N PRO B 31 -30.58 15.47 -4.71
CA PRO B 31 -31.92 15.32 -4.21
C PRO B 31 -32.23 16.41 -3.19
N PHE B 32 -33.52 16.64 -3.02
CA PHE B 32 -34.03 17.70 -2.18
C PHE B 32 -34.29 17.15 -0.79
N PHE B 33 -33.59 17.72 0.21
CA PHE B 33 -33.77 17.35 1.61
C PHE B 33 -34.15 18.60 2.41
N ASP B 34 -34.81 18.42 3.56
CA ASP B 34 -35.32 19.54 4.34
C ASP B 34 -35.69 19.10 5.74
N LEU B 35 -35.86 20.08 6.63
CA LEU B 35 -36.19 19.84 8.06
C LEU B 35 -35.30 18.80 8.75
N GLY B 36 -34.14 18.54 8.16
CA GLY B 36 -33.20 17.58 8.74
C GLY B 36 -33.50 16.11 8.46
N ALA B 37 -34.36 15.87 7.48
CA ALA B 37 -34.78 14.51 7.18
C ALA B 37 -33.64 13.68 6.62
N TRP B 38 -33.83 12.37 6.68
CA TRP B 38 -32.80 11.43 6.25
C TRP B 38 -33.26 10.67 5.00
N HIS B 39 -33.98 11.37 4.14
CA HIS B 39 -34.27 10.88 2.82
C HIS B 39 -34.55 12.03 1.87
N GLY B 40 -34.27 11.78 0.59
CA GLY B 40 -34.29 12.81 -0.44
C GLY B 40 -34.99 12.33 -1.68
N HIS B 41 -35.43 13.30 -2.48
CA HIS B 41 -36.25 13.07 -3.66
C HIS B 41 -35.68 13.84 -4.84
N LEU B 42 -35.82 13.29 -6.04
CA LEU B 42 -35.45 13.96 -7.28
C LEU B 42 -36.67 14.23 -8.12
N LEU B 43 -36.59 15.23 -8.99
CA LEU B 43 -37.67 15.52 -9.94
C LEU B 43 -37.63 14.56 -11.11
N PRO B 44 -38.77 14.35 -11.78
CA PRO B 44 -38.78 13.53 -12.99
C PRO B 44 -38.13 14.23 -14.18
N ASP B 45 -37.20 13.54 -14.85
CA ASP B 45 -36.53 14.09 -16.03
C ASP B 45 -37.40 13.98 -17.28
N GLY B 46 -38.01 12.81 -17.47
CA GLY B 46 -38.81 12.52 -18.67
C GLY B 46 -39.94 11.52 -18.43
N PRO B 47 -40.65 11.13 -19.50
CA PRO B 47 -41.86 10.30 -19.39
C PRO B 47 -41.72 8.95 -18.69
N ASN B 48 -40.49 8.47 -18.50
CA ASN B 48 -40.28 7.22 -17.73
C ASN B 48 -40.44 7.45 -16.23
N THR B 49 -40.08 8.65 -15.77
CA THR B 49 -40.09 8.97 -14.34
C THR B 49 -41.28 9.84 -13.96
N MET B 50 -41.99 10.34 -14.99
CA MET B 50 -43.19 11.16 -14.84
C MET B 50 -44.28 10.40 -14.08
N GLY B 51 -45.01 11.11 -13.21
CA GLY B 51 -45.93 10.51 -12.25
C GLY B 51 -45.42 10.41 -10.83
N GLY B 52 -44.13 10.66 -10.61
CA GLY B 52 -43.58 10.64 -9.27
C GLY B 52 -42.27 11.39 -9.14
N PHE B 53 -41.66 11.26 -7.96
CA PHE B 53 -40.39 11.89 -7.67
C PHE B 53 -39.32 10.81 -7.49
N PRO B 54 -38.61 10.49 -8.59
CA PRO B 54 -37.72 9.34 -8.59
C PRO B 54 -36.52 9.53 -7.69
N GLY B 55 -35.78 8.46 -7.45
CA GLY B 55 -34.55 8.52 -6.70
C GLY B 55 -34.72 8.78 -5.23
N VAL B 56 -35.51 7.92 -4.59
CA VAL B 56 -35.52 7.84 -3.13
C VAL B 56 -34.09 7.71 -2.61
N ALA B 57 -33.58 8.78 -2.00
CA ALA B 57 -32.21 8.81 -1.46
C ALA B 57 -32.27 8.51 0.01
N LEU B 58 -31.73 7.37 0.43
CA LEU B 58 -31.66 7.04 1.85
C LEU B 58 -30.31 7.43 2.43
N LEU B 59 -30.32 8.13 3.55
CA LEU B 59 -29.10 8.46 4.28
C LEU B 59 -28.94 7.39 5.34
N THR B 60 -28.23 6.33 4.95
CA THR B 60 -28.06 5.13 5.76
C THR B 60 -26.96 5.40 6.77
N GLU B 61 -27.32 6.17 7.80
CA GLU B 61 -26.44 6.54 8.94
C GLU B 61 -25.26 7.49 8.67
N GLU B 62 -24.34 7.13 7.77
CA GLU B 62 -23.19 8.00 7.48
C GLU B 62 -22.92 8.17 5.97
N TYR B 63 -23.83 7.64 5.14
CA TYR B 63 -23.63 7.62 3.68
C TYR B 63 -24.95 7.84 2.94
N ILE B 64 -24.85 8.33 1.70
CA ILE B 64 -26.02 8.44 0.83
C ILE B 64 -26.05 7.29 -0.18
N ASN B 65 -27.12 6.50 -0.11
CA ASN B 65 -27.34 5.37 -0.99
C ASN B 65 -28.74 5.45 -1.52
N PHE B 66 -28.91 5.36 -2.84
CA PHE B 66 -30.24 5.36 -3.46
C PHE B 66 -30.93 4.03 -3.16
N MET B 67 -32.26 4.02 -3.32
CA MET B 67 -33.10 2.85 -3.00
C MET B 67 -33.88 2.36 -4.22
N ALA B 68 -34.34 3.31 -5.03
CA ALA B 68 -35.18 3.02 -6.18
C ALA B 68 -35.04 4.15 -7.17
N SER B 69 -35.26 3.86 -8.46
CA SER B 69 -35.43 4.94 -9.42
C SER B 69 -36.89 5.41 -9.35
N ASN B 70 -37.82 4.61 -9.87
CA ASN B 70 -39.23 4.94 -9.78
C ASN B 70 -39.85 4.25 -8.60
N PHE B 71 -40.47 5.05 -7.73
CA PHE B 71 -41.12 4.53 -6.53
C PHE B 71 -42.32 5.38 -6.16
N ASP B 72 -43.49 4.74 -6.22
CA ASP B 72 -44.79 5.39 -6.07
C ASP B 72 -45.09 6.39 -7.21
N ARG B 73 -44.63 6.06 -8.42
CA ARG B 73 -44.98 6.83 -9.62
C ARG B 73 -46.45 6.58 -9.95
N LEU B 74 -47.13 7.62 -10.41
CA LEU B 74 -48.57 7.54 -10.70
C LEU B 74 -48.82 7.44 -12.19
N THR B 75 -49.68 6.51 -12.57
CA THR B 75 -50.32 6.50 -13.89
C THR B 75 -51.83 6.54 -13.68
N VAL B 76 -52.52 7.15 -14.64
CA VAL B 76 -53.96 7.34 -14.57
C VAL B 76 -54.63 6.62 -15.74
N TRP B 77 -55.82 6.09 -15.48
CA TRP B 77 -56.58 5.33 -16.47
C TRP B 77 -58.07 5.70 -16.41
N GLN B 78 -58.62 6.15 -17.54
CA GLN B 78 -60.06 6.24 -17.72
C GLN B 78 -60.50 5.17 -18.72
N ASP B 79 -61.42 4.31 -18.28
CA ASP B 79 -61.91 3.19 -19.06
C ASP B 79 -60.77 2.30 -19.60
N GLY B 80 -59.91 1.84 -18.70
CA GLY B 80 -58.83 0.87 -19.01
C GLY B 80 -57.79 1.27 -20.05
N LYS B 81 -57.80 2.54 -20.45
CA LYS B 81 -56.84 3.11 -21.41
C LYS B 81 -56.11 4.22 -20.67
N LYS B 82 -54.77 4.21 -20.77
CA LYS B 82 -53.92 5.12 -19.99
C LYS B 82 -53.94 6.53 -20.57
N VAL B 83 -54.02 7.52 -19.69
CA VAL B 83 -54.09 8.92 -20.08
C VAL B 83 -52.71 9.42 -20.44
N ASP B 84 -52.62 10.10 -21.57
CA ASP B 84 -51.36 10.66 -22.07
C ASP B 84 -51.20 12.06 -21.48
N PHE B 85 -50.17 12.26 -20.66
CA PHE B 85 -49.91 13.56 -20.01
C PHE B 85 -48.70 14.27 -20.60
N THR B 86 -48.70 15.60 -20.48
CA THR B 86 -47.49 16.40 -20.70
C THR B 86 -46.97 16.93 -19.36
N LEU B 87 -45.69 17.27 -19.30
CA LEU B 87 -44.97 17.42 -18.03
C LEU B 87 -44.38 18.80 -17.76
N GLU B 88 -44.66 19.33 -16.57
CA GLU B 88 -44.00 20.53 -16.05
C GLU B 88 -43.39 20.15 -14.69
N ALA B 89 -42.07 20.23 -14.59
CA ALA B 89 -41.34 19.72 -13.44
C ALA B 89 -40.30 20.72 -12.94
N TYR B 90 -40.63 21.41 -11.84
CA TYR B 90 -39.72 22.40 -11.27
C TYR B 90 -39.54 22.22 -9.76
N SER B 91 -38.32 22.54 -9.31
CA SER B 91 -38.02 22.73 -7.89
C SER B 91 -38.06 24.22 -7.52
N ILE B 92 -38.53 24.51 -6.31
CA ILE B 92 -38.38 25.84 -5.72
C ILE B 92 -37.76 25.69 -4.34
N PRO B 93 -37.28 26.82 -3.76
CA PRO B 93 -36.84 26.77 -2.36
C PRO B 93 -37.91 26.16 -1.46
N GLY B 94 -37.61 24.98 -0.93
CA GLY B 94 -38.46 24.29 0.04
C GLY B 94 -39.41 23.25 -0.51
N ALA B 95 -39.42 23.03 -1.83
CA ALA B 95 -40.40 22.12 -2.43
C ALA B 95 -40.03 21.60 -3.81
N LEU B 96 -40.69 20.52 -4.20
CA LEU B 96 -40.66 20.03 -5.57
C LEU B 96 -42.10 19.96 -6.06
N VAL B 97 -42.35 20.56 -7.23
CA VAL B 97 -43.66 20.59 -7.82
C VAL B 97 -43.60 19.79 -9.08
N GLN B 98 -44.75 19.25 -9.49
CA GLN B 98 -44.88 18.50 -10.72
C GLN B 98 -46.31 18.62 -11.16
N LYS B 99 -46.53 18.95 -12.43
CA LYS B 99 -47.88 19.09 -12.98
C LYS B 99 -48.04 18.22 -14.22
N LEU B 100 -49.03 17.35 -14.19
CA LEU B 100 -49.36 16.51 -15.35
C LEU B 100 -50.58 17.09 -16.02
N THR B 101 -50.45 17.40 -17.31
CA THR B 101 -51.51 18.05 -18.07
C THR B 101 -52.02 17.12 -19.19
N ALA B 102 -53.33 16.94 -19.23
CA ALA B 102 -54.02 16.30 -20.36
C ALA B 102 -55.32 17.05 -20.65
N LYS B 103 -56.10 16.55 -21.60
CA LYS B 103 -57.29 17.26 -22.10
C LYS B 103 -58.43 17.36 -21.07
N ASP B 104 -58.78 16.23 -20.45
CA ASP B 104 -59.88 16.20 -19.46
C ASP B 104 -59.45 15.70 -18.07
N VAL B 105 -58.13 15.63 -17.84
CA VAL B 105 -57.59 15.25 -16.54
C VAL B 105 -56.27 15.98 -16.27
N GLN B 106 -56.17 16.65 -15.11
CA GLN B 106 -54.91 17.29 -14.69
C GLN B 106 -54.54 16.89 -13.25
N VAL B 107 -53.29 16.51 -13.03
CA VAL B 107 -52.78 16.24 -11.69
C VAL B 107 -51.86 17.38 -11.31
N GLU B 108 -51.86 17.76 -10.04
CA GLU B 108 -50.86 18.71 -9.54
C GLU B 108 -50.28 18.18 -8.23
N MET B 109 -49.01 17.81 -8.28
CA MET B 109 -48.33 17.24 -7.14
C MET B 109 -47.36 18.23 -6.49
N THR B 110 -47.41 18.31 -5.16
CA THR B 110 -46.51 19.17 -4.39
C THR B 110 -45.89 18.37 -3.27
N LEU B 111 -44.56 18.25 -3.30
CA LEU B 111 -43.83 17.51 -2.32
C LEU B 111 -43.05 18.46 -1.42
N ARG B 112 -43.38 18.48 -0.15
CA ARG B 112 -42.66 19.24 0.86
C ARG B 112 -42.38 18.37 2.07
N PHE B 113 -41.52 18.87 2.94
CA PHE B 113 -41.18 18.13 4.14
C PHE B 113 -42.06 18.54 5.30
N ALA B 114 -42.36 17.55 6.14
CA ALA B 114 -43.29 17.71 7.24
C ALA B 114 -42.64 17.53 8.61
N THR B 115 -41.79 16.52 8.75
CA THR B 115 -41.13 16.21 10.02
C THR B 115 -39.66 15.96 9.76
N PRO B 116 -38.83 15.80 10.83
CA PRO B 116 -37.44 15.35 10.67
C PRO B 116 -37.24 13.95 10.07
N ARG B 117 -38.34 13.23 9.79
CA ARG B 117 -38.29 11.91 9.14
C ARG B 117 -39.29 11.70 8.01
N THR B 118 -40.07 12.71 7.66
CA THR B 118 -41.21 12.50 6.76
C THR B 118 -41.39 13.64 5.79
N SER B 119 -41.39 13.32 4.50
CA SER B 119 -41.81 14.26 3.48
C SER B 119 -43.29 14.01 3.19
N LEU B 120 -43.97 15.01 2.66
CA LEU B 120 -45.39 14.93 2.36
C LEU B 120 -45.67 15.36 0.94
N LEU B 121 -46.49 14.59 0.25
CA LEU B 121 -46.83 14.82 -1.16
C LEU B 121 -48.31 15.07 -1.28
N GLU B 122 -48.68 16.21 -1.86
CA GLU B 122 -50.07 16.51 -2.18
C GLU B 122 -50.31 16.09 -3.62
N THR B 123 -51.36 15.30 -3.85
CA THR B 123 -51.74 14.91 -5.20
C THR B 123 -53.15 15.43 -5.48
N LYS B 124 -53.21 16.53 -6.25
CA LYS B 124 -54.48 17.19 -6.62
C LYS B 124 -54.93 16.71 -7.98
N ILE B 125 -56.04 15.96 -8.03
CA ILE B 125 -56.47 15.32 -9.26
C ILE B 125 -57.78 15.94 -9.75
N THR B 126 -57.74 16.47 -10.97
CA THR B 126 -58.87 17.15 -11.59
C THR B 126 -59.38 16.26 -12.73
N SER B 127 -60.69 16.04 -12.75
CA SER B 127 -61.34 15.18 -13.72
C SER B 127 -62.86 15.34 -13.62
N ASN B 128 -63.53 15.18 -14.76
CA ASN B 128 -65.00 15.17 -14.76
C ASN B 128 -65.55 13.74 -14.61
N LYS B 129 -64.76 12.74 -15.03
CA LYS B 129 -65.15 11.34 -14.92
C LYS B 129 -64.41 10.65 -13.78
N PRO B 130 -64.91 9.50 -13.32
CA PRO B 130 -64.15 8.69 -12.37
C PRO B 130 -62.92 8.10 -13.04
N LEU B 131 -61.89 7.85 -12.24
CA LEU B 131 -60.58 7.41 -12.73
C LEU B 131 -60.11 6.17 -11.98
N ASP B 132 -59.25 5.39 -12.64
CA ASP B 132 -58.48 4.33 -11.98
C ASP B 132 -57.05 4.82 -11.82
N LEU B 133 -56.50 4.58 -10.62
CA LEU B 133 -55.14 4.99 -10.28
C LEU B 133 -54.24 3.77 -10.13
N VAL B 134 -53.00 3.93 -10.57
CA VAL B 134 -51.98 2.91 -10.37
C VAL B 134 -50.68 3.59 -9.99
N TRP B 135 -50.14 3.22 -8.83
CA TRP B 135 -48.79 3.60 -8.45
C TRP B 135 -47.91 2.38 -8.51
N ASP B 136 -46.76 2.50 -9.15
CA ASP B 136 -45.84 1.39 -9.27
C ASP B 136 -44.50 1.83 -8.71
N GLY B 137 -43.64 0.87 -8.38
CA GLY B 137 -42.28 1.18 -7.98
C GLY B 137 -41.35 -0.02 -7.94
N GLU B 138 -40.07 0.21 -8.19
CA GLU B 138 -39.07 -0.86 -8.12
C GLU B 138 -37.88 -0.43 -7.27
N LEU B 139 -37.43 -1.32 -6.40
CA LEU B 139 -36.13 -1.15 -5.78
C LEU B 139 -35.11 -1.25 -6.89
N LEU B 140 -33.88 -0.81 -6.64
CA LEU B 140 -32.82 -0.95 -7.63
C LEU B 140 -32.17 -2.31 -7.46
N GLU B 141 -31.38 -2.70 -8.46
CA GLU B 141 -30.65 -3.98 -8.44
C GLU B 141 -29.12 -3.80 -8.48
N LYS B 142 -28.64 -2.95 -9.40
CA LYS B 142 -27.21 -2.78 -9.66
C LYS B 142 -26.56 -1.83 -8.67
N LEU B 143 -25.24 -2.00 -8.49
CA LEU B 143 -24.54 -1.44 -7.31
C LEU B 143 -23.74 -0.17 -7.52
N GLU B 144 -22.89 -0.14 -8.54
CA GLU B 144 -21.89 0.92 -8.65
C GLU B 144 -21.65 1.38 -10.08
N ALA B 145 -21.67 2.70 -10.28
CA ALA B 145 -21.34 3.28 -11.58
C ALA B 145 -20.59 4.60 -11.41
N LYS B 146 -19.82 4.96 -12.43
CA LYS B 146 -19.16 6.26 -12.51
C LYS B 146 -19.66 7.00 -13.74
N GLU B 147 -20.40 8.08 -13.52
CA GLU B 147 -21.01 8.87 -14.59
C GLU B 147 -21.78 7.99 -15.58
N GLY B 148 -22.56 7.07 -15.04
CA GLY B 148 -23.43 6.21 -15.83
C GLY B 148 -22.74 5.06 -16.53
N LYS B 149 -21.61 4.61 -15.98
CA LYS B 149 -20.96 3.39 -16.47
C LYS B 149 -20.67 2.44 -15.33
N PRO B 150 -21.22 1.21 -15.39
CA PRO B 150 -21.03 0.33 -14.25
C PRO B 150 -19.56 0.13 -13.97
N LEU B 151 -19.18 0.16 -12.71
CA LEU B 151 -17.81 -0.21 -12.36
C LEU B 151 -17.71 -1.73 -12.41
N SER B 152 -18.85 -2.42 -12.28
CA SER B 152 -18.89 -3.88 -12.25
C SER B 152 -20.30 -4.37 -12.50
N ASP B 153 -20.46 -5.69 -12.58
CA ASP B 153 -21.79 -6.33 -12.72
C ASP B 153 -22.35 -6.80 -11.36
N LYS B 154 -21.80 -6.24 -10.27
CA LYS B 154 -22.18 -6.61 -8.91
C LYS B 154 -23.55 -6.05 -8.57
N THR B 155 -24.43 -6.88 -8.04
CA THR B 155 -25.77 -6.42 -7.66
C THR B 155 -25.69 -5.94 -6.23
N ILE B 156 -26.74 -5.28 -5.77
CA ILE B 156 -26.79 -4.81 -4.40
C ILE B 156 -26.98 -6.00 -3.46
N ALA B 157 -27.69 -7.02 -3.92
CA ALA B 157 -28.00 -8.18 -3.09
C ALA B 157 -26.79 -9.11 -2.94
N GLY B 158 -26.00 -9.21 -4.00
CA GLY B 158 -24.75 -9.94 -3.96
C GLY B 158 -23.73 -9.33 -3.00
N GLU B 159 -23.53 -8.01 -3.09
CA GLU B 159 -22.54 -7.32 -2.26
C GLU B 159 -22.93 -7.27 -0.77
N TYR B 160 -24.21 -7.04 -0.50
CA TYR B 160 -24.73 -7.03 0.88
C TYR B 160 -25.89 -8.04 0.93
N PRO B 161 -25.57 -9.31 1.23
CA PRO B 161 -26.60 -10.36 1.24
C PRO B 161 -27.41 -10.42 2.53
N ASP B 162 -26.98 -9.74 3.58
CA ASP B 162 -27.81 -9.59 4.79
C ASP B 162 -28.69 -8.33 4.78
N TYR B 163 -28.65 -7.56 3.69
CA TYR B 163 -29.45 -6.33 3.53
C TYR B 163 -30.92 -6.75 3.36
N GLN B 164 -31.15 -7.72 2.46
CA GLN B 164 -32.43 -8.43 2.39
C GLN B 164 -33.61 -7.47 2.35
N ARG B 165 -33.64 -6.64 1.33
CA ARG B 165 -34.70 -5.67 1.17
C ARG B 165 -36.01 -6.37 0.89
N LYS B 166 -37.10 -5.88 1.49
CA LYS B 166 -38.41 -6.51 1.36
C LYS B 166 -39.52 -5.46 1.31
N ILE B 167 -40.44 -5.60 0.37
CA ILE B 167 -41.60 -4.71 0.24
C ILE B 167 -42.85 -5.48 0.58
N SER B 168 -43.61 -4.97 1.55
CA SER B 168 -44.85 -5.57 2.00
C SER B 168 -45.93 -4.50 2.03
N ALA B 169 -47.17 -4.91 1.75
CA ALA B 169 -48.34 -4.03 1.79
C ALA B 169 -48.81 -3.72 3.21
N THR B 170 -49.57 -2.62 3.32
CA THR B 170 -50.25 -2.26 4.56
C THR B 170 -51.58 -1.62 4.18
N ARG B 171 -52.57 -1.72 5.07
CA ARG B 171 -53.86 -1.07 4.89
C ARG B 171 -53.77 0.21 4.05
N ASP B 172 -52.87 1.12 4.43
CA ASP B 172 -52.78 2.46 3.84
C ASP B 172 -51.51 2.72 3.02
N GLY B 173 -50.91 1.65 2.50
CA GLY B 173 -49.84 1.80 1.54
C GLY B 173 -48.91 0.61 1.45
N LEU B 174 -47.65 0.84 1.80
CA LEU B 174 -46.66 -0.21 1.81
C LEU B 174 -45.48 0.21 2.68
N LYS B 175 -44.62 -0.76 2.96
CA LYS B 175 -43.37 -0.46 3.64
C LYS B 175 -42.24 -1.32 3.06
N VAL B 176 -41.05 -0.76 3.00
CA VAL B 176 -39.86 -1.52 2.65
C VAL B 176 -39.08 -1.69 3.94
N THR B 177 -38.52 -2.87 4.17
CA THR B 177 -37.71 -3.13 5.37
C THR B 177 -36.32 -3.56 4.96
N PHE B 178 -35.34 -3.30 5.83
CA PHE B 178 -33.95 -3.59 5.53
C PHE B 178 -33.28 -4.35 6.68
N GLY B 179 -32.48 -5.35 6.33
CA GLY B 179 -31.70 -6.08 7.31
C GLY B 179 -30.44 -5.35 7.70
N LYS B 180 -29.75 -5.92 8.70
CA LYS B 180 -28.60 -5.30 9.33
C LYS B 180 -27.32 -5.47 8.50
N VAL B 181 -26.77 -4.34 8.07
CA VAL B 181 -25.52 -4.30 7.29
C VAL B 181 -24.57 -3.33 7.98
N ARG B 182 -23.43 -3.82 8.42
CA ARG B 182 -22.44 -2.96 9.05
C ARG B 182 -21.25 -2.76 8.10
N ALA B 183 -21.55 -2.35 6.88
CA ALA B 183 -20.51 -2.05 5.89
C ALA B 183 -20.00 -0.64 6.18
N THR B 184 -18.92 -0.60 6.95
CA THR B 184 -18.43 0.60 7.61
C THR B 184 -18.24 1.81 6.71
N TRP B 185 -17.81 1.55 5.48
CA TRP B 185 -17.43 2.59 4.53
C TRP B 185 -18.46 2.77 3.43
N ASP B 186 -19.60 2.07 3.53
CA ASP B 186 -20.51 1.94 2.41
C ASP B 186 -22.00 1.93 2.76
N LEU B 187 -22.38 1.17 3.79
CA LEU B 187 -23.79 0.90 4.08
C LEU B 187 -24.01 0.51 5.52
N LEU B 188 -24.96 1.19 6.17
CA LEU B 188 -25.16 1.06 7.61
C LEU B 188 -26.64 1.12 7.97
N THR B 189 -27.13 -0.01 8.47
CA THR B 189 -28.52 -0.17 8.87
C THR B 189 -28.51 -0.90 10.20
N SER B 190 -29.51 -0.58 11.03
CA SER B 190 -29.67 -1.16 12.36
C SER B 190 -30.30 -2.53 12.33
N GLY B 191 -30.99 -2.85 11.23
CA GLY B 191 -31.74 -4.09 11.09
C GLY B 191 -33.24 -3.89 11.30
N GLU B 192 -33.61 -2.72 11.83
CA GLU B 192 -35.01 -2.40 12.11
C GLU B 192 -35.51 -1.21 11.28
N SER B 193 -34.65 -0.65 10.44
CA SER B 193 -35.00 0.55 9.67
C SER B 193 -35.98 0.21 8.57
N GLU B 194 -36.84 1.17 8.22
CA GLU B 194 -37.87 0.99 7.19
C GLU B 194 -38.03 2.26 6.37
N TYR B 195 -38.69 2.13 5.22
CA TYR B 195 -39.12 3.25 4.41
C TYR B 195 -40.60 3.07 4.18
N GLN B 196 -41.41 3.97 4.73
CA GLN B 196 -42.85 3.78 4.81
C GLN B 196 -43.64 4.73 3.92
N VAL B 197 -44.70 4.19 3.33
CA VAL B 197 -45.65 4.97 2.54
C VAL B 197 -47.00 4.81 3.23
N HIS B 198 -47.63 5.93 3.52
CA HIS B 198 -48.98 5.98 4.06
C HIS B 198 -49.73 6.98 3.19
N LYS B 199 -51.01 6.72 2.96
CA LYS B 199 -51.82 7.59 2.14
C LYS B 199 -53.17 7.88 2.79
N SER B 200 -53.83 8.94 2.34
CA SER B 200 -55.10 9.39 2.89
C SER B 200 -56.29 8.62 2.31
N LEU B 201 -56.08 7.34 2.03
CA LEU B 201 -57.02 6.58 1.18
C LEU B 201 -56.57 5.13 1.14
N PRO B 202 -57.52 4.18 1.21
CA PRO B 202 -57.14 2.79 1.00
C PRO B 202 -56.71 2.48 -0.45
N VAL B 203 -55.61 1.76 -0.58
CA VAL B 203 -55.13 1.27 -1.87
C VAL B 203 -54.88 -0.24 -1.74
N GLN B 204 -55.04 -0.97 -2.84
CA GLN B 204 -54.80 -2.41 -2.88
C GLN B 204 -53.39 -2.64 -3.42
N THR B 205 -52.48 -3.03 -2.54
CA THR B 205 -51.08 -3.17 -2.89
C THR B 205 -50.72 -4.63 -3.15
N GLU B 206 -50.06 -4.85 -4.29
CA GLU B 206 -49.67 -6.17 -4.75
C GLU B 206 -48.15 -6.17 -5.01
N ILE B 207 -47.42 -7.12 -4.42
CA ILE B 207 -45.95 -7.15 -4.53
C ILE B 207 -45.42 -8.30 -5.38
N ASN B 208 -44.58 -7.99 -6.35
CA ASN B 208 -43.89 -8.97 -7.17
C ASN B 208 -42.36 -8.85 -7.03
N GLY B 209 -41.81 -9.41 -5.96
CA GLY B 209 -40.37 -9.33 -5.68
C GLY B 209 -39.91 -7.96 -5.17
N ASN B 210 -39.29 -7.18 -6.06
CA ASN B 210 -38.88 -5.81 -5.75
C ASN B 210 -39.73 -4.75 -6.46
N ARG B 211 -40.69 -5.20 -7.26
CA ARG B 211 -41.70 -4.33 -7.82
C ARG B 211 -42.92 -4.35 -6.90
N PHE B 212 -43.60 -3.21 -6.77
CA PHE B 212 -44.92 -3.16 -6.16
C PHE B 212 -45.86 -2.42 -7.09
N THR B 213 -47.14 -2.72 -6.99
CA THR B 213 -48.19 -2.05 -7.75
C THR B 213 -49.36 -1.84 -6.83
N SER B 214 -49.84 -0.59 -6.75
CA SER B 214 -50.92 -0.23 -5.85
C SER B 214 -52.06 0.35 -6.65
N LYS B 215 -53.27 -0.13 -6.41
CA LYS B 215 -54.45 0.28 -7.17
C LYS B 215 -55.46 0.99 -6.28
N ALA B 216 -56.08 2.02 -6.85
CA ALA B 216 -57.23 2.68 -6.24
C ALA B 216 -58.12 3.27 -7.33
N HIS B 217 -59.40 3.44 -7.00
CA HIS B 217 -60.40 4.01 -7.91
C HIS B 217 -61.04 5.22 -7.23
N ILE B 218 -61.21 6.30 -7.98
CA ILE B 218 -61.86 7.51 -7.46
C ILE B 218 -63.04 7.88 -8.35
N ASN B 219 -64.05 8.52 -7.76
CA ASN B 219 -65.30 8.81 -8.47
C ASN B 219 -65.31 10.19 -9.14
N GLY B 220 -64.14 10.72 -9.46
CA GLY B 220 -64.00 12.07 -10.05
C GLY B 220 -62.95 12.91 -9.35
N SER B 221 -62.96 14.22 -9.61
CA SER B 221 -62.03 15.16 -8.96
C SER B 221 -61.82 14.86 -7.47
N THR B 222 -60.57 14.68 -7.07
CA THR B 222 -60.23 14.63 -5.65
C THR B 222 -58.80 15.11 -5.41
N THR B 223 -58.45 15.18 -4.13
CA THR B 223 -57.11 15.52 -3.70
C THR B 223 -56.74 14.50 -2.63
N LEU B 224 -55.54 13.91 -2.73
CA LEU B 224 -55.11 12.96 -1.72
C LEU B 224 -53.71 13.26 -1.24
N TYR B 225 -53.37 12.64 -0.12
CA TYR B 225 -52.14 12.94 0.59
C TYR B 225 -51.38 11.65 0.90
N THR B 226 -50.08 11.72 0.65
CA THR B 226 -49.14 10.61 0.79
C THR B 226 -47.93 11.11 1.54
N THR B 227 -47.55 10.40 2.60
CA THR B 227 -46.32 10.68 3.34
C THR B 227 -45.26 9.64 3.00
N TYR B 228 -43.99 10.05 3.00
CA TYR B 228 -42.86 9.15 2.82
C TYR B 228 -41.94 9.29 4.02
N SER B 229 -41.56 8.18 4.66
CA SER B 229 -40.76 8.23 5.89
C SER B 229 -39.61 7.23 5.90
N HIS B 230 -38.38 7.72 5.89
CA HIS B 230 -37.22 6.88 6.17
C HIS B 230 -36.95 6.92 7.66
N LEU B 231 -37.16 5.78 8.32
CA LEU B 231 -37.05 5.66 9.78
C LEU B 231 -35.93 4.68 10.09
N LEU B 232 -35.02 5.05 11.01
CA LEU B 232 -33.73 4.33 11.14
C LEU B 232 -33.65 3.34 12.30
N THR B 233 -34.42 3.57 13.37
CA THR B 233 -34.46 2.63 14.49
C THR B 233 -35.90 2.22 14.80
N ALA B 234 -36.05 1.18 15.63
CA ALA B 234 -37.38 0.69 16.02
C ALA B 234 -38.24 1.78 16.69
N GLN B 235 -37.59 2.63 17.46
CA GLN B 235 -38.27 3.68 18.23
C GLN B 235 -38.76 4.78 17.29
N GLU B 236 -37.97 5.08 16.27
CA GLU B 236 -38.34 6.09 15.26
C GLU B 236 -39.57 5.66 14.48
N VAL B 237 -39.71 4.36 14.25
CA VAL B 237 -40.90 3.80 13.63
C VAL B 237 -42.09 3.99 14.57
N SER B 238 -41.94 3.63 15.85
CA SER B 238 -43.01 3.81 16.83
C SER B 238 -43.38 5.30 16.94
N LYS B 239 -42.37 6.13 17.20
CA LYS B 239 -42.58 7.58 17.31
C LYS B 239 -43.33 8.22 16.12
N GLU B 240 -43.04 7.77 14.90
CA GLU B 240 -43.50 8.49 13.71
C GLU B 240 -44.98 8.27 13.37
N GLN B 241 -45.54 7.12 13.72
CA GLN B 241 -46.92 6.80 13.35
C GLN B 241 -47.89 7.93 13.69
N MET B 242 -47.82 8.43 14.93
CA MET B 242 -48.75 9.47 15.41
C MET B 242 -48.65 10.74 14.56
N GLN B 243 -47.45 11.02 14.09
CA GLN B 243 -47.19 12.21 13.30
C GLN B 243 -47.61 12.03 11.85
N ILE B 244 -47.47 10.81 11.33
CA ILE B 244 -48.01 10.47 10.03
C ILE B 244 -49.54 10.64 10.06
N ARG B 245 -50.15 10.20 11.15
CA ARG B 245 -51.60 10.30 11.30
C ARG B 245 -52.03 11.77 11.36
N ASP B 246 -51.30 12.55 12.14
CA ASP B 246 -51.58 13.97 12.26
C ASP B 246 -51.31 14.71 10.94
N ILE B 247 -50.32 14.23 10.18
CA ILE B 247 -50.03 14.81 8.88
C ILE B 247 -51.21 14.58 7.92
N LEU B 248 -51.71 13.34 7.89
CA LEU B 248 -52.84 13.00 7.02
C LEU B 248 -54.13 13.64 7.48
N ALA B 249 -54.19 14.07 8.74
CA ALA B 249 -55.35 14.76 9.29
C ALA B 249 -55.35 16.24 8.91
N ARG B 250 -54.21 16.92 9.04
CA ARG B 250 -54.12 18.35 8.70
C ARG B 250 -52.95 18.63 7.77
N PRO B 251 -53.02 18.10 6.54
CA PRO B 251 -51.89 18.25 5.62
C PRO B 251 -51.59 19.71 5.29
N ALA B 252 -52.62 20.51 5.02
CA ALA B 252 -52.43 21.90 4.63
C ALA B 252 -51.70 22.72 5.69
N PHE B 253 -51.87 22.35 6.96
CA PHE B 253 -51.10 22.95 8.06
C PHE B 253 -49.61 22.75 7.80
N TYR B 254 -49.23 21.50 7.53
CA TYR B 254 -47.84 21.14 7.29
C TYR B 254 -47.33 21.73 5.98
N LEU B 255 -48.13 21.69 4.92
CA LEU B 255 -47.80 22.38 3.67
C LEU B 255 -47.59 23.89 3.88
N THR B 256 -48.37 24.49 4.77
CA THR B 256 -48.22 25.91 5.08
C THR B 256 -46.94 26.18 5.88
N ALA B 257 -46.72 25.39 6.95
CA ALA B 257 -45.56 25.57 7.84
C ALA B 257 -44.27 25.61 7.02
N SER B 258 -44.20 24.71 6.05
CA SER B 258 -43.08 24.63 5.15
C SER B 258 -42.92 25.91 4.36
N GLN B 259 -43.91 26.27 3.56
CA GLN B 259 -43.79 27.46 2.72
C GLN B 259 -43.44 28.73 3.54
N GLN B 260 -44.09 28.90 4.70
CA GLN B 260 -43.79 30.05 5.55
C GLN B 260 -42.37 30.06 6.09
N ARG B 261 -41.96 28.95 6.72
CA ARG B 261 -40.58 28.81 7.22
C ARG B 261 -39.57 29.17 6.13
N TRP B 262 -39.86 28.79 4.90
CA TRP B 262 -38.98 29.08 3.77
C TRP B 262 -39.00 30.55 3.34
N GLU B 263 -40.19 31.15 3.22
CA GLU B 263 -40.29 32.58 2.90
C GLU B 263 -39.44 33.41 3.87
N GLU B 264 -39.39 32.95 5.13
CA GLU B 264 -38.61 33.57 6.21
C GLU B 264 -37.11 33.50 5.90
N TYR B 265 -36.64 32.30 5.53
CA TYR B 265 -35.25 32.07 5.13
C TYR B 265 -34.87 33.05 4.02
N LEU B 266 -35.75 33.21 3.04
CA LEU B 266 -35.52 34.17 1.95
C LEU B 266 -35.51 35.61 2.46
N LYS B 267 -36.48 35.94 3.30
CA LYS B 267 -36.62 37.31 3.81
C LYS B 267 -35.38 37.79 4.55
N LYS B 268 -34.88 36.95 5.46
CA LYS B 268 -33.69 37.28 6.29
C LYS B 268 -32.37 37.19 5.52
N GLY B 269 -32.33 36.32 4.53
CA GLY B 269 -31.09 35.99 3.83
C GLY B 269 -30.74 36.96 2.73
N LEU B 270 -31.76 37.47 2.04
CA LEU B 270 -31.57 38.25 0.82
C LEU B 270 -31.67 39.74 1.15
N THR B 271 -30.60 40.24 1.76
CA THR B 271 -30.59 41.56 2.36
C THR B 271 -29.76 42.56 1.58
N ASN B 272 -29.16 42.13 0.47
CA ASN B 272 -28.33 42.97 -0.38
C ASN B 272 -29.15 43.59 -1.50
N PRO B 273 -29.63 44.83 -1.30
CA PRO B 273 -30.50 45.44 -2.31
C PRO B 273 -29.76 45.90 -3.57
N ASP B 274 -28.44 45.70 -3.62
CA ASP B 274 -27.61 46.11 -4.76
C ASP B 274 -27.07 44.92 -5.55
N ALA B 275 -27.36 43.71 -5.09
CA ALA B 275 -26.98 42.52 -5.82
C ALA B 275 -27.79 42.48 -7.11
N THR B 276 -27.23 41.86 -8.13
CA THR B 276 -27.97 41.59 -9.36
C THR B 276 -28.87 40.37 -9.10
N PRO B 277 -29.77 40.07 -10.04
CA PRO B 277 -30.58 38.86 -9.88
C PRO B 277 -29.74 37.58 -9.89
N GLU B 278 -28.74 37.56 -10.76
CA GLU B 278 -27.81 36.42 -10.87
C GLU B 278 -27.11 36.19 -9.52
N GLN B 279 -26.74 37.30 -8.87
CA GLN B 279 -26.11 37.26 -7.54
C GLN B 279 -27.08 36.83 -6.45
N THR B 280 -28.26 37.45 -6.45
CA THR B 280 -29.35 37.06 -5.55
C THR B 280 -29.60 35.55 -5.60
N ARG B 281 -29.71 35.06 -6.83
CA ARG B 281 -29.93 33.66 -7.11
C ARG B 281 -28.83 32.75 -6.56
N VAL B 282 -27.59 33.17 -6.71
CA VAL B 282 -26.47 32.43 -6.11
C VAL B 282 -26.68 32.29 -4.60
N ALA B 283 -27.12 33.37 -3.95
CA ALA B 283 -27.41 33.32 -2.52
C ALA B 283 -28.46 32.24 -2.23
N VAL B 284 -29.59 32.32 -2.93
CA VAL B 284 -30.66 31.31 -2.86
C VAL B 284 -30.11 29.90 -3.08
N LYS B 285 -29.25 29.78 -4.08
CA LYS B 285 -28.59 28.52 -4.34
C LYS B 285 -27.81 28.09 -3.11
N ALA B 286 -27.09 29.02 -2.51
CA ALA B 286 -26.33 28.74 -1.30
C ALA B 286 -27.23 28.30 -0.17
N ILE B 287 -28.40 28.91 -0.09
CA ILE B 287 -29.30 28.64 1.01
C ILE B 287 -29.88 27.23 0.90
N GLU B 288 -30.40 26.88 -0.26
CA GLU B 288 -30.94 25.53 -0.48
C GLU B 288 -29.90 24.46 -0.13
N THR B 289 -28.67 24.71 -0.53
CA THR B 289 -27.59 23.76 -0.38
C THR B 289 -27.37 23.42 1.08
N LEU B 290 -27.24 24.46 1.88
CA LEU B 290 -26.91 24.33 3.29
C LEU B 290 -28.06 23.67 4.02
N ASN B 291 -29.26 24.15 3.74
CA ASN B 291 -30.43 23.59 4.37
C ASN B 291 -30.62 22.14 3.98
N GLY B 292 -30.23 21.79 2.77
CA GLY B 292 -30.24 20.41 2.32
C GLY B 292 -29.20 19.57 3.05
N ASN B 293 -28.09 20.20 3.42
CA ASN B 293 -27.06 19.55 4.19
C ASN B 293 -27.36 19.54 5.69
N TRP B 294 -28.49 20.11 6.08
CA TRP B 294 -28.92 20.05 7.47
C TRP B 294 -29.51 18.67 7.81
N ARG B 295 -28.92 17.98 8.79
CA ARG B 295 -29.53 16.74 9.33
C ARG B 295 -30.08 16.92 10.76
N SER B 296 -31.21 16.27 11.03
CA SER B 296 -31.76 16.15 12.37
C SER B 296 -30.86 15.30 13.30
N PRO B 297 -31.09 15.38 14.61
CA PRO B 297 -30.37 14.48 15.52
C PRO B 297 -30.41 13.03 15.05
N GLY B 298 -29.32 12.30 15.25
CA GLY B 298 -29.26 10.90 14.84
C GLY B 298 -28.10 10.13 15.43
N GLY B 299 -28.41 8.95 15.98
CA GLY B 299 -27.42 8.13 16.68
C GLY B 299 -26.80 8.93 17.81
N ALA B 300 -25.48 8.94 17.85
CA ALA B 300 -24.74 9.59 18.93
C ALA B 300 -24.72 11.09 18.87
N VAL B 301 -25.06 11.68 17.72
CA VAL B 301 -25.20 13.15 17.60
C VAL B 301 -26.61 13.50 18.04
N LYS B 302 -26.72 14.17 19.20
CA LYS B 302 -28.03 14.48 19.79
C LYS B 302 -28.47 15.91 19.50
N PHE B 303 -27.94 16.52 18.43
CA PHE B 303 -28.36 17.86 18.03
C PHE B 303 -28.52 17.92 16.53
N ASN B 304 -29.17 18.99 16.06
CA ASN B 304 -29.20 19.32 14.64
C ASN B 304 -27.81 19.72 14.24
N THR B 305 -27.44 19.39 13.01
CA THR B 305 -26.12 19.67 12.51
C THR B 305 -26.15 19.78 10.98
N VAL B 306 -25.04 20.24 10.42
CA VAL B 306 -24.88 20.42 8.99
C VAL B 306 -23.54 19.76 8.56
N THR B 307 -23.62 18.84 7.59
CA THR B 307 -22.45 18.13 7.06
C THR B 307 -21.93 18.90 5.86
N PRO B 308 -20.73 18.54 5.37
CA PRO B 308 -20.15 19.29 4.25
C PRO B 308 -20.85 19.04 2.95
N SER B 309 -21.52 17.91 2.80
CA SER B 309 -22.30 17.62 1.62
C SER B 309 -23.12 16.36 1.79
N VAL B 310 -24.43 16.46 1.63
CA VAL B 310 -25.29 15.27 1.70
C VAL B 310 -25.04 14.28 0.54
N THR B 311 -24.54 14.79 -0.58
CA THR B 311 -24.24 13.96 -1.75
C THR B 311 -22.79 13.46 -1.74
N GLY B 312 -21.97 14.01 -0.85
CA GLY B 312 -20.58 13.60 -0.75
C GLY B 312 -20.38 12.14 -0.33
N ARG B 313 -19.35 11.52 -0.92
CA ARG B 313 -19.02 10.12 -0.69
C ARG B 313 -18.67 9.91 0.76
N TRP B 314 -17.91 10.85 1.34
CA TRP B 314 -17.48 10.78 2.74
C TRP B 314 -17.99 11.95 3.60
N PHE B 315 -18.92 12.75 3.07
CA PHE B 315 -19.44 13.93 3.78
C PHE B 315 -20.91 13.79 4.17
N SER B 316 -21.50 12.62 3.90
CA SER B 316 -22.95 12.45 4.04
C SER B 316 -23.33 11.88 5.39
N GLY B 317 -24.56 11.42 5.53
CA GLY B 317 -25.08 11.06 6.83
C GLY B 317 -25.15 12.30 7.69
N ASN B 318 -24.65 12.20 8.92
CA ASN B 318 -24.53 13.38 9.78
C ASN B 318 -23.11 13.58 10.27
N GLN B 319 -22.14 13.22 9.43
CA GLN B 319 -20.74 13.44 9.72
C GLN B 319 -20.53 14.95 9.83
N THR B 320 -19.80 15.37 10.87
CA THR B 320 -19.71 16.78 11.25
C THR B 320 -18.28 17.15 11.69
N TRP B 321 -17.72 18.18 11.04
CA TRP B 321 -16.39 18.68 11.33
C TRP B 321 -16.50 20.07 11.91
N PRO B 322 -15.52 20.46 12.77
CA PRO B 322 -15.53 21.80 13.38
C PRO B 322 -15.28 22.94 12.40
N TRP B 323 -14.17 22.83 11.68
CA TRP B 323 -13.73 23.83 10.68
C TRP B 323 -14.88 24.12 9.73
N ASN B 324 -15.46 23.05 9.19
CA ASN B 324 -16.65 23.13 8.38
C ASN B 324 -17.77 23.89 9.10
N THR B 325 -18.00 23.55 10.37
CA THR B 325 -19.11 24.11 11.14
C THR B 325 -19.00 25.61 11.40
N TRP B 326 -17.80 26.12 11.61
CA TRP B 326 -17.63 27.55 11.90
C TRP B 326 -18.10 28.38 10.72
N LYS B 327 -17.62 28.00 9.54
CA LYS B 327 -17.95 28.64 8.28
C LYS B 327 -19.45 28.49 7.96
N GLN B 328 -19.95 27.27 8.09
CA GLN B 328 -21.37 27.04 7.90
C GLN B 328 -22.18 27.93 8.86
N ALA B 329 -21.95 27.79 10.16
CA ALA B 329 -22.75 28.53 11.15
C ALA B 329 -22.65 30.06 10.98
N PHE B 330 -21.55 30.54 10.39
CA PHE B 330 -21.40 31.97 10.13
C PHE B 330 -22.42 32.44 9.08
N ALA B 331 -22.55 31.69 8.00
CA ALA B 331 -23.49 32.03 6.92
C ALA B 331 -24.94 31.82 7.36
N MET B 332 -25.21 30.67 7.97
CA MET B 332 -26.58 30.31 8.39
C MET B 332 -27.14 31.12 9.57
N ALA B 333 -26.33 31.96 10.19
CA ALA B 333 -26.84 32.86 11.21
C ALA B 333 -27.66 33.99 10.58
N HIS B 334 -27.40 34.26 9.29
CA HIS B 334 -28.13 35.32 8.58
C HIS B 334 -29.40 34.85 7.89
N PHE B 335 -29.77 33.58 8.06
CA PHE B 335 -31.06 33.12 7.55
C PHE B 335 -31.65 31.92 8.28
N ASN B 336 -30.82 31.06 8.88
CA ASN B 336 -31.32 29.96 9.68
C ASN B 336 -30.63 29.88 11.02
N PRO B 337 -30.73 30.95 11.81
CA PRO B 337 -30.02 31.01 13.08
C PRO B 337 -30.25 29.81 14.00
N ASP B 338 -31.47 29.28 14.01
CA ASP B 338 -31.80 28.19 14.91
C ASP B 338 -30.85 27.02 14.71
N ILE B 339 -30.70 26.61 13.45
CA ILE B 339 -29.83 25.50 13.08
C ILE B 339 -28.35 25.82 13.15
N ALA B 340 -27.97 27.05 12.80
CA ALA B 340 -26.58 27.50 12.97
C ALA B 340 -26.09 27.20 14.38
N LYS B 341 -26.87 27.58 15.38
CA LYS B 341 -26.53 27.31 16.79
C LYS B 341 -26.40 25.83 17.05
N GLU B 342 -27.41 25.09 16.64
CA GLU B 342 -27.42 23.66 16.86
C GLU B 342 -26.16 23.00 16.26
N ASN B 343 -25.74 23.45 15.06
CA ASN B 343 -24.55 22.91 14.39
C ASN B 343 -23.32 23.12 15.27
N ILE B 344 -23.23 24.30 15.87
CA ILE B 344 -22.16 24.60 16.80
C ILE B 344 -22.30 23.69 18.03
N ARG B 345 -23.51 23.58 18.58
CA ARG B 345 -23.75 22.72 19.76
C ARG B 345 -23.30 21.30 19.48
N ALA B 346 -23.70 20.79 18.31
CA ALA B 346 -23.36 19.44 17.90
C ALA B 346 -21.87 19.18 18.03
N VAL B 347 -21.08 20.13 17.57
CA VAL B 347 -19.63 19.99 17.59
C VAL B 347 -19.13 19.91 19.02
N PHE B 348 -19.59 20.83 19.84
CA PHE B 348 -19.12 20.90 21.21
C PHE B 348 -19.77 19.84 22.13
N SER B 349 -20.73 19.07 21.61
CA SER B 349 -21.44 18.09 22.43
C SER B 349 -20.62 16.83 22.73
N TRP B 350 -19.47 16.70 22.06
CA TRP B 350 -18.52 15.63 22.37
C TRP B 350 -17.16 16.23 22.70
N GLN B 351 -17.17 17.48 23.15
CA GLN B 351 -15.97 18.12 23.69
C GLN B 351 -15.54 17.32 24.91
N ILE B 352 -14.24 17.16 25.08
CA ILE B 352 -13.73 16.25 26.10
C ILE B 352 -13.86 16.90 27.47
N GLN B 353 -14.52 16.18 28.37
CA GLN B 353 -14.68 16.62 29.74
C GLN B 353 -13.60 15.96 30.55
N PRO B 354 -13.31 16.51 31.74
CA PRO B 354 -12.43 15.80 32.66
C PRO B 354 -13.05 14.47 33.07
N GLY B 355 -12.19 13.47 33.27
CA GLY B 355 -12.62 12.15 33.64
C GLY B 355 -12.85 11.30 32.41
N ASP B 356 -12.77 11.89 31.23
CA ASP B 356 -12.99 11.15 29.99
C ASP B 356 -12.27 9.80 30.02
N SER B 357 -12.93 8.77 29.53
CA SER B 357 -12.40 7.41 29.64
C SER B 357 -11.36 7.09 28.58
N VAL B 358 -11.30 7.90 27.52
CA VAL B 358 -10.44 7.65 26.35
C VAL B 358 -9.25 8.59 26.25
N ARG B 359 -9.43 9.86 26.60
CA ARG B 359 -8.32 10.82 26.53
C ARG B 359 -8.42 11.93 27.57
N PRO B 360 -8.36 11.55 28.87
CA PRO B 360 -8.39 12.51 29.98
C PRO B 360 -7.39 13.66 29.83
N GLN B 361 -6.31 13.39 29.11
CA GLN B 361 -5.26 14.36 28.84
C GLN B 361 -5.65 15.40 27.77
N ASP B 362 -6.82 15.27 27.17
CA ASP B 362 -7.29 16.20 26.13
C ASP B 362 -8.54 17.01 26.54
N VAL B 363 -8.65 17.38 27.82
CA VAL B 363 -9.77 18.19 28.27
C VAL B 363 -9.79 19.49 27.46
N GLY B 364 -10.92 19.78 26.81
CA GLY B 364 -11.03 20.94 25.90
C GLY B 364 -11.08 20.57 24.42
N PHE B 365 -10.56 19.39 24.11
CA PHE B 365 -10.47 18.88 22.74
C PHE B 365 -11.83 18.86 22.05
N VAL B 366 -11.87 19.32 20.80
CA VAL B 366 -13.02 19.11 19.94
C VAL B 366 -12.64 18.12 18.85
N PRO B 367 -13.37 16.98 18.76
CA PRO B 367 -13.11 15.96 17.75
C PRO B 367 -13.19 16.46 16.31
N ASP B 368 -12.36 15.87 15.46
CA ASP B 368 -12.30 16.21 14.04
C ASP B 368 -13.60 15.85 13.36
N LEU B 369 -14.09 14.65 13.67
CA LEU B 369 -15.21 14.08 12.96
C LEU B 369 -16.07 13.32 13.95
N ILE B 370 -17.32 13.76 14.10
CA ILE B 370 -18.31 13.05 14.88
C ILE B 370 -19.42 12.70 13.92
N ALA B 371 -20.12 11.61 14.21
CA ALA B 371 -21.11 11.04 13.30
C ALA B 371 -21.97 10.01 14.03
N TRP B 372 -23.05 9.59 13.37
CA TRP B 372 -24.02 8.64 13.93
C TRP B 372 -23.37 7.60 14.89
N ASN B 373 -22.33 6.92 14.41
CA ASN B 373 -21.68 5.84 15.18
C ASN B 373 -20.41 6.28 15.87
N LEU B 374 -20.28 5.92 17.14
CA LEU B 374 -19.07 6.19 17.90
C LEU B 374 -17.92 5.31 17.41
N SER B 375 -16.70 5.73 17.73
CA SER B 375 -15.52 4.93 17.48
C SER B 375 -15.57 3.71 18.40
N PRO B 376 -14.99 2.58 17.98
CA PRO B 376 -14.88 1.41 18.86
C PRO B 376 -14.36 1.72 20.28
N GLU B 377 -13.48 2.71 20.42
CA GLU B 377 -12.99 3.15 21.73
C GLU B 377 -14.11 3.69 22.62
N ARG B 378 -15.23 4.09 22.00
CA ARG B 378 -16.40 4.59 22.73
C ARG B 378 -17.63 3.68 22.58
N GLY B 379 -17.41 2.40 22.30
CA GLY B 379 -18.49 1.38 22.34
C GLY B 379 -19.22 1.10 21.05
N GLY B 380 -18.96 1.89 20.01
CA GLY B 380 -19.61 1.72 18.70
C GLY B 380 -18.77 0.91 17.72
N ASP B 381 -19.23 0.84 16.48
CA ASP B 381 -18.48 0.17 15.39
C ASP B 381 -18.20 1.14 14.23
N GLY B 382 -18.41 2.43 14.46
CA GLY B 382 -18.25 3.42 13.42
C GLY B 382 -16.79 3.68 13.11
N GLY B 383 -16.46 3.71 11.83
CA GLY B 383 -15.07 3.87 11.39
C GLY B 383 -14.63 5.29 11.01
N ASN B 384 -15.56 6.25 10.97
CA ASN B 384 -15.22 7.65 10.64
C ASN B 384 -14.92 8.53 11.86
N TRP B 385 -15.62 8.27 12.96
CA TRP B 385 -15.41 9.00 14.20
C TRP B 385 -13.91 9.14 14.45
N ASN B 386 -13.44 10.37 14.50
CA ASN B 386 -12.00 10.64 14.52
C ASN B 386 -11.57 11.61 15.62
N GLU B 387 -10.75 11.11 16.55
CA GLU B 387 -10.18 11.95 17.61
C GLU B 387 -8.63 11.94 17.54
N ARG B 388 -8.11 11.70 16.34
CA ARG B 388 -6.68 11.75 16.07
C ARG B 388 -6.16 13.18 16.04
N ASN B 389 -7.05 14.14 15.81
CA ASN B 389 -6.68 15.53 15.62
C ASN B 389 -7.95 16.36 15.65
N THR B 390 -7.80 17.67 15.62
CA THR B 390 -8.95 18.58 15.60
C THR B 390 -8.89 19.30 14.28
N LYS B 391 -9.27 20.56 14.25
CA LYS B 391 -9.20 21.40 13.07
C LYS B 391 -8.90 22.82 13.56
N PRO B 392 -8.42 23.70 12.65
CA PRO B 392 -8.14 25.09 13.07
C PRO B 392 -9.37 25.81 13.60
N SER B 393 -9.18 26.73 14.55
CA SER B 393 -10.31 27.29 15.26
C SER B 393 -10.72 28.70 14.82
N LEU B 394 -11.96 28.81 14.37
CA LEU B 394 -12.69 30.06 14.27
C LEU B 394 -13.99 29.89 15.06
N ALA B 395 -13.93 29.13 16.14
CA ALA B 395 -15.12 28.77 16.90
C ALA B 395 -15.73 29.97 17.57
N ALA B 396 -14.89 30.82 18.15
CA ALA B 396 -15.38 32.06 18.74
C ALA B 396 -15.87 33.01 17.65
N TRP B 397 -15.07 33.17 16.61
CA TRP B 397 -15.49 33.90 15.41
C TRP B 397 -16.87 33.49 14.90
N SER B 398 -17.19 32.20 15.01
CA SER B 398 -18.47 31.69 14.55
C SER B 398 -19.59 31.97 15.56
N VAL B 399 -19.31 31.74 16.85
CA VAL B 399 -20.29 31.98 17.91
C VAL B 399 -20.69 33.47 17.95
N MET B 400 -19.73 34.36 17.75
CA MET B 400 -20.03 35.80 17.73
C MET B 400 -20.97 36.20 16.60
N GLU B 401 -20.87 35.54 15.45
CA GLU B 401 -21.70 35.92 14.33
C GLU B 401 -23.17 35.65 14.61
N VAL B 402 -23.43 34.54 15.28
CA VAL B 402 -24.79 34.24 15.76
C VAL B 402 -25.27 35.31 16.74
N TYR B 403 -24.40 35.70 17.69
CA TYR B 403 -24.70 36.79 18.60
C TYR B 403 -24.92 38.15 17.91
N ASN B 404 -24.10 38.45 16.89
CA ASN B 404 -24.29 39.68 16.13
C ASN B 404 -25.67 39.77 15.51
N VAL B 405 -26.21 38.64 15.05
CA VAL B 405 -27.53 38.63 14.41
C VAL B 405 -28.67 38.54 15.42
N THR B 406 -28.55 37.68 16.43
CA THR B 406 -29.66 37.42 17.34
C THR B 406 -29.69 38.38 18.51
N GLN B 407 -28.50 38.82 18.95
CA GLN B 407 -28.30 39.63 20.16
C GLN B 407 -28.68 38.88 21.43
N ASP B 408 -28.63 37.56 21.32
CA ASP B 408 -28.94 36.67 22.40
C ASP B 408 -27.71 36.56 23.29
N LYS B 409 -27.80 37.06 24.52
CA LYS B 409 -26.67 36.99 25.43
C LYS B 409 -26.62 35.65 26.15
N THR B 410 -27.71 34.90 26.10
CA THR B 410 -27.72 33.57 26.68
C THR B 410 -26.87 32.62 25.84
N TRP B 411 -26.93 32.81 24.52
CA TRP B 411 -26.13 32.05 23.55
C TRP B 411 -24.65 32.21 23.81
N VAL B 412 -24.24 33.47 23.96
CA VAL B 412 -22.88 33.81 24.35
C VAL B 412 -22.55 33.18 25.70
N ALA B 413 -23.50 33.22 26.65
CA ALA B 413 -23.29 32.58 27.97
C ALA B 413 -23.13 31.06 27.86
N GLU B 414 -23.87 30.45 26.94
CA GLU B 414 -23.82 29.00 26.74
C GLU B 414 -22.45 28.54 26.26
N MET B 415 -21.87 29.29 25.32
CA MET B 415 -20.72 28.83 24.55
C MET B 415 -19.36 29.25 25.10
N TYR B 416 -19.34 30.32 25.89
CA TYR B 416 -18.11 30.86 26.42
C TYR B 416 -17.23 29.85 27.17
N PRO B 417 -17.78 29.06 28.11
CA PRO B 417 -16.94 28.08 28.82
C PRO B 417 -16.43 26.97 27.93
N LYS B 418 -17.26 26.57 26.97
CA LYS B 418 -16.86 25.62 25.94
C LYS B 418 -15.71 26.17 25.09
N LEU B 419 -15.81 27.46 24.72
CA LEU B 419 -14.75 28.12 23.96
C LEU B 419 -13.50 28.24 24.82
N VAL B 420 -13.66 28.73 26.05
CA VAL B 420 -12.54 28.88 26.99
C VAL B 420 -11.75 27.57 27.10
N ALA B 421 -12.45 26.46 27.32
CA ALA B 421 -11.81 25.17 27.49
C ALA B 421 -11.10 24.73 26.21
N TYR B 422 -11.66 25.06 25.06
CA TYR B 422 -11.03 24.75 23.77
C TYR B 422 -9.76 25.55 23.64
N HIS B 423 -9.85 26.82 24.00
CA HIS B 423 -8.71 27.73 23.96
C HIS B 423 -7.57 27.27 24.87
N ASP B 424 -7.93 26.86 26.09
CA ASP B 424 -6.93 26.42 27.08
C ASP B 424 -6.20 25.16 26.60
N TRP B 425 -6.88 24.35 25.79
CA TRP B 425 -6.32 23.07 25.33
C TRP B 425 -5.20 23.26 24.32
N TRP B 426 -5.38 24.16 23.37
CA TRP B 426 -4.31 24.43 22.40
C TRP B 426 -3.03 24.74 23.16
N LEU B 427 -3.11 25.71 24.06
CA LEU B 427 -1.95 26.12 24.87
C LEU B 427 -1.36 24.97 25.71
N ARG B 428 -2.18 24.02 26.18
CA ARG B 428 -1.64 22.85 26.91
C ARG B 428 -1.03 21.81 25.96
N ASN B 429 -1.76 21.50 24.88
CA ASN B 429 -1.44 20.33 24.05
C ASN B 429 -0.94 20.61 22.64
N ARG B 430 -0.86 21.88 22.25
CA ARG B 430 -0.28 22.23 20.95
C ARG B 430 0.70 23.40 21.02
N ASP B 431 1.52 23.44 22.07
CA ASP B 431 2.60 24.42 22.21
C ASP B 431 3.85 23.69 22.76
N HIS B 432 4.63 23.12 21.83
CA HIS B 432 5.79 22.27 22.13
C HIS B 432 6.87 23.01 22.89
N ASN B 433 7.19 24.21 22.41
CA ASN B 433 8.23 25.03 23.00
C ASN B 433 7.70 25.97 24.08
N GLY B 434 6.40 25.91 24.38
CA GLY B 434 5.81 26.72 25.45
C GLY B 434 6.02 28.23 25.32
N ASN B 435 6.04 28.73 24.08
CA ASN B 435 6.26 30.16 23.82
C ASN B 435 4.96 30.95 23.68
N GLY B 436 3.82 30.28 23.92
CA GLY B 436 2.50 30.91 23.82
C GLY B 436 1.86 30.78 22.45
N VAL B 437 2.66 30.41 21.45
CA VAL B 437 2.22 30.34 20.05
C VAL B 437 2.18 28.87 19.64
N PRO B 438 1.03 28.40 19.11
CA PRO B 438 0.85 26.97 18.92
C PRO B 438 1.27 26.45 17.55
N GLU B 439 1.13 25.13 17.40
CA GLU B 439 1.44 24.40 16.19
C GLU B 439 0.24 23.48 15.87
N TYR B 440 0.04 23.15 14.61
CA TYR B 440 -0.88 22.08 14.27
C TYR B 440 -0.16 20.77 14.59
N GLY B 441 -0.91 19.77 15.03
CA GLY B 441 -0.31 18.50 15.45
C GLY B 441 -1.34 17.39 15.59
N ALA B 442 -1.11 16.50 16.55
CA ALA B 442 -1.91 15.30 16.70
C ALA B 442 -2.01 14.87 18.14
N THR B 443 -2.99 14.01 18.43
CA THR B 443 -3.26 13.52 19.79
C THR B 443 -2.58 12.20 20.05
N ARG B 444 -2.71 11.72 21.28
CA ARG B 444 -2.41 10.33 21.60
C ARG B 444 -3.50 9.46 20.99
N ASP B 445 -3.11 8.49 20.18
CA ASP B 445 -4.05 7.62 19.48
C ASP B 445 -3.37 6.27 19.16
N LYS B 446 -4.13 5.17 19.23
CA LYS B 446 -3.67 3.84 18.79
C LYS B 446 -2.94 3.91 17.44
N ALA B 447 -3.48 4.74 16.55
CA ALA B 447 -2.94 4.96 15.22
C ALA B 447 -1.58 5.63 15.25
N HIS B 448 -1.33 6.42 16.27
CA HIS B 448 -0.11 7.19 16.36
C HIS B 448 0.94 6.55 17.23
N ASN B 449 0.54 5.67 18.13
CA ASN B 449 1.50 5.09 19.08
C ASN B 449 1.14 3.70 19.61
N THR B 450 2.14 3.09 20.23
CA THR B 450 1.99 1.86 20.98
C THR B 450 1.36 2.19 22.33
N GLU B 451 0.95 1.16 23.07
CA GLU B 451 0.37 1.36 24.41
C GLU B 451 1.35 2.02 25.39
N SER B 452 2.66 1.88 25.14
CA SER B 452 3.69 2.48 25.98
C SER B 452 4.06 3.92 25.58
N GLY B 453 3.38 4.47 24.58
CA GLY B 453 3.55 5.87 24.20
C GLY B 453 4.73 6.21 23.31
N GLU B 454 5.19 5.24 22.53
CA GLU B 454 6.33 5.41 21.63
C GLU B 454 5.81 5.58 20.20
N MET B 455 6.25 6.67 19.56
CA MET B 455 5.66 7.16 18.31
C MET B 455 5.84 6.22 17.12
N LEU B 456 4.74 5.75 16.56
CA LEU B 456 4.78 4.88 15.38
C LEU B 456 5.19 5.58 14.09
N PHE B 457 5.93 4.86 13.24
CA PHE B 457 6.23 5.32 11.88
C PHE B 457 6.74 4.16 11.01
N THR B 458 6.84 4.42 9.70
CA THR B 458 7.25 3.40 8.75
C THR B 458 8.21 3.95 7.70
N VAL B 459 9.30 3.20 7.47
CA VAL B 459 10.35 3.58 6.52
C VAL B 459 10.15 2.83 5.21
N LYS B 460 10.06 3.58 4.10
CA LYS B 460 9.95 2.98 2.77
C LYS B 460 11.17 3.25 1.91
N LYS B 461 11.51 2.25 1.09
CA LYS B 461 12.68 2.30 0.22
C LYS B 461 12.49 1.24 -0.86
N GLY B 462 12.01 1.67 -2.02
CA GLY B 462 11.61 0.75 -3.08
C GLY B 462 10.34 0.04 -2.66
N ASP B 463 10.33 -1.28 -2.74
CA ASP B 463 9.16 -2.08 -2.39
C ASP B 463 9.37 -2.78 -1.05
N LYS B 464 9.99 -2.08 -0.10
CA LYS B 464 10.23 -2.59 1.25
C LYS B 464 9.85 -1.54 2.28
N GLU B 465 9.01 -1.96 3.23
CA GLU B 465 8.62 -1.15 4.37
C GLU B 465 9.36 -1.66 5.60
N GLU B 466 9.28 -0.92 6.70
CA GLU B 466 9.81 -1.38 7.98
C GLU B 466 9.27 -0.52 9.12
N THR B 467 8.18 -0.97 9.75
CA THR B 467 7.55 -0.21 10.82
C THR B 467 8.42 -0.25 12.08
N GLN B 468 8.43 0.87 12.81
CA GLN B 468 9.22 1.03 14.03
C GLN B 468 8.51 1.96 15.00
N SER B 469 9.13 2.24 16.14
CA SER B 469 8.58 3.19 17.10
C SER B 469 9.68 3.90 17.86
N GLY B 470 9.33 4.99 18.55
CA GLY B 470 10.27 5.78 19.32
C GLY B 470 10.69 7.04 18.58
N LEU B 471 10.69 8.17 19.28
CA LEU B 471 11.10 9.45 18.69
C LEU B 471 12.62 9.47 18.49
N ASN B 472 13.32 8.69 19.29
CA ASN B 472 14.77 8.55 19.20
C ASN B 472 15.19 7.77 17.95
N ASN B 473 14.37 6.79 17.56
CA ASN B 473 14.55 6.08 16.30
C ASN B 473 14.26 7.00 15.11
N TYR B 474 13.08 7.63 15.14
CA TYR B 474 12.71 8.63 14.14
C TYR B 474 13.89 9.58 13.86
N ALA B 475 14.49 10.11 14.92
CA ALA B 475 15.61 11.07 14.80
C ALA B 475 16.81 10.50 14.04
N ARG B 476 17.21 9.27 14.36
CA ARG B 476 18.29 8.60 13.67
C ARG B 476 17.98 8.43 12.19
N VAL B 477 16.85 7.80 11.92
CA VAL B 477 16.48 7.43 10.56
C VAL B 477 16.37 8.65 9.64
N VAL B 478 15.95 9.78 10.21
CA VAL B 478 15.81 11.03 9.46
C VAL B 478 17.17 11.58 9.01
N GLU B 479 18.18 11.44 9.87
CA GLU B 479 19.55 11.87 9.56
C GLU B 479 20.23 10.93 8.55
N LYS B 480 19.94 9.63 8.62
CA LYS B 480 20.41 8.67 7.61
C LYS B 480 19.88 9.03 6.22
N GLY B 481 18.69 9.63 6.17
CA GLY B 481 18.14 10.20 4.93
C GLY B 481 18.35 9.35 3.70
N GLN B 482 18.24 8.02 3.87
CA GLN B 482 18.36 7.06 2.78
C GLN B 482 17.10 6.20 2.72
N TYR B 483 15.97 6.89 2.58
CA TYR B 483 14.67 6.28 2.36
C TYR B 483 13.98 7.05 1.25
N ASP B 484 13.02 6.43 0.57
CA ASP B 484 12.21 7.14 -0.42
C ASP B 484 11.19 8.03 0.29
N SER B 485 10.35 7.40 1.12
CA SER B 485 9.31 8.09 1.90
C SER B 485 9.31 7.62 3.35
N LEU B 486 8.96 8.53 4.24
CA LEU B 486 8.74 8.24 5.64
C LEU B 486 7.26 8.50 5.95
N GLU B 487 6.61 7.53 6.60
CA GLU B 487 5.21 7.66 7.01
C GLU B 487 5.13 7.80 8.52
N ILE B 488 4.53 8.89 8.98
CA ILE B 488 4.24 9.09 10.39
C ILE B 488 2.73 9.33 10.59
N PRO B 489 1.98 8.30 11.03
CA PRO B 489 0.54 8.45 11.24
C PRO B 489 0.15 9.78 11.90
N ALA B 490 0.86 10.11 12.97
CA ALA B 490 0.59 11.31 13.73
C ALA B 490 0.75 12.57 12.87
N GLN B 491 1.80 12.63 12.07
CA GLN B 491 1.98 13.78 11.19
C GLN B 491 0.91 13.83 10.10
N VAL B 492 0.43 12.67 9.67
CA VAL B 492 -0.69 12.63 8.72
C VAL B 492 -1.89 13.29 9.38
N ALA B 493 -2.08 13.04 10.66
CA ALA B 493 -3.20 13.64 11.37
C ALA B 493 -2.99 15.14 11.55
N ALA B 494 -1.74 15.57 11.67
CA ALA B 494 -1.42 16.99 11.76
C ALA B 494 -1.77 17.73 10.45
N SER B 495 -1.62 17.03 9.33
CA SER B 495 -1.96 17.61 8.03
C SER B 495 -3.46 17.79 7.95
N TRP B 496 -4.21 16.88 8.58
CA TRP B 496 -5.66 17.03 8.67
C TRP B 496 -6.01 18.17 9.61
N GLU B 497 -5.28 18.27 10.72
CA GLU B 497 -5.53 19.30 11.71
C GLU B 497 -5.33 20.70 11.15
N SER B 498 -4.42 20.84 10.19
CA SER B 498 -4.21 22.11 9.51
C SER B 498 -5.41 22.47 8.64
N GLY B 499 -6.07 21.43 8.11
CA GLY B 499 -7.19 21.58 7.22
C GLY B 499 -6.75 21.71 5.77
N ARG B 500 -5.50 21.35 5.51
CA ARG B 500 -4.88 21.51 4.20
C ARG B 500 -3.90 20.36 3.97
N ASP B 501 -4.42 19.14 3.82
CA ASP B 501 -3.58 17.93 3.89
C ASP B 501 -2.46 17.76 2.84
N ASP B 502 -2.37 18.67 1.86
CA ASP B 502 -1.40 18.52 0.76
C ASP B 502 -0.56 19.77 0.50
N ALA B 503 -0.51 20.70 1.46
CA ALA B 503 0.02 22.04 1.22
C ALA B 503 1.55 22.15 1.26
N ALA B 504 2.07 23.16 0.57
CA ALA B 504 3.50 23.39 0.40
C ALA B 504 4.17 23.81 1.71
N VAL B 505 3.49 24.64 2.47
CA VAL B 505 4.03 25.11 3.73
C VAL B 505 4.34 23.93 4.67
N PHE B 506 3.61 22.82 4.49
CA PHE B 506 3.77 21.64 5.35
C PHE B 506 4.61 20.54 4.73
N GLY B 507 5.28 20.83 3.62
CA GLY B 507 6.35 19.99 3.13
C GLY B 507 6.00 19.07 1.97
N PHE B 508 4.82 19.27 1.40
CA PHE B 508 4.37 18.41 0.31
C PHE B 508 4.77 19.07 -1.01
N ILE B 509 5.48 18.30 -1.83
CA ILE B 509 5.99 18.76 -3.12
C ILE B 509 6.41 17.51 -3.92
N ASP B 510 5.70 17.23 -5.01
CA ASP B 510 5.94 15.99 -5.76
C ASP B 510 7.32 15.99 -6.43
N LYS B 511 7.82 14.80 -6.77
CA LYS B 511 9.21 14.60 -7.19
C LYS B 511 9.71 15.56 -8.29
N GLU B 512 8.88 15.81 -9.30
CA GLU B 512 9.29 16.67 -10.43
C GLU B 512 9.64 18.10 -9.97
N GLN B 513 8.85 18.63 -9.04
CA GLN B 513 9.03 20.00 -8.56
C GLN B 513 10.27 20.14 -7.65
N LEU B 514 10.53 19.15 -6.81
CA LEU B 514 11.68 19.18 -5.89
C LEU B 514 13.00 19.05 -6.64
N ASP B 515 13.04 18.21 -7.67
CA ASP B 515 14.22 18.08 -8.51
C ASP B 515 14.57 19.41 -9.20
N LYS B 516 13.54 20.15 -9.62
CA LYS B 516 13.72 21.46 -10.25
C LYS B 516 14.13 22.52 -9.24
N TYR B 517 13.57 22.40 -8.03
CA TYR B 517 13.91 23.28 -6.93
C TYR B 517 15.35 23.06 -6.46
N VAL B 518 15.79 21.80 -6.39
CA VAL B 518 17.16 21.49 -5.99
C VAL B 518 18.14 21.97 -7.07
N ALA B 519 17.81 21.68 -8.33
CA ALA B 519 18.58 22.17 -9.48
C ALA B 519 18.39 23.66 -9.79
N ASN B 520 18.03 24.45 -8.77
CA ASN B 520 18.10 25.92 -8.85
C ASN B 520 18.76 26.54 -7.61
N GLY B 521 19.26 25.71 -6.70
CA GLY B 521 20.10 26.20 -5.59
C GLY B 521 19.69 25.78 -4.18
N GLY B 522 18.47 25.25 -4.03
CA GLY B 522 17.96 24.84 -2.73
C GLY B 522 18.28 23.39 -2.36
N LYS B 523 17.97 23.00 -1.13
CA LYS B 523 18.24 21.64 -0.65
C LYS B 523 16.95 20.85 -0.41
N ARG B 524 17.06 19.52 -0.42
CA ARG B 524 15.92 18.65 -0.14
C ARG B 524 15.41 18.76 1.29
N SER B 525 16.35 18.96 2.22
CA SER B 525 16.01 19.12 3.65
C SER B 525 15.14 20.36 3.94
N ASP B 526 15.17 21.36 3.05
CA ASP B 526 14.30 22.54 3.15
C ASP B 526 12.81 22.19 3.24
N TRP B 527 12.41 21.09 2.61
CA TRP B 527 11.01 20.69 2.57
C TRP B 527 10.64 19.59 3.58
N THR B 528 11.55 19.27 4.49
CA THR B 528 11.27 18.26 5.50
C THR B 528 10.77 18.94 6.79
N VAL B 529 9.58 18.57 7.24
CA VAL B 529 9.01 19.13 8.46
C VAL B 529 9.24 18.17 9.62
N LYS B 530 10.02 18.62 10.60
CA LYS B 530 10.35 17.78 11.73
C LYS B 530 9.18 17.71 12.69
N PHE B 531 9.18 16.69 13.52
CA PHE B 531 8.06 16.40 14.39
C PHE B 531 8.53 16.35 15.84
N ALA B 532 7.59 16.30 16.78
CA ALA B 532 7.95 16.20 18.19
C ALA B 532 6.77 15.74 19.01
N GLU B 533 7.05 15.09 20.14
CA GLU B 533 5.98 14.77 21.10
C GLU B 533 5.86 15.88 22.12
N ASN B 534 4.65 16.08 22.60
CA ASN B 534 4.43 16.99 23.71
C ASN B 534 4.14 16.16 24.95
N ARG B 535 4.90 16.43 26.01
CA ARG B 535 4.72 15.73 27.29
C ARG B 535 4.61 16.72 28.44
N SER B 536 3.92 16.30 29.50
CA SER B 536 3.69 17.14 30.67
C SER B 536 4.87 17.04 31.62
N GLN B 537 4.75 17.66 32.79
CA GLN B 537 5.79 17.65 33.82
C GLN B 537 6.15 16.23 34.26
N ASP B 538 5.17 15.32 34.23
CA ASP B 538 5.34 13.94 34.68
C ASP B 538 5.58 12.93 33.54
N GLY B 539 5.77 13.42 32.32
CA GLY B 539 6.17 12.58 31.20
C GLY B 539 5.03 12.00 30.36
N THR B 540 3.80 12.21 30.81
CA THR B 540 2.62 11.75 30.07
C THR B 540 2.57 12.40 28.69
N LEU B 541 2.40 11.57 27.65
CA LEU B 541 2.27 12.03 26.27
C LEU B 541 0.93 12.72 26.10
N LEU B 542 0.95 14.03 25.79
CA LEU B 542 -0.26 14.82 25.52
C LEU B 542 -0.61 14.81 24.04
N GLY B 543 0.37 14.49 23.20
CA GLY B 543 0.19 14.43 21.75
C GLY B 543 1.46 14.84 21.04
N TYR B 544 1.32 15.49 19.89
CA TYR B 544 2.47 15.83 19.05
C TYR B 544 2.34 17.20 18.41
N SER B 545 3.45 17.72 17.92
CA SER B 545 3.46 18.99 17.19
C SER B 545 4.42 18.91 16.03
N LEU B 546 4.07 19.58 14.94
CA LEU B 546 5.04 19.90 13.91
C LEU B 546 6.04 20.86 14.53
N LEU B 547 7.32 20.66 14.28
CA LEU B 547 8.33 21.61 14.75
C LEU B 547 8.30 22.82 13.85
N GLN B 548 7.18 23.54 13.96
CA GLN B 548 6.79 24.60 13.04
C GLN B 548 5.51 25.29 13.56
N GLU B 549 5.51 26.63 13.55
CA GLU B 549 4.39 27.44 14.03
C GLU B 549 3.76 28.13 12.83
N SER B 550 2.49 27.84 12.57
CA SER B 550 1.87 28.30 11.34
C SER B 550 1.25 29.67 11.54
N VAL B 551 1.33 30.51 10.52
CA VAL B 551 0.90 31.90 10.62
C VAL B 551 -0.62 32.00 10.57
N ASP B 552 -1.27 31.14 9.78
CA ASP B 552 -2.72 31.09 9.81
C ASP B 552 -3.21 30.74 11.21
N GLN B 553 -2.58 29.74 11.84
CA GLN B 553 -2.99 29.30 13.17
C GLN B 553 -2.79 30.31 14.26
N ALA B 554 -1.66 31.02 14.23
CA ALA B 554 -1.40 32.05 15.22
C ALA B 554 -2.45 33.14 15.09
N SER B 555 -2.76 33.48 13.83
CA SER B 555 -3.80 34.47 13.53
C SER B 555 -5.19 33.97 13.96
N TYR B 556 -5.46 32.68 13.81
CA TYR B 556 -6.71 32.15 14.34
C TYR B 556 -6.69 32.22 15.88
N MET B 557 -5.53 32.00 16.47
CA MET B 557 -5.39 32.11 17.93
C MET B 557 -5.56 33.56 18.38
N TYR B 558 -5.04 34.49 17.59
CA TYR B 558 -5.27 35.92 17.84
C TYR B 558 -6.76 36.19 17.83
N SER B 559 -7.39 35.88 16.71
CA SER B 559 -8.84 35.96 16.59
C SER B 559 -9.52 35.35 17.80
N ASP B 560 -9.16 34.10 18.12
CA ASP B 560 -9.77 33.38 19.21
C ASP B 560 -9.81 34.21 20.48
N ASN B 561 -8.67 34.82 20.82
CA ASN B 561 -8.56 35.61 22.03
C ASN B 561 -9.36 36.91 21.95
N HIS B 562 -9.15 37.66 20.86
CA HIS B 562 -9.92 38.88 20.56
C HIS B 562 -11.42 38.73 20.83
N TYR B 563 -12.00 37.63 20.34
CA TYR B 563 -13.44 37.37 20.46
C TYR B 563 -13.83 36.93 21.88
N LEU B 564 -12.99 36.12 22.53
CA LEU B 564 -13.25 35.70 23.92
C LEU B 564 -13.28 36.90 24.85
N ALA B 565 -12.40 37.85 24.59
CA ALA B 565 -12.39 39.12 25.33
C ALA B 565 -13.72 39.84 25.17
N GLU B 566 -14.20 39.98 23.93
CA GLU B 566 -15.45 40.71 23.71
C GLU B 566 -16.66 39.95 24.28
N MET B 567 -16.54 38.63 24.35
CA MET B 567 -17.53 37.80 25.04
C MET B 567 -17.48 37.99 26.55
N ALA B 568 -16.27 38.00 27.11
CA ALA B 568 -16.09 38.24 28.55
C ALA B 568 -16.72 39.58 28.98
N THR B 569 -16.29 40.67 28.34
CA THR B 569 -16.89 42.01 28.50
C THR B 569 -18.43 41.99 28.47
N ILE B 570 -19.00 41.42 27.41
CA ILE B 570 -20.44 41.19 27.29
C ILE B 570 -21.05 40.45 28.48
N LEU B 571 -20.34 39.41 28.97
CA LEU B 571 -20.84 38.58 30.09
C LEU B 571 -20.53 39.15 31.47
N GLY B 572 -19.93 40.33 31.52
CA GLY B 572 -19.61 41.00 32.78
C GLY B 572 -18.37 40.45 33.48
N LYS B 573 -17.35 40.10 32.70
CA LYS B 573 -16.09 39.57 33.23
C LYS B 573 -14.94 40.41 32.67
N PRO B 574 -14.67 41.58 33.30
CA PRO B 574 -13.60 42.47 32.83
C PRO B 574 -12.17 41.92 33.03
N GLU B 575 -12.00 41.02 34.00
CA GLU B 575 -10.69 40.45 34.29
C GLU B 575 -10.28 39.40 33.26
N GLU B 576 -11.25 38.58 32.86
CA GLU B 576 -11.01 37.64 31.76
C GLU B 576 -10.74 38.42 30.46
N ALA B 577 -11.53 39.46 30.23
CA ALA B 577 -11.38 40.32 29.05
C ALA B 577 -9.98 40.92 28.89
N LYS B 578 -9.34 41.32 29.99
CA LYS B 578 -7.97 41.86 29.94
C LYS B 578 -6.97 40.79 29.51
N ARG B 579 -6.97 39.66 30.22
CA ARG B 579 -6.05 38.55 29.94
C ARG B 579 -6.03 38.19 28.45
N TYR B 580 -7.22 37.99 27.89
CA TYR B 580 -7.35 37.58 26.47
C TYR B 580 -6.94 38.70 25.53
N ARG B 581 -7.29 39.93 25.87
CA ARG B 581 -6.92 41.09 25.07
C ARG B 581 -5.40 41.31 25.12
N GLN B 582 -4.79 40.93 26.24
CA GLN B 582 -3.35 41.04 26.41
C GLN B 582 -2.66 39.93 25.62
N LEU B 583 -3.17 38.70 25.75
CA LEU B 583 -2.66 37.56 24.97
C LEU B 583 -2.80 37.78 23.46
N ALA B 584 -3.87 38.47 23.06
CA ALA B 584 -4.09 38.84 21.67
C ALA B 584 -2.99 39.78 21.20
N GLN B 585 -2.63 40.75 22.02
CA GLN B 585 -1.56 41.67 21.66
C GLN B 585 -0.22 40.95 21.51
N GLN B 586 0.03 39.95 22.37
CA GLN B 586 1.29 39.18 22.34
C GLN B 586 1.49 38.41 21.04
N LEU B 587 0.44 37.72 20.61
CA LEU B 587 0.46 36.97 19.35
C LEU B 587 0.64 37.86 18.14
N ALA B 588 0.00 39.03 18.14
CA ALA B 588 0.15 40.00 17.04
C ALA B 588 1.58 40.48 16.93
N ASP B 589 2.13 40.92 18.05
CA ASP B 589 3.55 41.28 18.11
C ASP B 589 4.44 40.14 17.55
N TYR B 590 4.13 38.90 17.94
CA TYR B 590 4.88 37.72 17.47
C TYR B 590 4.71 37.54 15.97
N ILE B 591 3.47 37.54 15.51
CA ILE B 591 3.17 37.38 14.09
C ILE B 591 3.92 38.42 13.27
N ASN B 592 3.82 39.69 13.67
CA ASN B 592 4.47 40.77 12.92
C ASN B 592 6.00 40.72 12.97
N THR B 593 6.58 40.34 14.10
CA THR B 593 8.04 40.30 14.25
C THR B 593 8.69 39.07 13.60
N CYS B 594 8.10 37.89 13.85
CA CYS B 594 8.68 36.61 13.44
C CYS B 594 8.24 36.15 12.06
N MET B 595 6.97 36.37 11.75
CA MET B 595 6.35 35.75 10.60
C MET B 595 6.35 36.63 9.35
N PHE B 596 6.46 37.95 9.53
CA PHE B 596 6.58 38.87 8.38
C PHE B 596 8.00 38.90 7.84
N ASP B 597 8.18 38.55 6.57
CA ASP B 597 9.45 38.81 5.85
C ASP B 597 9.38 40.15 5.08
N PRO B 598 10.19 41.14 5.49
CA PRO B 598 10.20 42.42 4.75
C PRO B 598 10.69 42.29 3.31
N THR B 599 11.65 41.39 3.08
CA THR B 599 12.29 41.24 1.77
C THR B 599 11.29 40.86 0.68
N THR B 600 10.48 39.84 0.94
CA THR B 600 9.47 39.35 0.00
C THR B 600 8.09 39.98 0.23
N GLN B 601 7.97 40.76 1.31
CA GLN B 601 6.75 41.50 1.65
C GLN B 601 5.55 40.56 1.85
N PHE B 602 5.70 39.59 2.75
CA PHE B 602 4.64 38.62 3.00
C PHE B 602 4.84 37.90 4.32
N TYR B 603 3.80 37.22 4.78
CA TYR B 603 3.83 36.45 6.03
C TYR B 603 3.97 34.97 5.69
N TYR B 604 4.81 34.26 6.44
CA TYR B 604 4.97 32.81 6.26
C TYR B 604 5.06 32.10 7.59
N ASP B 605 4.91 30.79 7.55
CA ASP B 605 5.17 29.95 8.72
C ASP B 605 6.61 30.13 9.17
N VAL B 606 6.89 29.79 10.43
CA VAL B 606 8.27 29.70 10.93
C VAL B 606 8.56 28.29 11.42
N ARG B 607 9.82 27.89 11.38
CA ARG B 607 10.27 26.62 11.98
C ARG B 607 10.53 26.80 13.48
N ILE B 608 10.46 25.69 14.21
CA ILE B 608 10.98 25.65 15.57
C ILE B 608 12.36 25.05 15.44
N GLU B 609 13.35 25.93 15.41
CA GLU B 609 14.73 25.56 15.12
C GLU B 609 15.40 25.04 16.37
N ASP B 610 16.60 24.46 16.23
CA ASP B 610 17.29 23.83 17.37
C ASP B 610 17.45 24.77 18.56
N LYS B 611 17.87 26.00 18.30
CA LYS B 611 17.77 27.10 19.27
C LYS B 611 16.99 28.28 18.68
N PRO B 612 16.26 29.03 19.55
CA PRO B 612 15.48 30.18 19.07
C PRO B 612 16.38 31.32 18.59
N LEU B 613 15.88 32.10 17.64
CA LEU B 613 16.61 33.26 17.16
C LEU B 613 16.83 34.26 18.29
N ALA B 614 17.74 35.20 18.05
CA ALA B 614 18.15 36.17 19.08
C ALA B 614 16.98 37.06 19.57
N ASN B 615 16.09 37.45 18.65
CA ASN B 615 14.90 38.25 19.01
C ASN B 615 13.74 37.45 19.67
N GLY B 616 13.96 36.18 20.00
CA GLY B 616 12.96 35.34 20.68
C GLY B 616 12.06 34.51 19.77
N CYS B 617 12.02 34.84 18.49
CA CYS B 617 11.19 34.11 17.52
C CYS B 617 11.69 32.68 17.41
N ALA B 618 10.78 31.73 17.27
CA ALA B 618 11.16 30.32 17.30
C ALA B 618 12.07 30.00 16.14
N GLY B 619 11.91 30.71 15.03
CA GLY B 619 12.79 30.56 13.89
C GLY B 619 12.63 31.61 12.80
N LYS B 620 13.36 31.40 11.71
CA LYS B 620 13.28 32.24 10.53
C LYS B 620 11.98 31.91 9.82
N PRO B 621 11.40 32.89 9.09
CA PRO B 621 10.25 32.56 8.23
C PRO B 621 10.66 31.59 7.12
N ILE B 622 9.76 30.66 6.78
CA ILE B 622 10.05 29.63 5.76
C ILE B 622 9.72 30.15 4.37
N VAL B 623 10.48 31.16 3.94
CA VAL B 623 10.24 31.87 2.69
C VAL B 623 10.45 30.97 1.47
N GLU B 624 11.26 29.93 1.65
CA GLU B 624 11.68 29.06 0.56
C GLU B 624 10.54 28.23 0.00
N ARG B 625 9.63 27.79 0.87
CA ARG B 625 8.53 26.92 0.44
C ARG B 625 7.45 27.68 -0.31
N GLY B 626 7.55 29.02 -0.30
CA GLY B 626 6.74 29.87 -1.16
C GLY B 626 5.58 30.53 -0.42
N LYS B 627 4.92 31.46 -1.10
CA LYS B 627 3.79 32.18 -0.53
C LYS B 627 2.50 31.36 -0.61
N GLY B 628 1.66 31.50 0.41
CA GLY B 628 0.29 30.93 0.41
C GLY B 628 -0.77 31.79 1.08
N PRO B 629 -2.03 31.32 1.11
CA PRO B 629 -3.16 32.05 1.71
C PRO B 629 -3.02 32.34 3.20
N GLU B 630 -2.22 31.54 3.89
CA GLU B 630 -1.91 31.80 5.28
C GLU B 630 -1.27 33.19 5.43
N GLY B 631 -0.63 33.65 4.36
CA GLY B 631 0.03 34.94 4.35
C GLY B 631 -0.89 36.14 4.49
N TRP B 632 -2.16 35.99 4.12
CA TRP B 632 -3.14 37.04 4.41
C TRP B 632 -4.01 36.70 5.63
N SER B 633 -3.70 35.63 6.33
CA SER B 633 -4.44 35.30 7.54
C SER B 633 -4.39 36.41 8.57
N PRO B 634 -3.21 37.01 8.81
CA PRO B 634 -3.16 38.06 9.83
C PRO B 634 -4.00 39.29 9.46
N LEU B 635 -4.19 39.54 8.17
CA LEU B 635 -5.05 40.65 7.73
C LEU B 635 -6.51 40.34 8.02
N PHE B 636 -6.94 39.13 7.68
CA PHE B 636 -8.33 38.74 7.93
C PHE B 636 -8.65 38.75 9.44
N ASN B 637 -7.85 38.05 10.23
CA ASN B 637 -8.12 37.96 11.67
C ASN B 637 -7.79 39.23 12.43
N GLY B 638 -7.02 40.11 11.79
CA GLY B 638 -6.78 41.45 12.31
C GLY B 638 -5.60 41.57 13.26
N ALA B 639 -4.53 40.85 12.96
CA ALA B 639 -3.29 40.93 13.73
C ALA B 639 -2.22 41.77 13.01
N ALA B 640 -2.46 42.06 11.73
CA ALA B 640 -1.45 42.70 10.90
C ALA B 640 -1.32 44.18 11.26
N THR B 641 -0.12 44.73 11.11
CA THR B 641 0.05 46.18 11.15
C THR B 641 -0.37 46.77 9.80
N GLN B 642 -0.85 48.00 9.84
CA GLN B 642 -1.27 48.71 8.65
C GLN B 642 -0.22 48.58 7.55
N ALA B 643 1.04 48.91 7.87
CA ALA B 643 2.14 48.76 6.90
C ALA B 643 2.20 47.32 6.37
N ASN B 644 2.18 46.36 7.30
CA ASN B 644 2.26 44.93 6.97
C ASN B 644 1.07 44.36 6.21
N ALA B 645 -0.10 44.99 6.37
CA ALA B 645 -1.22 44.72 5.49
C ALA B 645 -0.98 45.30 4.10
N ASP B 646 -0.46 46.53 4.03
CA ASP B 646 -0.29 47.23 2.75
C ASP B 646 0.55 46.41 1.76
N ALA B 647 1.71 45.97 2.23
CA ALA B 647 2.63 45.12 1.47
C ALA B 647 2.03 43.77 1.02
N VAL B 648 1.26 43.13 1.91
CA VAL B 648 0.57 41.88 1.58
C VAL B 648 -0.45 42.08 0.45
N VAL B 649 -1.21 43.17 0.54
CA VAL B 649 -2.22 43.51 -0.47
C VAL B 649 -1.59 43.79 -1.85
N LYS B 650 -0.38 44.35 -1.89
CA LYS B 650 0.38 44.44 -3.16
C LYS B 650 0.69 43.05 -3.75
N VAL B 651 1.01 42.08 -2.89
CA VAL B 651 1.34 40.72 -3.37
C VAL B 651 0.08 40.03 -3.86
N MET B 652 -1.02 40.28 -3.17
CA MET B 652 -2.30 39.65 -3.53
C MET B 652 -2.77 40.13 -4.91
N LEU B 653 -2.74 41.45 -5.12
CA LEU B 653 -3.10 42.04 -6.42
C LEU B 653 -2.05 41.84 -7.52
N ASP B 654 -0.89 41.26 -7.18
CA ASP B 654 0.19 41.02 -8.15
C ASP B 654 -0.14 39.85 -9.12
N PRO B 655 -0.19 40.12 -10.44
CA PRO B 655 -0.50 39.04 -11.40
C PRO B 655 0.58 37.97 -11.52
N LYS B 656 1.78 38.25 -11.00
CA LYS B 656 2.87 37.29 -10.95
C LYS B 656 2.71 36.31 -9.79
N GLU B 657 1.88 36.70 -8.83
CA GLU B 657 1.77 35.98 -7.57
C GLU B 657 0.37 35.36 -7.44
N PHE B 658 -0.63 36.17 -7.07
CA PHE B 658 -1.98 35.68 -6.71
C PHE B 658 -3.12 36.21 -7.58
N ASN B 659 -2.94 37.34 -8.25
CA ASN B 659 -4.05 37.95 -9.00
C ASN B 659 -4.26 37.26 -10.33
N THR B 660 -4.77 36.04 -10.23
CA THR B 660 -4.95 35.12 -11.32
C THR B 660 -6.39 35.20 -11.84
N PHE B 661 -6.68 34.48 -12.91
CA PHE B 661 -8.01 34.44 -13.55
C PHE B 661 -9.13 34.32 -12.50
N VAL B 662 -9.09 33.25 -11.70
CA VAL B 662 -9.75 33.25 -10.40
C VAL B 662 -8.63 33.54 -9.40
N PRO B 663 -8.71 34.70 -8.71
CA PRO B 663 -7.62 35.13 -7.84
C PRO B 663 -7.60 34.47 -6.45
N LEU B 664 -6.52 34.70 -5.72
CA LEU B 664 -6.39 34.30 -4.31
C LEU B 664 -6.44 32.78 -4.09
N GLY B 665 -5.52 32.09 -4.75
CA GLY B 665 -5.44 30.64 -4.70
C GLY B 665 -4.63 30.10 -3.53
N THR B 666 -4.75 28.80 -3.32
CA THR B 666 -4.04 28.09 -2.26
C THR B 666 -2.49 28.15 -2.36
N ALA B 667 -1.97 28.65 -3.49
CA ALA B 667 -0.54 28.95 -3.60
C ALA B 667 -0.28 29.99 -4.70
N ALA B 668 0.65 30.91 -4.44
CA ALA B 668 1.08 31.88 -5.45
C ALA B 668 1.67 31.16 -6.66
N LEU B 669 1.60 31.79 -7.83
CA LEU B 669 2.23 31.27 -9.05
C LEU B 669 3.76 31.07 -8.88
N THR B 670 4.34 31.78 -7.91
CA THR B 670 5.77 31.71 -7.62
C THR B 670 6.17 30.59 -6.66
N ASN B 671 5.20 29.82 -6.18
CA ASN B 671 5.50 28.75 -5.26
C ASN B 671 6.17 27.60 -6.02
N PRO B 672 7.29 27.08 -5.49
CA PRO B 672 7.91 25.92 -6.12
C PRO B 672 6.95 24.74 -6.28
N ALA B 673 6.17 24.47 -5.25
CA ALA B 673 5.23 23.35 -5.29
C ALA B 673 3.93 23.66 -6.06
N PHE B 674 3.83 24.84 -6.66
CA PHE B 674 2.60 25.28 -7.33
C PHE B 674 2.14 24.30 -8.42
N GLY B 675 0.86 23.96 -8.38
CA GLY B 675 0.21 23.24 -9.47
C GLY B 675 -1.20 23.79 -9.62
N ALA B 676 -1.63 23.97 -10.87
CA ALA B 676 -2.90 24.66 -11.15
C ALA B 676 -4.13 23.81 -10.83
N ASP B 677 -3.95 22.50 -10.78
CA ASP B 677 -5.02 21.55 -10.47
C ASP B 677 -4.78 20.83 -9.17
N ILE B 678 -3.78 21.26 -8.40
CA ILE B 678 -3.48 20.64 -7.10
C ILE B 678 -4.31 21.33 -6.00
N TYR B 679 -5.03 20.52 -5.22
CA TYR B 679 -6.07 21.00 -4.29
C TYR B 679 -5.60 22.12 -3.36
N TRP B 680 -4.50 21.90 -2.65
CA TRP B 680 -4.02 22.85 -1.65
C TRP B 680 -2.71 23.55 -2.05
N ARG B 681 -2.44 23.59 -3.35
CA ARG B 681 -1.23 24.26 -3.85
C ARG B 681 -1.51 24.97 -5.17
N GLY B 682 -2.65 25.65 -5.22
CA GLY B 682 -3.04 26.41 -6.41
C GLY B 682 -4.52 26.66 -6.55
N ARG B 683 -5.36 25.68 -6.20
CA ARG B 683 -6.80 25.84 -6.36
C ARG B 683 -7.29 27.00 -5.54
N VAL B 684 -8.39 27.58 -5.99
CA VAL B 684 -9.05 28.64 -5.26
C VAL B 684 -10.24 28.06 -4.52
N TRP B 685 -10.22 28.16 -3.19
CA TRP B 685 -11.34 27.79 -2.34
C TRP B 685 -12.07 29.07 -1.91
N VAL B 686 -13.38 28.99 -1.69
CA VAL B 686 -14.17 30.20 -1.51
C VAL B 686 -13.92 30.81 -0.12
N ASP B 687 -13.65 29.96 0.87
CA ASP B 687 -13.31 30.46 2.21
C ASP B 687 -12.00 31.26 2.22
N GLN B 688 -10.98 30.72 1.57
CA GLN B 688 -9.67 31.38 1.51
C GLN B 688 -9.69 32.62 0.62
N PHE B 689 -10.58 32.62 -0.38
CA PHE B 689 -10.81 33.79 -1.22
C PHE B 689 -11.44 34.91 -0.37
N TRP B 690 -12.48 34.53 0.36
CA TRP B 690 -13.25 35.44 1.19
C TRP B 690 -12.34 36.01 2.27
N PHE B 691 -11.70 35.14 3.06
CA PHE B 691 -10.81 35.63 4.11
C PHE B 691 -9.95 36.74 3.51
N GLY B 692 -9.32 36.43 2.39
CA GLY B 692 -8.53 37.39 1.62
C GLY B 692 -9.24 38.72 1.43
N LEU B 693 -10.36 38.71 0.71
CA LEU B 693 -11.10 39.94 0.47
C LEU B 693 -11.44 40.70 1.77
N LYS B 694 -11.72 39.97 2.86
CA LYS B 694 -12.06 40.59 4.13
C LYS B 694 -10.86 41.23 4.82
N GLY B 695 -9.72 40.55 4.77
CA GLY B 695 -8.47 41.12 5.26
C GLY B 695 -8.17 42.35 4.46
N MET B 696 -8.35 42.25 3.15
CA MET B 696 -8.20 43.38 2.23
C MET B 696 -9.04 44.57 2.71
N GLU B 697 -10.35 44.35 2.81
CA GLU B 697 -11.29 45.40 3.17
C GLU B 697 -10.98 46.00 4.55
N ARG B 698 -10.49 45.16 5.46
CA ARG B 698 -10.25 45.57 6.84
C ARG B 698 -9.15 46.63 6.98
N TYR B 699 -8.18 46.61 6.06
CA TYR B 699 -7.03 47.52 6.14
C TYR B 699 -7.04 48.58 5.04
N GLY B 700 -8.25 48.99 4.62
CA GLY B 700 -8.43 50.12 3.70
C GLY B 700 -8.67 49.85 2.21
N TYR B 701 -8.65 48.58 1.80
CA TYR B 701 -8.66 48.25 0.36
C TYR B 701 -9.97 47.59 -0.12
N ARG B 702 -11.11 48.16 0.26
CA ARG B 702 -12.40 47.64 -0.20
C ARG B 702 -12.56 47.77 -1.71
N ASP B 703 -12.23 48.93 -2.26
CA ASP B 703 -12.34 49.16 -3.72
C ASP B 703 -11.62 48.10 -4.55
N ASP B 704 -10.44 47.67 -4.11
CA ASP B 704 -9.71 46.56 -4.75
C ASP B 704 -10.37 45.21 -4.49
N ALA B 705 -10.89 45.02 -3.26
CA ALA B 705 -11.61 43.79 -2.86
C ALA B 705 -12.85 43.56 -3.70
N LEU B 706 -13.67 44.60 -3.81
CA LEU B 706 -14.86 44.62 -4.66
C LEU B 706 -14.52 44.28 -6.11
N LYS B 707 -13.40 44.79 -6.59
CA LYS B 707 -12.98 44.53 -7.97
C LYS B 707 -12.62 43.05 -8.14
N LEU B 708 -12.08 42.43 -7.09
CA LEU B 708 -11.71 40.99 -7.14
C LEU B 708 -12.93 40.10 -7.06
N ALA B 709 -13.96 40.57 -6.36
CA ALA B 709 -15.22 39.84 -6.28
C ALA B 709 -15.94 39.84 -7.64
N ASP B 710 -15.89 40.96 -8.36
CA ASP B 710 -16.44 41.02 -9.71
C ASP B 710 -15.71 40.03 -10.61
N THR B 711 -14.39 40.01 -10.52
CA THR B 711 -13.55 39.12 -11.33
C THR B 711 -13.90 37.67 -11.02
N PHE B 712 -14.01 37.33 -9.74
CA PHE B 712 -14.41 35.98 -9.36
C PHE B 712 -15.75 35.62 -9.98
N PHE B 713 -16.69 36.56 -9.93
CA PHE B 713 -18.04 36.33 -10.48
C PHE B 713 -18.01 36.05 -11.97
N ARG B 714 -17.24 36.83 -12.69
CA ARG B 714 -17.11 36.70 -14.14
C ARG B 714 -16.42 35.39 -14.55
N HIS B 715 -15.51 34.89 -13.72
CA HIS B 715 -14.57 33.84 -14.11
C HIS B 715 -14.72 32.47 -13.42
N ALA B 716 -15.50 32.36 -12.35
CA ALA B 716 -15.65 31.08 -11.63
C ALA B 716 -16.67 30.17 -12.32
N LYS B 717 -16.20 29.12 -12.97
CA LYS B 717 -17.07 28.31 -13.85
C LYS B 717 -18.30 27.77 -13.14
N GLY B 718 -19.44 27.86 -13.83
CA GLY B 718 -20.70 27.33 -13.32
C GLY B 718 -21.48 28.25 -12.40
N LEU B 719 -20.96 29.44 -12.10
CA LEU B 719 -21.55 30.27 -11.04
C LEU B 719 -22.99 30.74 -11.30
N THR B 720 -23.33 31.05 -12.55
CA THR B 720 -24.66 31.54 -12.91
C THR B 720 -25.56 30.47 -13.56
N ALA B 721 -25.17 29.21 -13.43
CA ALA B 721 -25.93 28.08 -14.00
C ALA B 721 -26.38 27.08 -12.93
N ASP B 722 -27.15 26.10 -13.36
CA ASP B 722 -27.90 25.21 -12.47
C ASP B 722 -27.11 24.04 -11.85
N GLY B 723 -25.81 23.95 -12.11
CA GLY B 723 -25.01 22.85 -11.58
C GLY B 723 -24.78 23.05 -10.10
N PRO B 724 -24.55 21.95 -9.37
CA PRO B 724 -24.40 22.05 -7.91
C PRO B 724 -23.09 22.73 -7.49
N ILE B 725 -23.07 23.31 -6.31
CA ILE B 725 -21.90 24.03 -5.80
C ILE B 725 -20.82 23.04 -5.41
N GLN B 726 -19.60 23.33 -5.84
CA GLN B 726 -18.44 22.46 -5.60
C GLN B 726 -17.38 23.08 -4.66
N GLU B 727 -16.19 22.49 -4.61
CA GLU B 727 -15.19 22.82 -3.56
C GLU B 727 -14.16 23.88 -3.96
N ASN B 728 -13.69 23.83 -5.20
CA ASN B 728 -12.57 24.67 -5.61
C ASN B 728 -12.49 24.96 -7.12
N TYR B 729 -11.58 25.89 -7.46
CA TYR B 729 -11.43 26.37 -8.82
C TYR B 729 -9.97 26.37 -9.27
N ASN B 730 -9.78 26.02 -10.54
CA ASN B 730 -8.49 26.18 -11.19
C ASN B 730 -8.28 27.69 -11.37
N PRO B 731 -7.17 28.22 -10.86
CA PRO B 731 -6.97 29.66 -10.82
C PRO B 731 -6.61 30.28 -12.17
N LEU B 732 -6.13 29.45 -13.10
CA LEU B 732 -5.84 29.89 -14.46
C LEU B 732 -7.07 29.77 -15.35
N THR B 733 -7.95 28.80 -15.09
CA THR B 733 -9.08 28.48 -15.98
C THR B 733 -10.48 28.57 -15.36
N GLY B 734 -10.58 28.31 -14.05
CA GLY B 734 -11.84 28.45 -13.33
C GLY B 734 -12.67 27.18 -13.26
N ALA B 735 -12.16 26.09 -13.84
CA ALA B 735 -12.85 24.81 -13.84
C ALA B 735 -13.08 24.34 -12.41
N GLN B 736 -14.28 23.84 -12.14
CA GLN B 736 -14.60 23.30 -10.81
C GLN B 736 -14.04 21.90 -10.56
N GLN B 737 -13.81 21.59 -9.28
CA GLN B 737 -13.52 20.23 -8.82
C GLN B 737 -14.12 20.06 -7.42
N GLY B 738 -14.47 18.83 -7.09
CA GLY B 738 -14.84 18.49 -5.73
C GLY B 738 -16.26 17.99 -5.58
N ALA B 739 -16.65 17.84 -4.31
CA ALA B 739 -17.95 17.32 -3.93
C ALA B 739 -19.03 18.35 -4.26
N PRO B 740 -20.09 17.91 -4.94
CA PRO B 740 -21.22 18.78 -5.23
C PRO B 740 -22.02 19.02 -3.96
N ASN B 741 -22.79 20.10 -3.93
CA ASN B 741 -23.51 20.50 -2.71
C ASN B 741 -22.55 20.64 -1.53
N PHE B 742 -21.36 21.21 -1.79
CA PHE B 742 -20.34 21.39 -0.76
C PHE B 742 -20.74 22.59 0.07
N SER B 743 -20.69 22.42 1.39
CA SER B 743 -21.31 23.37 2.31
C SER B 743 -20.58 24.69 2.46
N TRP B 744 -19.26 24.64 2.70
CA TRP B 744 -18.53 25.88 3.03
C TRP B 744 -18.35 26.80 1.84
N SER B 745 -18.40 26.25 0.63
CA SER B 745 -18.41 27.07 -0.57
C SER B 745 -19.73 27.80 -0.66
N ALA B 746 -20.84 27.08 -0.47
CA ALA B 746 -22.15 27.70 -0.38
C ALA B 746 -22.15 28.82 0.67
N ALA B 747 -21.66 28.48 1.88
CA ALA B 747 -21.59 29.44 2.98
C ALA B 747 -20.89 30.71 2.52
N HIS B 748 -19.69 30.56 2.02
CA HIS B 748 -18.90 31.74 1.70
C HIS B 748 -19.33 32.42 0.42
N LEU B 749 -20.07 31.71 -0.43
CA LEU B 749 -20.70 32.30 -1.59
C LEU B 749 -21.84 33.21 -1.11
N TYR B 750 -22.53 32.79 -0.05
CA TYR B 750 -23.54 33.63 0.60
C TYR B 750 -22.90 34.87 1.20
N MET B 751 -21.82 34.66 1.95
N MET B 751 -21.82 34.69 1.95
CA MET B 751 -21.11 35.77 2.58
CA MET B 751 -21.15 35.81 2.57
C MET B 751 -20.63 36.76 1.51
C MET B 751 -20.61 36.77 1.52
N LEU B 752 -20.19 36.23 0.39
CA LEU B 752 -19.78 37.06 -0.75
C LEU B 752 -20.97 37.86 -1.30
N TYR B 753 -22.12 37.21 -1.40
CA TYR B 753 -23.35 37.90 -1.81
C TYR B 753 -23.69 38.99 -0.81
N ASN B 754 -23.51 38.67 0.47
CA ASN B 754 -23.81 39.57 1.56
C ASN B 754 -22.81 40.73 1.68
N ASP B 755 -21.53 40.47 1.39
CA ASP B 755 -20.43 41.44 1.62
C ASP B 755 -19.86 42.13 0.38
N PHE B 756 -19.71 41.43 -0.74
CA PHE B 756 -18.93 41.98 -1.86
C PHE B 756 -19.60 41.98 -3.24
N PHE B 757 -20.54 41.08 -3.53
CA PHE B 757 -21.18 41.06 -4.86
C PHE B 757 -22.08 42.28 -5.04
N ARG B 758 -21.90 42.99 -6.17
CA ARG B 758 -22.72 44.17 -6.47
C ARG B 758 -22.87 44.39 -7.98
N LYS B 759 -23.77 45.32 -8.33
CA LYS B 759 -24.04 45.64 -9.73
C LYS B 759 -22.81 46.20 -10.45
N GLN B 760 -22.49 45.59 -11.58
CA GLN B 760 -21.11 45.50 -12.18
C GLN B 760 -19.91 45.47 -11.20
#